data_1ZCC
#
_entry.id   1ZCC
#
_cell.length_a   78.560
_cell.length_b   140.220
_cell.length_c   88.600
_cell.angle_alpha   90.00
_cell.angle_beta   90.53
_cell.angle_gamma   90.00
#
_symmetry.space_group_name_H-M   'P 1 21 1'
#
loop_
_entity.id
_entity.type
_entity.pdbx_description
1 polymer 'glycerophosphodiester phosphodiesterase'
2 non-polymer 'ACETATE ION'
3 non-polymer 'SULFATE ION'
4 water water
#
_entity_poly.entity_id   1
_entity_poly.type   'polypeptide(L)'
_entity_poly.pdbx_seq_one_letter_code
;MTKIVSHRGANRFAPENTFAAADLALQQGADYIELDVRESADGVLYVIHDETLDRTTNGTGPVGHMLSSEIDTLDAGGWF
DDRFKGAIVPRLDAYLEHLRGRAGVYIELKYCDPAKVAALVRHLGMVRDTFYFSFSEEMRQGLQSIAPEFRRMMTLDIAK
SPSLVGAVHHASIIEITPAQMRRPGIIEASRKAGLEIMVYYGGDDMAVHREIATSDVDYINLDRPDLFAAVRSGMAELLL
ASNSSSTC
;
_entity_poly.pdbx_strand_id   A,B,C,D,E,F
#
loop_
_chem_comp.id
_chem_comp.type
_chem_comp.name
_chem_comp.formula
ACT non-polymer 'ACETATE ION' 'C2 H3 O2 -1'
SO4 non-polymer 'SULFATE ION' 'O4 S -2'
#
# COMPACT_ATOMS: atom_id res chain seq x y z
N MET A 1 15.79 7.96 -35.34
CA MET A 1 15.34 9.38 -35.54
C MET A 1 14.32 9.76 -34.48
N THR A 2 14.30 11.03 -34.08
CA THR A 2 13.38 11.50 -33.05
C THR A 2 11.90 11.36 -33.34
N LYS A 3 11.13 10.85 -32.37
CA LYS A 3 9.69 10.70 -32.53
C LYS A 3 8.97 11.98 -32.12
N ILE A 4 7.86 12.27 -32.79
CA ILE A 4 7.11 13.48 -32.51
C ILE A 4 5.86 13.25 -31.68
N VAL A 5 5.74 14.02 -30.61
CA VAL A 5 4.59 13.94 -29.70
C VAL A 5 3.79 15.23 -29.87
N SER A 6 2.62 15.15 -30.49
CA SER A 6 1.81 16.34 -30.72
C SER A 6 1.00 16.82 -29.53
N HIS A 7 1.45 17.91 -28.93
CA HIS A 7 0.82 18.50 -27.76
C HIS A 7 -0.63 18.87 -28.06
N ARG A 8 -1.56 18.07 -27.56
CA ARG A 8 -3.01 18.28 -27.80
C ARG A 8 -3.30 18.57 -29.27
N GLY A 9 -2.69 17.78 -30.16
CA GLY A 9 -2.89 17.95 -31.59
C GLY A 9 -2.22 19.18 -32.15
N ALA A 10 -2.33 19.34 -33.47
CA ALA A 10 -1.75 20.49 -34.17
C ALA A 10 -2.56 21.73 -33.79
N ASN A 11 -2.49 22.10 -32.53
CA ASN A 11 -3.26 23.23 -32.01
C ASN A 11 -3.06 24.61 -32.63
N ARG A 12 -1.98 24.82 -33.37
CA ARG A 12 -1.75 26.14 -33.97
C ARG A 12 -2.60 26.35 -35.22
N PHE A 13 -3.13 25.26 -35.78
CA PHE A 13 -3.96 25.36 -36.97
C PHE A 13 -5.27 24.61 -36.84
N ALA A 14 -5.60 24.17 -35.63
CA ALA A 14 -6.83 23.45 -35.42
C ALA A 14 -7.17 23.46 -33.95
N PRO A 15 -8.47 23.40 -33.62
CA PRO A 15 -8.88 23.42 -32.21
C PRO A 15 -8.20 22.28 -31.46
N GLU A 16 -7.43 22.63 -30.44
CA GLU A 16 -6.71 21.67 -29.61
C GLU A 16 -7.65 20.57 -29.12
N ASN A 17 -7.11 19.37 -28.94
CA ASN A 17 -7.88 18.23 -28.45
C ASN A 17 -9.20 18.13 -29.21
N THR A 18 -9.06 17.80 -30.47
CA THR A 18 -10.19 17.68 -31.36
C THR A 18 -9.79 16.69 -32.43
N PHE A 19 -10.74 15.94 -32.99
CA PHE A 19 -10.39 15.00 -34.04
C PHE A 19 -9.65 15.74 -35.17
N ALA A 20 -9.96 17.02 -35.36
CA ALA A 20 -9.33 17.84 -36.40
C ALA A 20 -7.86 18.16 -36.11
N ALA A 21 -7.59 18.60 -34.89
CA ALA A 21 -6.23 18.93 -34.52
C ALA A 21 -5.36 17.68 -34.58
N ALA A 22 -5.97 16.53 -34.34
CA ALA A 22 -5.26 15.27 -34.35
C ALA A 22 -4.97 14.77 -35.76
N ASP A 23 -6.01 14.68 -36.60
CA ASP A 23 -5.80 14.19 -37.96
C ASP A 23 -4.75 15.04 -38.66
N LEU A 24 -4.79 16.35 -38.41
CA LEU A 24 -3.83 17.29 -38.98
C LEU A 24 -2.46 16.84 -38.50
N ALA A 25 -2.33 16.68 -37.18
CA ALA A 25 -1.07 16.26 -36.57
C ALA A 25 -0.55 14.97 -37.20
N LEU A 26 -1.44 14.02 -37.51
CA LEU A 26 -1.01 12.78 -38.13
C LEU A 26 -0.49 13.10 -39.52
N GLN A 27 -1.34 13.69 -40.35
CA GLN A 27 -0.97 14.05 -41.71
C GLN A 27 0.36 14.78 -41.76
N GLN A 28 0.69 15.51 -40.68
CA GLN A 28 1.95 16.25 -40.61
C GLN A 28 3.13 15.44 -40.07
N GLY A 29 2.98 14.13 -39.95
CA GLY A 29 4.07 13.30 -39.50
C GLY A 29 4.33 13.04 -38.02
N ALA A 30 3.32 13.24 -37.16
CA ALA A 30 3.48 13.01 -35.73
C ALA A 30 3.38 11.50 -35.40
N ASP A 31 4.23 11.03 -34.49
CA ASP A 31 4.23 9.62 -34.11
C ASP A 31 3.38 9.36 -32.87
N TYR A 32 3.10 10.43 -32.14
CA TYR A 32 2.31 10.36 -30.92
C TYR A 32 1.40 11.57 -30.82
N ILE A 33 0.21 11.35 -30.29
CA ILE A 33 -0.74 12.42 -30.08
C ILE A 33 -0.89 12.53 -28.57
N GLU A 34 -0.61 13.70 -28.02
CA GLU A 34 -0.78 13.87 -26.59
C GLU A 34 -2.21 14.36 -26.36
N LEU A 35 -2.86 13.84 -25.33
CA LEU A 35 -4.22 14.26 -25.05
C LEU A 35 -4.46 14.36 -23.56
N ASP A 36 -5.40 15.22 -23.18
CA ASP A 36 -5.75 15.46 -21.79
C ASP A 36 -7.09 14.80 -21.44
N VAL A 37 -7.18 14.16 -20.29
CA VAL A 37 -8.44 13.49 -19.92
C VAL A 37 -9.09 13.99 -18.62
N ARG A 38 -10.41 14.18 -18.69
CA ARG A 38 -11.23 14.58 -17.55
C ARG A 38 -12.50 13.76 -17.60
N GLU A 39 -13.25 13.74 -16.50
CA GLU A 39 -14.45 12.93 -16.44
C GLU A 39 -15.72 13.74 -16.18
N SER A 40 -16.74 13.45 -16.99
CA SER A 40 -18.04 14.11 -16.88
C SER A 40 -18.71 13.76 -15.55
N ALA A 41 -19.77 14.48 -15.24
CA ALA A 41 -20.51 14.26 -14.01
C ALA A 41 -20.93 12.81 -13.89
N ASP A 42 -21.23 12.17 -15.01
CA ASP A 42 -21.67 10.78 -15.03
C ASP A 42 -20.63 9.75 -15.37
N GLY A 43 -19.36 10.09 -15.21
CA GLY A 43 -18.29 9.14 -15.46
C GLY A 43 -17.84 8.78 -16.86
N VAL A 44 -18.06 9.65 -17.84
CA VAL A 44 -17.59 9.35 -19.19
C VAL A 44 -16.26 10.09 -19.42
N LEU A 45 -15.26 9.33 -19.83
CA LEU A 45 -13.91 9.86 -20.09
C LEU A 45 -13.89 10.79 -21.29
N TYR A 46 -13.52 12.05 -21.07
CA TYR A 46 -13.47 13.01 -22.17
C TYR A 46 -12.08 13.59 -22.43
N VAL A 47 -11.82 13.99 -23.67
CA VAL A 47 -10.53 14.57 -24.06
C VAL A 47 -10.66 16.09 -24.06
N ILE A 48 -10.14 16.73 -23.01
CA ILE A 48 -10.22 18.17 -22.87
C ILE A 48 -9.24 18.61 -21.78
N HIS A 49 -8.58 19.74 -21.98
CA HIS A 49 -7.59 20.22 -21.03
C HIS A 49 -8.05 20.93 -19.76
N ASP A 50 -8.70 22.07 -19.90
CA ASP A 50 -9.18 22.87 -18.78
C ASP A 50 -10.17 22.17 -17.84
N GLU A 51 -10.27 22.67 -16.61
CA GLU A 51 -11.21 22.10 -15.65
C GLU A 51 -12.62 22.56 -16.06
N THR A 52 -12.70 23.70 -16.75
CA THR A 52 -13.98 24.24 -17.19
C THR A 52 -14.10 24.33 -18.70
N LEU A 53 -15.32 24.13 -19.19
CA LEU A 53 -15.64 24.14 -20.61
C LEU A 53 -15.52 25.50 -21.29
N ASP A 54 -15.56 26.57 -20.50
CA ASP A 54 -15.54 27.92 -21.04
C ASP A 54 -14.60 28.26 -22.19
N ARG A 55 -13.32 27.94 -22.03
CA ARG A 55 -12.33 28.27 -23.04
C ARG A 55 -12.42 27.60 -24.41
N THR A 56 -12.48 26.27 -24.45
CA THR A 56 -12.51 25.58 -25.74
C THR A 56 -13.86 25.07 -26.23
N THR A 57 -14.94 25.57 -25.67
CA THR A 57 -16.26 25.14 -26.09
C THR A 57 -17.24 26.28 -25.94
N ASN A 58 -18.49 26.03 -26.29
CA ASN A 58 -19.53 27.02 -26.17
C ASN A 58 -20.33 26.73 -24.91
N GLY A 59 -19.80 25.82 -24.11
CA GLY A 59 -20.44 25.45 -22.86
C GLY A 59 -19.72 26.20 -21.76
N THR A 60 -20.14 26.02 -20.52
CA THR A 60 -19.50 26.72 -19.40
C THR A 60 -19.42 25.88 -18.13
N GLY A 61 -18.53 26.28 -17.22
CA GLY A 61 -18.37 25.60 -15.96
C GLY A 61 -17.54 24.33 -15.96
N PRO A 62 -17.53 23.64 -14.82
CA PRO A 62 -16.76 22.40 -14.68
C PRO A 62 -17.33 21.28 -15.53
N VAL A 63 -16.45 20.44 -16.07
CA VAL A 63 -16.87 19.33 -16.89
C VAL A 63 -17.34 18.24 -15.93
N GLY A 64 -16.73 18.25 -14.74
CA GLY A 64 -17.09 17.29 -13.73
C GLY A 64 -18.54 17.42 -13.27
N HIS A 65 -19.14 18.59 -13.51
CA HIS A 65 -20.52 18.83 -13.11
C HIS A 65 -21.54 18.68 -14.25
N MET A 66 -21.08 18.43 -15.48
CA MET A 66 -22.00 18.31 -16.60
C MET A 66 -22.12 16.89 -17.13
N LEU A 67 -23.36 16.47 -17.40
CA LEU A 67 -23.62 15.13 -17.91
C LEU A 67 -23.09 14.94 -19.34
N SER A 68 -22.55 13.76 -19.62
CA SER A 68 -22.01 13.48 -20.94
C SER A 68 -23.00 13.77 -22.06
N SER A 69 -24.29 13.59 -21.78
CA SER A 69 -25.30 13.83 -22.80
C SER A 69 -25.30 15.26 -23.29
N GLU A 70 -25.06 16.20 -22.39
CA GLU A 70 -25.03 17.59 -22.78
C GLU A 70 -23.63 17.88 -23.34
N ILE A 71 -22.63 17.24 -22.77
CA ILE A 71 -21.27 17.45 -23.24
C ILE A 71 -21.15 17.14 -24.73
N ASP A 72 -21.72 15.99 -25.14
CA ASP A 72 -21.70 15.55 -26.53
C ASP A 72 -22.39 16.54 -27.45
N THR A 73 -23.10 17.47 -26.83
CA THR A 73 -23.84 18.53 -27.49
C THR A 73 -22.94 19.69 -27.89
N LEU A 74 -22.12 20.12 -26.95
CA LEU A 74 -21.21 21.24 -27.13
C LEU A 74 -20.46 21.28 -28.45
N ASP A 75 -19.92 22.45 -28.76
CA ASP A 75 -19.14 22.67 -29.96
C ASP A 75 -17.75 23.09 -29.50
N ALA A 76 -16.76 22.25 -29.77
CA ALA A 76 -15.37 22.50 -29.36
C ALA A 76 -14.45 23.12 -30.41
N GLY A 77 -15.02 23.54 -31.54
CA GLY A 77 -14.21 24.15 -32.59
C GLY A 77 -14.55 25.60 -32.87
N GLY A 78 -15.84 25.90 -32.94
CA GLY A 78 -16.30 27.25 -33.21
C GLY A 78 -15.45 28.40 -32.69
N TRP A 79 -14.92 28.25 -31.49
CA TRP A 79 -14.11 29.31 -30.91
C TRP A 79 -12.81 29.54 -31.69
N PHE A 80 -12.21 28.46 -32.20
CA PHE A 80 -10.97 28.54 -32.95
C PHE A 80 -11.21 29.17 -34.31
N ASP A 81 -12.23 28.68 -35.02
CA ASP A 81 -12.56 29.22 -36.33
C ASP A 81 -13.87 28.68 -36.91
N ASP A 82 -14.56 29.51 -37.69
CA ASP A 82 -15.82 29.12 -38.30
C ASP A 82 -15.73 27.79 -39.05
N ARG A 83 -14.54 27.47 -39.55
CA ARG A 83 -14.33 26.23 -40.26
C ARG A 83 -14.63 25.02 -39.37
N PHE A 84 -14.44 25.19 -38.07
CA PHE A 84 -14.65 24.09 -37.13
C PHE A 84 -15.94 24.12 -36.31
N LYS A 85 -16.93 24.84 -36.82
CA LYS A 85 -18.23 25.00 -36.16
C LYS A 85 -18.78 23.82 -35.35
N GLY A 86 -18.72 22.60 -35.89
CA GLY A 86 -19.27 21.48 -35.14
C GLY A 86 -18.32 20.48 -34.48
N ALA A 87 -17.07 20.88 -34.23
CA ALA A 87 -16.14 19.95 -33.60
C ALA A 87 -16.69 19.54 -32.25
N ILE A 88 -16.68 18.25 -31.96
CA ILE A 88 -17.18 17.77 -30.69
C ILE A 88 -16.05 17.60 -29.68
N VAL A 89 -16.42 17.44 -28.41
CA VAL A 89 -15.44 17.20 -27.37
C VAL A 89 -15.28 15.69 -27.43
N PRO A 90 -14.12 15.23 -27.88
CA PRO A 90 -13.86 13.79 -28.00
C PRO A 90 -14.02 12.96 -26.74
N ARG A 91 -14.65 11.80 -26.89
CA ARG A 91 -14.80 10.87 -25.79
C ARG A 91 -13.51 10.06 -25.90
N LEU A 92 -12.76 9.93 -24.82
CA LEU A 92 -11.53 9.17 -24.86
C LEU A 92 -11.85 7.88 -25.61
N ASP A 93 -13.09 7.44 -25.46
CA ASP A 93 -13.63 6.26 -26.12
C ASP A 93 -13.21 6.20 -27.59
N ALA A 94 -13.95 6.97 -28.37
CA ALA A 94 -13.79 7.10 -29.80
C ALA A 94 -12.39 7.50 -30.20
N TYR A 95 -11.88 8.55 -29.54
CA TYR A 95 -10.55 9.10 -29.83
C TYR A 95 -9.46 8.04 -29.88
N LEU A 96 -9.40 7.22 -28.84
CA LEU A 96 -8.40 6.18 -28.76
C LEU A 96 -8.59 5.13 -29.84
N GLU A 97 -9.84 4.84 -30.18
CA GLU A 97 -10.11 3.85 -31.23
C GLU A 97 -9.67 4.39 -32.59
N HIS A 98 -9.89 5.68 -32.78
CA HIS A 98 -9.52 6.34 -34.03
C HIS A 98 -8.01 6.42 -34.14
N LEU A 99 -7.35 6.57 -32.99
CA LEU A 99 -5.88 6.66 -32.99
C LEU A 99 -5.20 5.29 -33.02
N ARG A 100 -5.86 4.26 -32.51
CA ARG A 100 -5.24 2.94 -32.50
C ARG A 100 -4.85 2.51 -33.93
N GLY A 101 -3.65 2.01 -34.10
CA GLY A 101 -3.24 1.59 -35.43
C GLY A 101 -2.76 2.75 -36.27
N ARG A 102 -2.92 3.97 -35.77
CA ARG A 102 -2.51 5.14 -36.51
C ARG A 102 -1.41 5.92 -35.78
N ALA A 103 -1.35 5.80 -34.47
CA ALA A 103 -0.33 6.52 -33.73
C ALA A 103 -0.22 6.05 -32.29
N GLY A 104 0.79 6.57 -31.61
CA GLY A 104 0.99 6.27 -30.21
C GLY A 104 0.24 7.36 -29.48
N VAL A 105 -0.07 7.16 -28.20
CA VAL A 105 -0.79 8.19 -27.48
C VAL A 105 -0.12 8.45 -26.15
N TYR A 106 0.02 9.73 -25.83
CA TYR A 106 0.59 10.15 -24.56
C TYR A 106 -0.62 10.72 -23.83
N ILE A 107 -1.10 9.95 -22.87
CA ILE A 107 -2.28 10.27 -22.08
C ILE A 107 -2.00 11.01 -20.78
N GLU A 108 -2.40 12.26 -20.68
CA GLU A 108 -2.18 12.97 -19.44
C GLU A 108 -3.49 13.02 -18.70
N LEU A 109 -3.51 12.48 -17.49
CA LEU A 109 -4.73 12.50 -16.70
C LEU A 109 -4.86 13.85 -15.99
N LYS A 110 -5.95 14.56 -16.22
CA LYS A 110 -6.16 15.80 -15.48
C LYS A 110 -6.85 15.35 -14.19
N TYR A 111 -8.12 14.93 -14.31
CA TYR A 111 -8.83 14.44 -13.13
C TYR A 111 -9.91 13.49 -13.59
N CYS A 112 -9.72 12.22 -13.26
CA CYS A 112 -10.67 11.22 -13.70
C CYS A 112 -10.41 9.94 -12.95
N ASP A 113 -11.22 8.92 -13.24
CA ASP A 113 -11.07 7.64 -12.60
C ASP A 113 -10.01 6.82 -13.32
N PRO A 114 -8.87 6.60 -12.66
CA PRO A 114 -7.76 5.83 -13.20
C PRO A 114 -8.19 4.44 -13.66
N ALA A 115 -9.07 3.83 -12.90
CA ALA A 115 -9.56 2.49 -13.24
C ALA A 115 -10.17 2.44 -14.63
N LYS A 116 -10.96 3.46 -14.97
CA LYS A 116 -11.60 3.52 -16.26
C LYS A 116 -10.56 3.66 -17.38
N VAL A 117 -9.55 4.49 -17.16
CA VAL A 117 -8.49 4.70 -18.15
C VAL A 117 -7.76 3.39 -18.40
N ALA A 118 -7.25 2.79 -17.34
CA ALA A 118 -6.53 1.54 -17.49
C ALA A 118 -7.38 0.46 -18.14
N ALA A 119 -8.65 0.38 -17.74
CA ALA A 119 -9.53 -0.62 -18.29
C ALA A 119 -9.70 -0.42 -19.79
N LEU A 120 -9.97 0.82 -20.18
CA LEU A 120 -10.14 1.16 -21.58
C LEU A 120 -8.91 0.82 -22.43
N VAL A 121 -7.72 1.14 -21.93
CA VAL A 121 -6.51 0.87 -22.68
C VAL A 121 -6.20 -0.61 -22.77
N ARG A 122 -6.43 -1.33 -21.67
CA ARG A 122 -6.17 -2.76 -21.67
C ARG A 122 -7.09 -3.42 -22.71
N HIS A 123 -8.30 -2.91 -22.85
CA HIS A 123 -9.29 -3.43 -23.79
C HIS A 123 -8.96 -3.17 -25.26
N LEU A 124 -8.37 -2.00 -25.54
CA LEU A 124 -8.01 -1.66 -26.91
C LEU A 124 -6.68 -2.31 -27.27
N GLY A 125 -6.00 -2.86 -26.26
CA GLY A 125 -4.72 -3.51 -26.47
C GLY A 125 -3.63 -2.49 -26.77
N MET A 126 -3.77 -1.30 -26.19
CA MET A 126 -2.83 -0.22 -26.45
C MET A 126 -1.79 0.06 -25.35
N VAL A 127 -1.36 -0.95 -24.62
CA VAL A 127 -0.39 -0.72 -23.55
C VAL A 127 1.04 -0.45 -23.98
N ARG A 128 1.47 -0.96 -25.14
CA ARG A 128 2.83 -0.73 -25.59
C ARG A 128 2.99 0.68 -26.14
N ASP A 129 2.00 1.15 -26.86
CA ASP A 129 2.09 2.45 -27.48
C ASP A 129 1.48 3.64 -26.76
N THR A 130 1.42 3.57 -25.44
CA THR A 130 0.89 4.70 -24.69
C THR A 130 1.76 4.90 -23.47
N PHE A 131 1.91 6.16 -23.04
CA PHE A 131 2.65 6.42 -21.83
C PHE A 131 1.86 7.49 -21.05
N TYR A 132 2.02 7.50 -19.74
CA TYR A 132 1.26 8.42 -18.91
C TYR A 132 2.02 9.42 -18.06
N PHE A 133 1.27 10.44 -17.65
CA PHE A 133 1.76 11.50 -16.78
C PHE A 133 0.56 12.23 -16.24
N SER A 134 0.77 12.96 -15.15
CA SER A 134 -0.28 13.74 -14.53
C SER A 134 0.34 14.70 -13.51
N PHE A 135 -0.19 15.91 -13.41
CA PHE A 135 0.32 16.85 -12.44
C PHE A 135 -0.31 16.60 -11.07
N SER A 136 -1.41 15.85 -11.08
CA SER A 136 -2.13 15.53 -9.85
C SER A 136 -1.53 14.34 -9.14
N GLU A 137 -0.96 14.57 -7.96
CA GLU A 137 -0.37 13.51 -7.20
C GLU A 137 -1.41 12.43 -6.97
N GLU A 138 -2.65 12.84 -6.77
CA GLU A 138 -3.74 11.89 -6.55
C GLU A 138 -3.94 10.95 -7.75
N MET A 139 -3.88 11.50 -8.97
CA MET A 139 -4.02 10.72 -10.19
C MET A 139 -2.84 9.76 -10.38
N ARG A 140 -1.64 10.26 -10.10
CA ARG A 140 -0.42 9.47 -10.23
C ARG A 140 -0.40 8.24 -9.34
N GLN A 141 -0.73 8.43 -8.06
CA GLN A 141 -0.75 7.33 -7.09
C GLN A 141 -1.85 6.36 -7.45
N GLY A 142 -2.97 6.91 -7.91
CA GLY A 142 -4.07 6.05 -8.29
C GLY A 142 -3.66 5.16 -9.44
N LEU A 143 -3.03 5.74 -10.44
CA LEU A 143 -2.60 4.97 -11.59
C LEU A 143 -1.39 4.12 -11.27
N GLN A 144 -0.64 4.52 -10.25
CA GLN A 144 0.54 3.76 -9.91
C GLN A 144 0.17 2.46 -9.23
N SER A 145 -0.92 2.43 -8.48
CA SER A 145 -1.28 1.16 -7.85
C SER A 145 -2.22 0.37 -8.77
N ILE A 146 -2.90 1.06 -9.67
CA ILE A 146 -3.79 0.37 -10.59
C ILE A 146 -3.05 -0.14 -11.83
N ALA A 147 -2.12 0.66 -12.35
CA ALA A 147 -1.35 0.27 -13.55
C ALA A 147 0.15 0.47 -13.38
N PRO A 148 0.78 -0.28 -12.45
CA PRO A 148 2.22 -0.16 -12.21
C PRO A 148 3.06 -0.38 -13.48
N GLU A 149 2.55 -1.24 -14.36
CA GLU A 149 3.25 -1.61 -15.59
C GLU A 149 3.11 -0.64 -16.75
N PHE A 150 2.10 0.21 -16.75
CA PHE A 150 1.99 1.16 -17.86
C PHE A 150 3.28 1.96 -17.97
N ARG A 151 3.51 2.55 -19.15
CA ARG A 151 4.69 3.38 -19.37
C ARG A 151 4.35 4.77 -18.89
N ARG A 152 5.19 5.33 -18.03
CA ARG A 152 4.94 6.68 -17.53
C ARG A 152 6.18 7.57 -17.57
N MET A 153 5.96 8.87 -17.41
CA MET A 153 7.07 9.80 -17.45
C MET A 153 7.03 10.82 -16.33
N MET A 154 8.20 11.38 -16.03
CA MET A 154 8.30 12.41 -14.99
C MET A 154 9.16 13.55 -15.53
N THR A 155 8.89 14.76 -15.08
CA THR A 155 9.66 15.91 -15.51
C THR A 155 10.88 16.03 -14.60
N LEU A 156 11.99 16.51 -15.14
CA LEU A 156 13.18 16.70 -14.31
C LEU A 156 12.85 17.77 -13.27
N ASP A 157 12.06 18.76 -13.66
CA ASP A 157 11.66 19.82 -12.74
C ASP A 157 11.11 19.26 -11.44
N ILE A 158 10.37 18.16 -11.55
CA ILE A 158 9.78 17.53 -10.37
C ILE A 158 10.68 16.44 -9.77
N ALA A 159 11.23 15.58 -10.62
CA ALA A 159 12.08 14.50 -10.10
C ALA A 159 13.36 15.00 -9.43
N LYS A 160 13.77 16.22 -9.77
CA LYS A 160 14.97 16.86 -9.21
C LYS A 160 16.27 16.31 -9.77
N SER A 161 16.29 14.99 -9.95
CA SER A 161 17.46 14.30 -10.48
C SER A 161 17.06 13.16 -11.40
N PRO A 162 17.75 13.02 -12.54
CA PRO A 162 17.44 11.95 -13.49
C PRO A 162 17.38 10.59 -12.77
N SER A 163 18.25 10.41 -11.80
CA SER A 163 18.27 9.15 -11.08
C SER A 163 17.04 8.91 -10.22
N LEU A 164 16.18 9.91 -10.08
CA LEU A 164 14.99 9.76 -9.24
C LEU A 164 13.69 9.61 -10.05
N VAL A 165 13.79 9.69 -11.37
CA VAL A 165 12.63 9.56 -12.23
C VAL A 165 12.03 8.18 -12.02
N GLY A 166 12.89 7.16 -12.11
CA GLY A 166 12.44 5.80 -11.92
C GLY A 166 12.45 5.40 -10.45
N ALA A 167 13.48 5.80 -9.71
CA ALA A 167 13.61 5.43 -8.31
C ALA A 167 12.48 5.92 -7.42
N VAL A 168 12.25 7.22 -7.45
CA VAL A 168 11.22 7.79 -6.63
C VAL A 168 9.91 7.93 -7.39
N HIS A 169 9.98 8.22 -8.70
CA HIS A 169 8.76 8.42 -9.46
C HIS A 169 8.27 7.26 -10.33
N HIS A 170 8.98 6.13 -10.28
CA HIS A 170 8.57 4.94 -11.02
C HIS A 170 8.35 5.14 -12.51
N ALA A 171 8.99 6.13 -13.09
CA ALA A 171 8.80 6.37 -14.51
C ALA A 171 9.97 5.87 -15.33
N SER A 172 9.68 5.56 -16.59
CA SER A 172 10.67 5.07 -17.54
C SER A 172 10.95 6.11 -18.60
N ILE A 173 10.37 7.30 -18.43
CA ILE A 173 10.57 8.36 -19.39
C ILE A 173 10.73 9.67 -18.66
N ILE A 174 11.78 10.41 -19.01
CA ILE A 174 12.01 11.69 -18.36
C ILE A 174 11.73 12.78 -19.39
N GLU A 175 11.06 13.83 -18.94
CA GLU A 175 10.78 14.96 -19.82
C GLU A 175 11.68 16.11 -19.41
N ILE A 176 12.26 16.77 -20.40
CA ILE A 176 13.20 17.85 -20.13
C ILE A 176 13.00 19.08 -21.00
N THR A 177 13.30 20.24 -20.41
CA THR A 177 13.23 21.53 -21.12
C THR A 177 14.44 21.60 -22.07
N PRO A 178 14.38 22.46 -23.10
CA PRO A 178 15.52 22.53 -24.03
C PRO A 178 16.81 22.86 -23.26
N ALA A 179 16.68 23.72 -22.25
CA ALA A 179 17.82 24.13 -21.45
C ALA A 179 18.50 22.97 -20.76
N GLN A 180 17.71 22.10 -20.12
CA GLN A 180 18.30 20.96 -19.43
C GLN A 180 18.90 19.98 -20.43
N MET A 181 18.37 19.98 -21.65
CA MET A 181 18.88 19.11 -22.69
C MET A 181 20.35 19.47 -22.96
N ARG A 182 20.64 20.77 -22.94
CA ARG A 182 21.99 21.28 -23.18
C ARG A 182 23.02 20.94 -22.10
N ARG A 183 22.56 20.80 -20.86
CA ARG A 183 23.44 20.45 -19.75
C ARG A 183 24.11 19.10 -20.02
N PRO A 184 25.42 19.10 -20.22
CA PRO A 184 26.28 17.94 -20.50
C PRO A 184 25.90 16.59 -19.88
N GLY A 185 25.83 16.57 -18.55
CA GLY A 185 25.52 15.32 -17.86
C GLY A 185 24.08 14.88 -17.75
N ILE A 186 23.13 15.76 -18.07
CA ILE A 186 21.73 15.38 -17.96
C ILE A 186 21.36 14.25 -18.90
N ILE A 187 21.61 14.43 -20.19
CA ILE A 187 21.30 13.39 -21.15
C ILE A 187 22.07 12.11 -20.82
N GLU A 188 23.24 12.25 -20.22
CA GLU A 188 24.06 11.10 -19.87
C GLU A 188 23.53 10.37 -18.65
N ALA A 189 23.13 11.14 -17.63
CA ALA A 189 22.60 10.54 -16.42
C ALA A 189 21.33 9.77 -16.79
N SER A 190 20.48 10.42 -17.57
CA SER A 190 19.23 9.83 -18.01
C SER A 190 19.51 8.55 -18.77
N ARG A 191 20.64 8.53 -19.47
CA ARG A 191 21.01 7.34 -20.22
C ARG A 191 21.46 6.24 -19.27
N LYS A 192 22.20 6.63 -18.24
CA LYS A 192 22.68 5.66 -17.27
C LYS A 192 21.48 5.04 -16.60
N ALA A 193 20.50 5.90 -16.31
CA ALA A 193 19.27 5.48 -15.66
C ALA A 193 18.40 4.56 -16.53
N GLY A 194 18.64 4.54 -17.84
CA GLY A 194 17.87 3.68 -18.72
C GLY A 194 16.55 4.32 -19.12
N LEU A 195 16.50 5.66 -19.04
CA LEU A 195 15.29 6.38 -19.36
C LEU A 195 15.17 6.78 -20.82
N GLU A 196 13.93 6.97 -21.26
CA GLU A 196 13.70 7.44 -22.61
C GLU A 196 13.69 8.94 -22.35
N ILE A 197 14.16 9.70 -23.32
CA ILE A 197 14.22 11.15 -23.15
C ILE A 197 13.22 11.86 -24.05
N MET A 198 12.55 12.85 -23.48
CA MET A 198 11.58 13.65 -24.23
C MET A 198 11.85 15.12 -23.90
N VAL A 199 11.85 15.95 -24.93
CA VAL A 199 12.08 17.38 -24.73
C VAL A 199 10.83 18.14 -25.08
N TYR A 200 10.40 18.97 -24.16
CA TYR A 200 9.22 19.79 -24.37
C TYR A 200 9.62 21.12 -24.93
N TYR A 201 9.15 21.43 -26.13
CA TYR A 201 9.44 22.71 -26.75
C TYR A 201 8.13 23.32 -27.22
N GLY A 202 7.78 23.12 -28.48
CA GLY A 202 6.53 23.69 -28.95
C GLY A 202 6.59 25.17 -29.31
N GLY A 203 7.81 25.70 -29.45
CA GLY A 203 7.99 27.08 -29.85
C GLY A 203 8.21 26.96 -31.34
N ASP A 204 8.52 28.06 -32.02
CA ASP A 204 8.72 27.98 -33.47
C ASP A 204 10.10 28.35 -34.00
N ASP A 205 11.09 28.42 -33.11
CA ASP A 205 12.44 28.76 -33.55
C ASP A 205 13.04 27.53 -34.22
N MET A 206 13.26 27.64 -35.52
CA MET A 206 13.81 26.55 -36.31
C MET A 206 15.12 26.03 -35.72
N ALA A 207 15.91 26.92 -35.13
CA ALA A 207 17.18 26.53 -34.54
C ALA A 207 16.97 25.47 -33.47
N VAL A 208 16.07 25.75 -32.54
CA VAL A 208 15.78 24.84 -31.45
C VAL A 208 15.35 23.46 -31.97
N HIS A 209 14.44 23.45 -32.94
CA HIS A 209 13.96 22.19 -33.51
C HIS A 209 15.11 21.38 -34.10
N ARG A 210 16.01 22.07 -34.79
CA ARG A 210 17.17 21.42 -35.41
C ARG A 210 18.15 20.94 -34.32
N GLU A 211 18.31 21.74 -33.27
CA GLU A 211 19.19 21.37 -32.19
C GLU A 211 18.67 20.06 -31.60
N ILE A 212 17.43 20.10 -31.10
CA ILE A 212 16.79 18.94 -30.50
C ILE A 212 16.93 17.73 -31.41
N ALA A 213 16.61 17.91 -32.68
CA ALA A 213 16.67 16.82 -33.65
C ALA A 213 18.09 16.31 -33.75
N THR A 214 19.03 17.17 -33.35
CA THR A 214 20.45 16.87 -33.39
C THR A 214 21.02 16.25 -32.12
N SER A 215 20.28 16.35 -31.02
CA SER A 215 20.73 15.80 -29.75
C SER A 215 20.36 14.34 -29.55
N ASP A 216 20.75 13.77 -28.41
CA ASP A 216 20.43 12.38 -28.11
C ASP A 216 19.09 12.35 -27.39
N VAL A 217 18.02 12.62 -28.14
CA VAL A 217 16.67 12.68 -27.60
C VAL A 217 15.69 11.74 -28.31
N ASP A 218 14.87 11.03 -27.54
CA ASP A 218 13.90 10.08 -28.11
C ASP A 218 12.60 10.74 -28.59
N TYR A 219 12.11 11.75 -27.88
CA TYR A 219 10.87 12.40 -28.29
C TYR A 219 10.90 13.91 -28.14
N ILE A 220 10.04 14.58 -28.91
CA ILE A 220 9.89 16.03 -28.81
C ILE A 220 8.39 16.33 -28.61
N ASN A 221 8.05 16.80 -27.42
CA ASN A 221 6.67 17.15 -27.07
C ASN A 221 6.52 18.59 -27.54
N LEU A 222 5.86 18.78 -28.67
CA LEU A 222 5.71 20.10 -29.26
C LEU A 222 4.31 20.60 -29.64
N ASP A 223 4.27 21.83 -30.13
CA ASP A 223 3.03 22.46 -30.56
C ASP A 223 3.03 22.66 -32.06
N ARG A 224 4.07 22.19 -32.75
CA ARG A 224 4.13 22.36 -34.20
C ARG A 224 4.84 21.25 -34.96
N PRO A 225 4.12 20.16 -35.22
CA PRO A 225 4.62 18.99 -35.94
C PRO A 225 5.16 19.34 -37.32
N ASP A 226 4.55 20.34 -37.94
CA ASP A 226 4.97 20.74 -39.27
C ASP A 226 6.46 21.10 -39.31
N LEU A 227 6.88 21.96 -38.37
CA LEU A 227 8.27 22.38 -38.29
C LEU A 227 9.24 21.23 -38.05
N PHE A 228 9.10 20.54 -36.91
CA PHE A 228 10.02 19.46 -36.62
C PHE A 228 10.09 18.36 -37.68
N ALA A 229 8.96 18.08 -38.35
CA ALA A 229 8.95 17.06 -39.39
C ALA A 229 9.88 17.41 -40.55
N ALA A 230 9.93 18.71 -40.89
CA ALA A 230 10.78 19.21 -41.98
C ALA A 230 12.23 18.91 -41.62
N VAL A 231 12.63 19.47 -40.50
CA VAL A 231 13.96 19.29 -39.99
C VAL A 231 14.36 17.82 -39.97
N ARG A 232 13.42 16.97 -39.56
CA ARG A 232 13.70 15.53 -39.49
C ARG A 232 13.87 14.89 -40.85
N SER A 233 13.06 15.30 -41.83
CA SER A 233 13.21 14.72 -43.15
C SER A 233 14.62 15.03 -43.61
N GLY A 234 15.10 16.23 -43.27
CA GLY A 234 16.44 16.65 -43.64
C GLY A 234 17.49 15.71 -43.09
N MET A 235 17.25 15.23 -41.88
CA MET A 235 18.16 14.30 -41.23
C MET A 235 18.06 12.94 -41.88
N ALA A 236 16.85 12.59 -42.29
CA ALA A 236 16.61 11.31 -42.93
C ALA A 236 17.48 11.12 -44.16
N GLU A 237 17.59 12.16 -44.99
CA GLU A 237 18.40 12.05 -46.20
C GLU A 237 19.82 11.68 -45.85
N LEU A 238 20.43 12.41 -44.92
CA LEU A 238 21.81 12.12 -44.51
C LEU A 238 21.91 10.68 -44.02
N LEU A 239 20.88 10.26 -43.29
CA LEU A 239 20.80 8.91 -42.74
C LEU A 239 20.89 7.85 -43.83
N LEU A 240 20.49 8.22 -45.04
CA LEU A 240 20.53 7.34 -46.21
C LEU A 240 21.97 7.03 -46.61
N MET B 1 21.27 9.40 30.22
CA MET B 1 21.96 10.72 30.12
C MET B 1 21.68 11.39 28.77
N THR B 2 21.71 12.72 28.74
CA THR B 2 21.44 13.49 27.51
C THR B 2 22.62 13.39 26.54
N LYS B 3 22.35 12.96 25.31
CA LYS B 3 23.41 12.85 24.30
C LYS B 3 23.43 14.09 23.40
N ILE B 4 24.54 14.29 22.70
CA ILE B 4 24.68 15.45 21.83
C ILE B 4 24.63 15.11 20.35
N VAL B 5 23.63 15.68 19.66
CA VAL B 5 23.45 15.48 18.23
C VAL B 5 23.95 16.76 17.56
N SER B 6 25.03 16.65 16.80
CA SER B 6 25.60 17.81 16.13
C SER B 6 24.93 18.12 14.81
N HIS B 7 24.15 19.21 14.81
CA HIS B 7 23.44 19.65 13.62
C HIS B 7 24.43 19.99 12.52
N ARG B 8 24.72 18.99 11.69
CA ARG B 8 25.67 19.09 10.60
C ARG B 8 27.02 19.67 11.07
N GLY B 9 27.55 19.05 12.12
CA GLY B 9 28.82 19.44 12.70
C GLY B 9 28.80 20.79 13.39
N ALA B 10 29.98 21.21 13.85
CA ALA B 10 30.13 22.50 14.50
C ALA B 10 30.17 23.53 13.38
N ASN B 11 29.03 23.71 12.74
CA ASN B 11 28.89 24.63 11.63
C ASN B 11 29.38 26.05 11.93
N ARG B 12 29.52 26.36 13.23
CA ARG B 12 29.99 27.67 13.65
C ARG B 12 31.51 27.80 13.56
N PHE B 13 32.21 26.71 13.88
CA PHE B 13 33.67 26.73 13.87
C PHE B 13 34.29 26.12 12.60
N ALA B 14 33.54 25.27 11.91
CA ALA B 14 34.05 24.64 10.69
C ALA B 14 32.96 24.58 9.61
N PRO B 15 33.35 24.44 8.33
CA PRO B 15 32.40 24.36 7.21
C PRO B 15 31.38 23.25 7.45
N GLU B 16 30.10 23.61 7.51
CA GLU B 16 29.04 22.64 7.74
C GLU B 16 29.09 21.47 6.76
N ASN B 17 28.60 20.32 7.20
CA ASN B 17 28.57 19.11 6.37
C ASN B 17 29.91 18.83 5.71
N THR B 18 30.92 18.65 6.54
CA THR B 18 32.27 18.38 6.06
C THR B 18 32.88 17.37 7.02
N PHE B 19 33.95 16.71 6.59
CA PHE B 19 34.62 15.77 7.48
C PHE B 19 35.20 16.58 8.63
N ALA B 20 35.60 17.82 8.33
CA ALA B 20 36.16 18.71 9.33
C ALA B 20 35.14 18.95 10.46
N ALA B 21 34.04 19.60 10.10
CA ALA B 21 32.98 19.92 11.05
C ALA B 21 32.51 18.68 11.81
N ALA B 22 32.75 17.51 11.22
CA ALA B 22 32.35 16.26 11.84
C ALA B 22 33.39 15.86 12.88
N ASP B 23 34.66 15.90 12.49
CA ASP B 23 35.74 15.55 13.40
C ASP B 23 35.73 16.50 14.59
N LEU B 24 35.77 17.80 14.33
CA LEU B 24 35.76 18.78 15.41
C LEU B 24 34.65 18.49 16.40
N ALA B 25 33.42 18.55 15.92
CA ALA B 25 32.26 18.31 16.77
C ALA B 25 32.39 16.97 17.48
N LEU B 26 32.84 15.96 16.76
CA LEU B 26 33.00 14.63 17.32
C LEU B 26 34.02 14.67 18.46
N GLN B 27 35.03 15.52 18.28
CA GLN B 27 36.09 15.69 19.26
C GLN B 27 35.60 16.48 20.47
N GLN B 28 34.66 17.40 20.24
CA GLN B 28 34.12 18.23 21.32
C GLN B 28 33.12 17.48 22.19
N GLY B 29 32.96 16.19 21.95
CA GLY B 29 32.04 15.41 22.75
C GLY B 29 30.70 15.06 22.11
N ALA B 30 30.53 15.41 20.84
CA ALA B 30 29.30 15.13 20.12
C ALA B 30 29.06 13.61 20.07
N ASP B 31 27.83 13.19 20.33
CA ASP B 31 27.47 11.78 20.32
C ASP B 31 26.95 11.32 18.98
N TYR B 32 26.21 12.21 18.31
CA TYR B 32 25.63 11.95 16.98
C TYR B 32 26.02 13.08 16.04
N ILE B 33 26.01 12.77 14.76
CA ILE B 33 26.32 13.75 13.75
C ILE B 33 25.16 13.81 12.77
N GLU B 34 24.40 14.91 12.80
CA GLU B 34 23.29 15.05 11.89
C GLU B 34 23.86 15.42 10.54
N LEU B 35 23.25 14.90 9.48
CA LEU B 35 23.71 15.18 8.13
C LEU B 35 22.53 15.29 7.17
N ASP B 36 22.70 16.07 6.11
CA ASP B 36 21.64 16.25 5.12
C ASP B 36 22.03 15.55 3.82
N VAL B 37 21.17 14.66 3.32
CA VAL B 37 21.51 13.94 2.10
C VAL B 37 20.70 14.25 0.85
N ARG B 38 21.42 14.42 -0.26
CA ARG B 38 20.84 14.70 -1.57
C ARG B 38 21.48 13.71 -2.54
N GLU B 39 20.96 13.61 -3.76
CA GLU B 39 21.48 12.65 -4.75
C GLU B 39 21.84 13.37 -6.03
N SER B 40 22.97 12.96 -6.62
CA SER B 40 23.45 13.55 -7.86
C SER B 40 22.65 13.03 -9.03
N ALA B 41 22.82 13.67 -10.19
CA ALA B 41 22.12 13.27 -11.40
C ALA B 41 22.38 11.81 -11.77
N ASP B 42 23.56 11.30 -11.43
CA ASP B 42 23.88 9.92 -11.77
C ASP B 42 23.72 9.00 -10.57
N GLY B 43 22.94 9.48 -9.62
CA GLY B 43 22.61 8.70 -8.44
C GLY B 43 23.62 8.34 -7.37
N VAL B 44 24.34 9.33 -6.87
CA VAL B 44 25.30 9.10 -5.80
C VAL B 44 24.86 9.95 -4.64
N LEU B 45 24.81 9.36 -3.46
CA LEU B 45 24.38 10.09 -2.28
C LEU B 45 25.48 11.06 -1.87
N TYR B 46 25.07 12.23 -1.42
CA TYR B 46 26.01 13.26 -1.00
C TYR B 46 25.49 14.02 0.21
N VAL B 47 26.39 14.43 1.09
CA VAL B 47 26.00 15.19 2.27
C VAL B 47 26.08 16.68 1.92
N ILE B 48 24.93 17.35 1.93
CA ILE B 48 24.83 18.78 1.62
C ILE B 48 23.39 19.19 1.93
N HIS B 49 23.21 20.34 2.57
CA HIS B 49 21.87 20.81 2.95
C HIS B 49 21.02 21.45 1.86
N ASP B 50 21.51 22.55 1.31
CA ASP B 50 20.77 23.25 0.26
C ASP B 50 20.55 22.35 -0.94
N GLU B 51 19.55 22.71 -1.75
CA GLU B 51 19.22 21.97 -2.95
C GLU B 51 20.18 22.38 -4.06
N THR B 52 20.68 23.60 -3.94
CA THR B 52 21.60 24.17 -4.92
C THR B 52 23.02 24.23 -4.37
N LEU B 53 23.99 24.09 -5.26
CA LEU B 53 25.42 24.10 -4.90
C LEU B 53 25.94 25.41 -4.30
N ASP B 54 25.56 26.53 -4.89
CA ASP B 54 25.99 27.87 -4.45
C ASP B 54 26.47 28.04 -3.01
N ARG B 55 25.58 28.50 -2.13
CA ARG B 55 25.89 28.76 -0.72
C ARG B 55 27.15 28.14 -0.12
N THR B 56 27.32 26.83 -0.23
CA THR B 56 28.50 26.21 0.38
C THR B 56 29.46 25.52 -0.58
N THR B 57 29.55 26.03 -1.82
CA THR B 57 30.45 25.44 -2.80
C THR B 57 30.91 26.45 -3.86
N ASN B 58 31.98 26.09 -4.56
CA ASN B 58 32.55 26.93 -5.62
C ASN B 58 31.92 26.48 -6.93
N GLY B 59 30.80 25.78 -6.81
CA GLY B 59 30.09 25.31 -7.98
C GLY B 59 28.69 25.87 -7.85
N THR B 60 27.92 25.84 -8.92
CA THR B 60 26.56 26.39 -8.84
C THR B 60 25.48 25.47 -9.42
N GLY B 61 24.23 25.87 -9.19
CA GLY B 61 23.11 25.11 -9.71
C GLY B 61 22.63 23.99 -8.80
N PRO B 62 21.60 23.26 -9.22
CA PRO B 62 21.08 22.16 -8.39
C PRO B 62 22.08 20.99 -8.32
N VAL B 63 22.18 20.35 -7.15
CA VAL B 63 23.10 19.24 -7.02
C VAL B 63 22.59 18.11 -7.88
N GLY B 64 21.26 18.00 -7.95
CA GLY B 64 20.61 16.97 -8.73
C GLY B 64 21.00 16.92 -10.20
N HIS B 65 21.45 18.05 -10.75
CA HIS B 65 21.82 18.07 -12.16
C HIS B 65 23.30 17.84 -12.46
N MET B 66 24.11 17.64 -11.43
CA MET B 66 25.54 17.45 -11.65
C MET B 66 26.03 16.02 -11.46
N LEU B 67 26.94 15.59 -12.32
CA LEU B 67 27.50 14.25 -12.23
C LEU B 67 28.39 14.17 -10.98
N SER B 68 28.39 13.01 -10.33
CA SER B 68 29.21 12.83 -9.13
C SER B 68 30.64 13.28 -9.42
N SER B 69 31.16 12.87 -10.56
CA SER B 69 32.51 13.23 -10.97
C SER B 69 32.82 14.70 -10.73
N GLU B 70 32.10 15.58 -11.42
CA GLU B 70 32.35 17.00 -11.25
C GLU B 70 32.09 17.46 -9.82
N ILE B 71 31.10 16.87 -9.17
CA ILE B 71 30.79 17.26 -7.78
C ILE B 71 31.99 16.98 -6.90
N ASP B 72 32.57 15.79 -7.04
CA ASP B 72 33.73 15.42 -6.26
C ASP B 72 34.80 16.51 -6.31
N THR B 73 34.86 17.21 -7.45
CA THR B 73 35.81 18.29 -7.68
C THR B 73 35.64 19.46 -6.71
N LEU B 74 34.46 20.06 -6.76
CA LEU B 74 34.14 21.20 -5.93
C LEU B 74 34.83 21.24 -4.57
N ASP B 75 34.89 22.41 -3.98
CA ASP B 75 35.48 22.63 -2.66
C ASP B 75 34.39 23.24 -1.80
N ALA B 76 34.01 22.55 -0.74
CA ALA B 76 32.96 23.05 0.15
C ALA B 76 33.53 23.63 1.43
N GLY B 77 34.81 24.01 1.38
CA GLY B 77 35.45 24.56 2.56
C GLY B 77 35.73 26.04 2.40
N GLY B 78 36.14 26.42 1.20
CA GLY B 78 36.45 27.81 0.91
C GLY B 78 35.65 28.84 1.69
N TRP B 79 34.40 29.00 1.29
CA TRP B 79 33.49 29.97 1.92
C TRP B 79 33.59 30.09 3.44
N PHE B 80 34.33 29.19 4.08
CA PHE B 80 34.48 29.26 5.53
C PHE B 80 35.90 29.69 5.89
N ARG B 83 41.05 28.49 6.34
CA ARG B 83 41.78 27.45 7.02
C ARG B 83 41.44 26.16 6.29
N PHE B 84 40.22 26.10 5.76
CA PHE B 84 39.75 24.96 4.99
C PHE B 84 39.64 25.52 3.57
N LYS B 85 39.80 24.68 2.55
CA LYS B 85 39.69 25.18 1.19
C LYS B 85 39.52 24.02 0.26
N GLY B 86 40.26 22.96 0.53
CA GLY B 86 40.18 21.76 -0.29
C GLY B 86 39.12 20.80 0.18
N ALA B 87 38.40 21.16 1.25
CA ALA B 87 37.34 20.31 1.78
C ALA B 87 36.32 19.95 0.68
N ILE B 88 35.95 18.68 0.65
CA ILE B 88 35.04 18.18 -0.37
C ILE B 88 33.65 17.85 0.15
N VAL B 89 32.71 17.77 -0.79
CA VAL B 89 31.33 17.41 -0.50
C VAL B 89 31.40 15.91 -0.26
N PRO B 90 31.16 15.48 0.98
CA PRO B 90 31.21 14.06 1.35
C PRO B 90 30.16 13.15 0.72
N ARG B 91 30.61 11.98 0.26
CA ARG B 91 29.70 11.00 -0.30
C ARG B 91 29.19 10.26 0.94
N LEU B 92 27.90 10.01 1.02
CA LEU B 92 27.35 9.31 2.17
C LEU B 92 28.12 8.01 2.41
N ASP B 93 28.72 7.46 1.34
CA ASP B 93 29.53 6.25 1.43
C ASP B 93 30.59 6.44 2.51
N ALA B 94 31.63 7.18 2.14
CA ALA B 94 32.77 7.47 2.99
C ALA B 94 32.43 8.11 4.32
N TYR B 95 31.58 9.12 4.29
CA TYR B 95 31.17 9.84 5.49
C TYR B 95 30.58 8.88 6.52
N LEU B 96 29.74 7.95 6.04
CA LEU B 96 29.11 6.98 6.93
C LEU B 96 30.12 5.95 7.44
N GLU B 97 30.94 5.42 6.53
CA GLU B 97 31.95 4.44 6.92
C GLU B 97 32.90 5.11 7.93
N HIS B 98 33.32 6.33 7.61
CA HIS B 98 34.22 7.12 8.45
C HIS B 98 33.71 7.37 9.87
N LEU B 99 32.39 7.48 10.00
CA LEU B 99 31.78 7.73 11.29
C LEU B 99 31.40 6.48 12.06
N ARG B 100 31.31 5.36 11.37
CA ARG B 100 30.92 4.12 12.02
C ARG B 100 31.78 3.81 13.24
N GLY B 101 31.13 3.33 14.30
CA GLY B 101 31.85 2.99 15.51
C GLY B 101 32.23 4.16 16.40
N ARG B 102 32.30 5.36 15.82
CA ARG B 102 32.67 6.57 16.57
C ARG B 102 31.49 7.43 17.02
N ALA B 103 30.31 7.19 16.45
CA ALA B 103 29.13 7.98 16.82
C ALA B 103 27.85 7.56 16.10
N GLY B 104 26.73 8.02 16.64
CA GLY B 104 25.44 7.72 16.03
C GLY B 104 25.29 8.70 14.88
N VAL B 105 24.27 8.51 14.08
CA VAL B 105 24.08 9.42 12.95
C VAL B 105 22.61 9.68 12.70
N TYR B 106 22.24 10.95 12.77
CA TYR B 106 20.88 11.37 12.51
C TYR B 106 20.90 11.79 11.04
N ILE B 107 20.23 11.00 10.21
CA ILE B 107 20.17 11.25 8.77
C ILE B 107 18.86 11.92 8.35
N GLU B 108 18.97 13.11 7.76
CA GLU B 108 17.80 13.85 7.29
C GLU B 108 17.79 13.85 5.77
N LEU B 109 16.85 13.11 5.20
CA LEU B 109 16.73 13.03 3.76
C LEU B 109 16.23 14.34 3.23
N LYS B 110 16.92 14.89 2.25
CA LYS B 110 16.48 16.11 1.64
C LYS B 110 15.68 15.61 0.44
N TYR B 111 16.38 15.11 -0.57
CA TYR B 111 15.71 14.54 -1.73
C TYR B 111 16.65 13.54 -2.42
N CYS B 112 16.30 12.26 -2.31
CA CYS B 112 17.11 11.19 -2.89
C CYS B 112 16.32 9.88 -2.90
N ASP B 113 17.01 8.81 -3.24
CA ASP B 113 16.39 7.49 -3.30
C ASP B 113 16.52 6.75 -1.98
N PRO B 114 15.40 6.58 -1.26
CA PRO B 114 15.42 5.88 0.02
C PRO B 114 16.04 4.49 -0.04
N ALA B 115 15.82 3.78 -1.15
CA ALA B 115 16.36 2.44 -1.35
C ALA B 115 17.90 2.41 -1.27
N LYS B 116 18.53 3.49 -1.72
CA LYS B 116 19.98 3.58 -1.71
C LYS B 116 20.45 3.80 -0.29
N VAL B 117 19.71 4.61 0.44
CA VAL B 117 20.03 4.89 1.82
C VAL B 117 19.89 3.65 2.69
N ALA B 118 18.77 2.95 2.54
CA ALA B 118 18.50 1.73 3.29
C ALA B 118 19.58 0.66 3.04
N ALA B 119 19.90 0.43 1.77
CA ALA B 119 20.90 -0.55 1.38
C ALA B 119 22.25 -0.22 1.99
N LEU B 120 22.63 1.05 1.89
CA LEU B 120 23.90 1.51 2.42
C LEU B 120 23.99 1.26 3.91
N VAL B 121 22.97 1.71 4.64
CA VAL B 121 22.97 1.56 6.09
C VAL B 121 22.86 0.09 6.48
N ARG B 122 22.13 -0.70 5.71
CA ARG B 122 22.00 -2.11 6.04
C ARG B 122 23.35 -2.81 5.85
N HIS B 123 24.02 -2.51 4.75
CA HIS B 123 25.34 -3.06 4.42
C HIS B 123 26.35 -2.74 5.52
N LEU B 124 26.43 -1.46 5.89
CA LEU B 124 27.36 -0.99 6.93
C LEU B 124 27.00 -1.40 8.36
N GLY B 125 25.90 -2.14 8.52
CA GLY B 125 25.48 -2.57 9.85
C GLY B 125 25.21 -1.37 10.76
N MET B 126 24.60 -0.33 10.22
CA MET B 126 24.37 0.86 11.00
C MET B 126 22.93 1.16 11.39
N VAL B 127 22.07 0.16 11.30
CA VAL B 127 20.67 0.33 11.64
C VAL B 127 20.37 0.80 13.07
N ARG B 128 20.92 0.11 14.06
CA ARG B 128 20.66 0.45 15.47
C ARG B 128 21.16 1.81 15.94
N ASP B 129 22.19 2.33 15.30
CA ASP B 129 22.78 3.60 15.71
C ASP B 129 22.42 4.74 14.79
N THR B 130 21.23 4.71 14.23
CA THR B 130 20.89 5.77 13.31
C THR B 130 19.39 6.00 13.28
N PHE B 131 18.98 7.25 13.09
CA PHE B 131 17.56 7.55 12.98
C PHE B 131 17.30 8.59 11.91
N TYR B 132 16.09 8.57 11.36
CA TYR B 132 15.75 9.44 10.23
C TYR B 132 14.62 10.45 10.37
N PHE B 133 14.54 11.31 9.36
CA PHE B 133 13.53 12.33 9.26
C PHE B 133 13.64 12.97 7.90
N SER B 134 12.63 13.76 7.55
CA SER B 134 12.60 14.47 6.29
C SER B 134 11.37 15.35 6.21
N PHE B 135 11.52 16.58 5.73
CA PHE B 135 10.38 17.48 5.60
C PHE B 135 9.59 17.09 4.37
N SER B 136 10.13 16.17 3.58
CA SER B 136 9.46 15.72 2.37
C SER B 136 8.53 14.55 2.63
N GLU B 137 7.24 14.76 2.36
CA GLU B 137 6.26 13.70 2.56
C GLU B 137 6.64 12.53 1.66
N GLU B 138 7.08 12.85 0.45
CA GLU B 138 7.50 11.84 -0.51
C GLU B 138 8.66 11.03 0.08
N MET B 139 9.72 11.71 0.53
CA MET B 139 10.83 11.00 1.13
C MET B 139 10.36 10.18 2.34
N ARG B 140 9.51 10.75 3.18
CA ARG B 140 9.06 10.00 4.35
C ARG B 140 8.26 8.74 4.03
N GLN B 141 7.36 8.83 3.06
CA GLN B 141 6.56 7.67 2.71
C GLN B 141 7.46 6.62 2.04
N GLY B 142 8.39 7.09 1.23
CA GLY B 142 9.30 6.18 0.55
C GLY B 142 10.10 5.34 1.54
N LEU B 143 10.73 6.02 2.49
CA LEU B 143 11.53 5.34 3.49
C LEU B 143 10.65 4.52 4.41
N GLN B 144 9.45 5.03 4.68
CA GLN B 144 8.53 4.32 5.57
C GLN B 144 8.15 2.96 4.99
N SER B 145 7.95 2.92 3.68
CA SER B 145 7.56 1.68 3.02
C SER B 145 8.75 0.76 2.76
N ILE B 146 9.92 1.37 2.62
CA ILE B 146 11.13 0.62 2.33
C ILE B 146 11.83 0.11 3.58
N ALA B 147 11.80 0.90 4.64
CA ALA B 147 12.46 0.52 5.89
C ALA B 147 11.63 0.85 7.11
N PRO B 148 10.47 0.22 7.25
CA PRO B 148 9.62 0.47 8.41
C PRO B 148 10.41 0.40 9.70
N GLU B 149 11.31 -0.58 9.79
CA GLU B 149 12.11 -0.82 10.99
C GLU B 149 13.11 0.25 11.42
N PHE B 150 13.54 1.11 10.51
CA PHE B 150 14.51 2.13 10.91
C PHE B 150 13.93 3.06 11.98
N ARG B 151 14.82 3.70 12.74
CA ARG B 151 14.37 4.62 13.78
C ARG B 151 14.11 5.93 13.09
N ARG B 152 13.05 6.63 13.49
CA ARG B 152 12.72 7.90 12.87
C ARG B 152 12.09 8.85 13.87
N MET B 153 12.16 10.14 13.56
CA MET B 153 11.59 11.15 14.43
C MET B 153 10.58 12.06 13.72
N MET B 154 9.67 12.63 14.51
CA MET B 154 8.68 13.55 13.99
C MET B 154 8.70 14.69 14.98
N THR B 155 8.62 15.91 14.48
CA THR B 155 8.62 17.05 15.38
C THR B 155 7.22 17.18 15.92
N LEU B 156 7.09 17.81 17.09
CA LEU B 156 5.77 18.01 17.67
C LEU B 156 5.03 19.04 16.79
N ASP B 157 5.78 19.98 16.23
CA ASP B 157 5.19 20.99 15.36
C ASP B 157 4.31 20.35 14.29
N ILE B 158 4.76 19.22 13.75
CA ILE B 158 4.05 18.51 12.72
C ILE B 158 3.06 17.45 13.20
N ALA B 159 3.43 16.71 14.25
CA ALA B 159 2.56 15.65 14.77
C ALA B 159 1.37 16.16 15.58
N LYS B 160 1.45 17.41 16.05
CA LYS B 160 0.41 18.06 16.85
C LYS B 160 0.25 17.52 18.28
N SER B 161 0.47 16.23 18.46
CA SER B 161 0.36 15.60 19.78
C SER B 161 1.39 14.49 19.94
N PRO B 162 2.01 14.40 21.12
CA PRO B 162 3.03 13.37 21.38
C PRO B 162 2.47 11.97 21.13
N SER B 163 1.19 11.80 21.40
CA SER B 163 0.53 10.53 21.21
C SER B 163 0.33 10.26 19.73
N LEU B 164 0.74 11.20 18.88
CA LEU B 164 0.57 11.03 17.45
C LEU B 164 1.88 10.87 16.71
N VAL B 165 2.98 11.05 17.44
CA VAL B 165 4.30 10.92 16.86
C VAL B 165 4.58 9.50 16.37
N GLY B 166 4.05 8.51 17.11
CA GLY B 166 4.22 7.12 16.72
C GLY B 166 2.97 6.56 16.05
N ALA B 167 1.80 6.92 16.57
CA ALA B 167 0.57 6.40 16.02
C ALA B 167 0.28 6.89 14.60
N VAL B 168 0.68 8.12 14.28
CA VAL B 168 0.44 8.66 12.95
C VAL B 168 1.69 8.85 12.10
N HIS B 169 2.76 9.36 12.68
CA HIS B 169 3.95 9.55 11.89
C HIS B 169 4.96 8.41 12.01
N HIS B 170 4.55 7.35 12.70
CA HIS B 170 5.34 6.13 12.89
C HIS B 170 6.76 6.37 13.37
N ALA B 171 6.94 7.35 14.25
CA ALA B 171 8.27 7.65 14.76
C ALA B 171 8.39 7.22 16.21
N SER B 172 9.63 6.99 16.65
CA SER B 172 9.87 6.58 18.02
C SER B 172 10.59 7.72 18.74
N ILE B 173 11.01 8.71 17.96
CA ILE B 173 11.71 9.86 18.50
C ILE B 173 10.92 11.14 18.21
N ILE B 174 10.58 11.89 19.25
CA ILE B 174 9.86 13.13 19.05
C ILE B 174 10.83 14.27 19.26
N GLU B 175 10.78 15.28 18.41
CA GLU B 175 11.63 16.44 18.59
C GLU B 175 10.74 17.58 19.07
N ILE B 176 11.29 18.46 19.90
CA ILE B 176 10.53 19.59 20.42
C ILE B 176 11.43 20.80 20.61
N THR B 177 10.80 21.96 20.82
CA THR B 177 11.53 23.20 21.04
C THR B 177 11.64 23.35 22.55
N PRO B 178 12.45 24.32 23.00
CA PRO B 178 12.60 24.54 24.44
C PRO B 178 11.26 24.98 25.07
N ALA B 179 10.55 25.87 24.37
CA ALA B 179 9.26 26.35 24.86
C ALA B 179 8.39 25.13 25.15
N GLN B 180 8.45 24.15 24.25
CA GLN B 180 7.68 22.93 24.41
C GLN B 180 8.27 22.09 25.54
N MET B 181 9.60 22.05 25.60
CA MET B 181 10.28 21.31 26.65
C MET B 181 9.81 21.85 28.01
N ARG B 182 9.76 23.18 28.11
CA ARG B 182 9.32 23.85 29.34
C ARG B 182 7.92 23.46 29.76
N ARG B 183 7.00 23.39 28.81
CA ARG B 183 5.63 23.04 29.17
C ARG B 183 5.53 21.69 29.86
N PRO B 184 5.01 21.67 31.10
CA PRO B 184 4.84 20.48 31.92
C PRO B 184 4.52 19.17 31.19
N GLY B 185 3.25 18.77 31.24
CA GLY B 185 2.80 17.53 30.62
C GLY B 185 3.25 17.11 29.22
N ILE B 186 4.14 17.86 28.58
CA ILE B 186 4.59 17.46 27.26
C ILE B 186 5.60 16.31 27.37
N ILE B 187 6.63 16.50 28.17
CA ILE B 187 7.61 15.43 28.36
C ILE B 187 6.88 14.22 28.93
N GLU B 188 5.95 14.50 29.84
CA GLU B 188 5.17 13.44 30.47
C GLU B 188 4.43 12.62 29.42
N ALA B 189 3.67 13.29 28.55
CA ALA B 189 2.92 12.59 27.51
C ALA B 189 3.87 11.84 26.60
N SER B 190 5.03 12.43 26.35
CA SER B 190 6.03 11.82 25.48
C SER B 190 6.60 10.55 26.05
N ARG B 191 6.68 10.49 27.38
CA ARG B 191 7.21 9.31 28.03
C ARG B 191 6.16 8.24 28.07
N LYS B 192 4.91 8.65 28.20
CA LYS B 192 3.84 7.67 28.23
C LYS B 192 3.80 6.95 26.89
N ALA B 193 4.17 7.66 25.83
CA ALA B 193 4.13 7.07 24.51
C ALA B 193 5.42 6.28 24.23
N GLY B 194 6.29 6.21 25.24
CA GLY B 194 7.54 5.47 25.11
C GLY B 194 8.46 6.03 24.05
N LEU B 195 8.46 7.34 23.88
CA LEU B 195 9.30 7.99 22.88
C LEU B 195 10.62 8.51 23.43
N GLU B 196 11.57 8.67 22.54
CA GLU B 196 12.85 9.23 22.91
C GLU B 196 12.56 10.71 22.68
N ILE B 197 13.19 11.58 23.46
CA ILE B 197 12.94 13.00 23.34
C ILE B 197 14.19 13.76 22.96
N MET B 198 14.06 14.56 21.91
CA MET B 198 15.16 15.37 21.40
C MET B 198 14.73 16.84 21.42
N VAL B 199 15.68 17.71 21.72
CA VAL B 199 15.40 19.13 21.76
C VAL B 199 16.31 19.88 20.81
N TYR B 200 15.70 20.71 19.96
CA TYR B 200 16.48 21.50 19.03
C TYR B 200 16.83 22.81 19.70
N TYR B 201 18.07 23.25 19.56
CA TYR B 201 18.51 24.51 20.18
C TYR B 201 19.90 24.91 19.70
N GLY B 202 19.95 25.72 18.65
CA GLY B 202 21.23 26.19 18.16
C GLY B 202 21.49 27.55 18.78
N GLY B 203 21.03 27.71 20.02
CA GLY B 203 21.20 28.97 20.74
C GLY B 203 22.28 28.93 21.78
N ASP B 204 23.28 29.80 21.64
CA ASP B 204 24.42 29.88 22.55
C ASP B 204 24.13 30.27 24.01
N ASP B 205 22.90 30.69 24.30
CA ASP B 205 22.54 31.05 25.66
C ASP B 205 22.85 29.85 26.56
N MET B 206 24.08 29.80 27.06
CA MET B 206 24.51 28.70 27.92
C MET B 206 23.57 28.48 29.09
N ALA B 207 22.65 29.41 29.31
CA ALA B 207 21.71 29.30 30.42
C ALA B 207 20.61 28.28 30.12
N VAL B 208 20.30 28.12 28.84
CA VAL B 208 19.28 27.17 28.43
C VAL B 208 19.92 25.80 28.24
N HIS B 209 21.17 25.79 27.77
CA HIS B 209 21.87 24.53 27.59
C HIS B 209 21.84 23.87 28.96
N ARG B 210 21.84 24.69 30.00
CA ARG B 210 21.80 24.20 31.36
C ARG B 210 20.40 23.67 31.66
N GLU B 211 19.39 24.39 31.15
CA GLU B 211 18.00 24.00 31.35
C GLU B 211 17.81 22.60 30.76
N ILE B 212 18.06 22.49 29.47
CA ILE B 212 17.92 21.21 28.76
C ILE B 212 18.61 20.09 29.53
N ALA B 213 19.88 20.29 29.88
CA ALA B 213 20.65 19.29 30.61
C ALA B 213 19.97 18.74 31.85
N THR B 214 19.31 19.63 32.60
CA THR B 214 18.64 19.21 33.83
C THR B 214 17.29 18.56 33.54
N SER B 215 16.75 18.84 32.36
CA SER B 215 15.46 18.32 31.94
C SER B 215 15.52 16.83 31.57
N ASP B 216 14.35 16.20 31.44
CA ASP B 216 14.26 14.79 31.10
C ASP B 216 14.26 14.53 29.60
N VAL B 217 15.30 15.03 28.94
CA VAL B 217 15.50 14.89 27.51
C VAL B 217 16.40 13.69 27.23
N ASP B 218 16.45 13.22 25.99
CA ASP B 218 17.31 12.10 25.65
C ASP B 218 18.39 12.63 24.69
N TYR B 219 18.01 13.56 23.82
CA TYR B 219 18.95 14.13 22.85
C TYR B 219 18.87 15.64 22.78
N ILE B 220 19.97 16.26 22.39
CA ILE B 220 20.04 17.70 22.21
C ILE B 220 20.64 17.95 20.84
N ASN B 221 19.83 18.41 19.89
CA ASN B 221 20.30 18.69 18.53
C ASN B 221 20.73 20.15 18.49
N LEU B 222 21.98 20.39 18.86
CA LEU B 222 22.55 21.74 18.95
C LEU B 222 23.37 22.13 17.73
N ASP B 223 23.75 23.39 17.66
CA ASP B 223 24.57 23.89 16.56
C ASP B 223 25.97 24.21 17.11
N ARG B 224 26.15 24.02 18.42
CA ARG B 224 27.42 24.28 19.11
C ARG B 224 27.61 23.25 20.22
N PRO B 225 28.21 22.09 19.90
CA PRO B 225 28.48 20.98 20.82
C PRO B 225 29.20 21.39 22.11
N ASP B 226 30.30 22.11 21.96
CA ASP B 226 31.12 22.60 23.07
C ASP B 226 30.35 23.04 24.32
N LEU B 227 29.48 24.04 24.16
CA LEU B 227 28.67 24.56 25.27
C LEU B 227 27.99 23.47 26.08
N PHE B 228 27.23 22.62 25.41
CA PHE B 228 26.50 21.55 26.09
C PHE B 228 27.45 20.54 26.74
N ALA B 229 28.61 20.34 26.12
CA ALA B 229 29.59 19.40 26.65
C ALA B 229 30.12 19.89 28.01
N ALA B 230 30.17 21.21 28.16
CA ALA B 230 30.62 21.82 29.40
C ALA B 230 29.60 21.53 30.48
N MET C 1 -37.53 10.75 3.20
CA MET C 1 -37.55 12.00 4.03
C MET C 1 -36.13 12.38 4.45
N THR C 2 -35.70 13.57 4.07
CA THR C 2 -34.35 14.04 4.40
C THR C 2 -34.03 14.03 5.90
N LYS C 3 -32.91 13.40 6.26
CA LYS C 3 -32.49 13.31 7.65
C LYS C 3 -31.70 14.54 8.06
N ILE C 4 -31.77 14.89 9.33
CA ILE C 4 -31.08 16.06 9.83
C ILE C 4 -29.75 15.73 10.50
N VAL C 5 -28.70 16.33 9.96
CA VAL C 5 -27.36 16.16 10.50
C VAL C 5 -27.05 17.48 11.17
N SER C 6 -26.95 17.46 12.50
CA SER C 6 -26.70 18.66 13.28
C SER C 6 -25.21 19.01 13.37
N HIS C 7 -24.83 20.02 12.60
CA HIS C 7 -23.46 20.50 12.54
C HIS C 7 -22.97 21.08 13.88
N ARG C 8 -22.31 20.24 14.67
CA ARG C 8 -21.75 20.63 15.97
C ARG C 8 -22.84 20.86 17.00
N GLY C 9 -23.95 20.14 16.84
CA GLY C 9 -25.05 20.27 17.77
C GLY C 9 -25.87 21.52 17.52
N ALA C 10 -26.82 21.79 18.41
CA ALA C 10 -27.70 22.96 18.30
C ALA C 10 -26.91 24.26 18.46
N ASN C 11 -25.89 24.36 17.63
CA ASN C 11 -24.95 25.48 17.54
C ASN C 11 -25.44 26.89 17.95
N ARG C 12 -26.63 27.30 17.50
CA ARG C 12 -27.15 28.65 17.81
C ARG C 12 -27.71 28.87 19.21
N PHE C 13 -28.15 27.79 19.87
CA PHE C 13 -28.74 27.92 21.20
C PHE C 13 -27.96 27.26 22.33
N ALA C 14 -26.84 26.63 21.99
CA ALA C 14 -26.01 25.96 22.99
C ALA C 14 -24.55 25.96 22.52
N PRO C 15 -23.59 25.88 23.46
CA PRO C 15 -22.16 25.87 23.11
C PRO C 15 -21.88 24.68 22.20
N GLU C 16 -21.30 24.97 21.04
CA GLU C 16 -20.99 23.94 20.07
C GLU C 16 -20.21 22.76 20.66
N ASN C 17 -20.58 21.56 20.24
CA ASN C 17 -19.90 20.37 20.69
C ASN C 17 -19.92 20.18 22.21
N THR C 18 -21.14 20.11 22.73
CA THR C 18 -21.40 19.93 24.15
C THR C 18 -22.57 18.96 24.25
N PHE C 19 -22.72 18.31 25.41
CA PHE C 19 -23.84 17.39 25.57
C PHE C 19 -25.13 18.20 25.46
N ALA C 20 -25.06 19.47 25.88
CA ALA C 20 -26.22 20.35 25.84
C ALA C 20 -26.54 20.66 24.38
N ALA C 21 -25.55 21.19 23.66
CA ALA C 21 -25.75 21.50 22.26
C ALA C 21 -26.27 20.25 21.58
N ALA C 22 -25.75 19.09 21.98
CA ALA C 22 -26.15 17.82 21.39
C ALA C 22 -27.55 17.40 21.78
N ASP C 23 -27.85 17.43 23.07
CA ASP C 23 -29.16 17.05 23.57
C ASP C 23 -30.23 17.97 23.00
N LEU C 24 -29.91 19.26 22.88
CA LEU C 24 -30.87 20.20 22.32
C LEU C 24 -31.18 19.84 20.88
N ALA C 25 -30.15 19.52 20.11
CA ALA C 25 -30.34 19.15 18.72
C ALA C 25 -31.26 17.94 18.59
N LEU C 26 -31.06 16.95 19.45
CA LEU C 26 -31.89 15.76 19.42
C LEU C 26 -33.36 16.13 19.69
N GLN C 27 -33.56 17.14 20.54
CA GLN C 27 -34.91 17.60 20.83
C GLN C 27 -35.51 18.24 19.60
N GLN C 28 -34.78 19.16 18.99
CA GLN C 28 -35.27 19.84 17.80
C GLN C 28 -35.47 18.91 16.63
N GLY C 29 -35.29 17.60 16.85
CA GLY C 29 -35.50 16.65 15.78
C GLY C 29 -34.32 16.18 14.93
N ALA C 30 -33.09 16.49 15.33
CA ALA C 30 -31.92 16.07 14.55
C ALA C 30 -31.85 14.54 14.49
N ASP C 31 -31.52 14.01 13.31
CA ASP C 31 -31.41 12.57 13.15
C ASP C 31 -29.98 12.11 13.37
N TYR C 32 -29.04 13.00 13.04
CA TYR C 32 -27.62 12.72 13.20
C TYR C 32 -26.99 13.91 13.87
N ILE C 33 -25.86 13.67 14.53
CA ILE C 33 -25.14 14.75 15.16
C ILE C 33 -23.70 14.70 14.66
N GLU C 34 -23.21 15.84 14.18
CA GLU C 34 -21.85 15.92 13.67
C GLU C 34 -20.96 16.46 14.75
N LEU C 35 -19.75 15.90 14.82
CA LEU C 35 -18.77 16.31 15.82
C LEU C 35 -17.38 16.31 15.19
N ASP C 36 -16.44 16.94 15.89
CA ASP C 36 -15.07 17.04 15.42
C ASP C 36 -14.13 16.38 16.44
N VAL C 37 -13.23 15.53 15.96
CA VAL C 37 -12.32 14.83 16.87
C VAL C 37 -10.89 15.36 16.96
N ARG C 38 -10.35 15.40 18.18
CA ARG C 38 -8.99 15.83 18.43
C ARG C 38 -8.38 14.95 19.52
N GLU C 39 -7.06 14.95 19.63
CA GLU C 39 -6.44 14.10 20.63
C GLU C 39 -5.57 14.87 21.60
N SER C 40 -5.77 14.59 22.89
CA SER C 40 -4.99 15.21 23.94
C SER C 40 -3.52 14.78 23.82
N ALA C 41 -2.64 15.50 24.48
CA ALA C 41 -1.23 15.18 24.45
C ALA C 41 -1.00 13.74 24.91
N ASP C 42 -1.87 13.24 25.77
CA ASP C 42 -1.69 11.89 26.28
C ASP C 42 -2.51 10.80 25.62
N GLY C 43 -2.99 11.06 24.41
CA GLY C 43 -3.74 10.05 23.67
C GLY C 43 -5.23 9.82 23.91
N VAL C 44 -5.96 10.84 24.40
CA VAL C 44 -7.39 10.68 24.64
C VAL C 44 -8.20 11.43 23.58
N LEU C 45 -9.32 10.82 23.18
CA LEU C 45 -10.20 11.41 22.17
C LEU C 45 -11.23 12.41 22.72
N TYR C 46 -11.17 13.64 22.22
CA TYR C 46 -12.10 14.69 22.63
C TYR C 46 -12.91 15.25 21.46
N VAL C 47 -14.00 15.93 21.80
CA VAL C 47 -14.87 16.54 20.82
C VAL C 47 -14.66 18.05 20.89
N ILE C 48 -14.01 18.61 19.88
CA ILE C 48 -13.72 20.05 19.85
C ILE C 48 -13.19 20.43 18.46
N HIS C 49 -13.77 21.48 17.88
CA HIS C 49 -13.37 21.91 16.55
C HIS C 49 -11.96 22.49 16.38
N ASP C 50 -11.66 23.57 17.09
CA ASP C 50 -10.36 24.22 16.98
C ASP C 50 -9.13 23.42 17.44
N GLU C 51 -7.96 23.83 16.96
CA GLU C 51 -6.72 23.18 17.32
C GLU C 51 -6.30 23.63 18.72
N THR C 52 -6.78 24.82 19.09
CA THR C 52 -6.48 25.42 20.40
C THR C 52 -7.74 25.59 21.26
N LEU C 53 -7.59 25.50 22.58
CA LEU C 53 -8.70 25.61 23.52
C LEU C 53 -9.35 27.00 23.58
N ASP C 54 -8.54 28.01 23.30
CA ASP C 54 -8.94 29.40 23.31
C ASP C 54 -10.39 29.79 22.98
N ARG C 55 -10.77 29.71 21.72
CA ARG C 55 -12.11 30.13 21.33
C ARG C 55 -13.32 29.53 22.06
N THR C 56 -13.28 28.23 22.40
CA THR C 56 -14.44 27.63 23.04
C THR C 56 -14.31 27.07 24.44
N THR C 57 -13.26 27.47 25.17
CA THR C 57 -13.08 26.98 26.54
C THR C 57 -12.35 27.97 27.45
N ASN C 58 -12.28 27.59 28.73
CA ASN C 58 -11.63 28.35 29.78
C ASN C 58 -10.11 28.26 29.64
N GLY C 59 -9.64 27.38 28.75
CA GLY C 59 -8.22 27.21 28.56
C GLY C 59 -7.66 27.85 27.31
N THR C 60 -6.35 27.67 27.10
CA THR C 60 -5.69 28.23 25.95
C THR C 60 -4.67 27.25 25.39
N GLY C 61 -4.11 27.58 24.23
CA GLY C 61 -3.12 26.73 23.62
C GLY C 61 -3.64 25.48 22.93
N PRO C 62 -2.78 24.80 22.16
CA PRO C 62 -3.07 23.57 21.41
C PRO C 62 -3.65 22.46 22.28
N VAL C 63 -4.74 21.84 21.86
CA VAL C 63 -5.32 20.77 22.66
C VAL C 63 -4.34 19.60 22.60
N GLY C 64 -3.62 19.48 21.49
CA GLY C 64 -2.65 18.41 21.33
C GLY C 64 -1.56 18.49 22.39
N HIS C 65 -1.27 19.70 22.87
CA HIS C 65 -0.22 19.92 23.86
C HIS C 65 -0.64 19.80 25.32
N MET C 66 -1.92 19.58 25.59
CA MET C 66 -2.41 19.49 26.97
C MET C 66 -2.75 18.06 27.34
N LEU C 67 -2.63 17.72 28.62
CA LEU C 67 -2.95 16.37 29.08
C LEU C 67 -4.46 16.32 29.33
N SER C 68 -5.04 15.13 29.32
CA SER C 68 -6.48 15.05 29.50
C SER C 68 -6.97 15.47 30.88
N SER C 69 -6.22 15.15 31.93
CA SER C 69 -6.65 15.51 33.29
C SER C 69 -6.98 16.97 33.38
N GLU C 70 -6.14 17.80 32.78
CA GLU C 70 -6.34 19.24 32.78
C GLU C 70 -7.55 19.56 31.90
N ILE C 71 -7.54 19.06 30.67
CA ILE C 71 -8.63 19.29 29.73
C ILE C 71 -10.00 18.96 30.34
N ASP C 72 -10.08 17.82 31.01
CA ASP C 72 -11.33 17.39 31.64
C ASP C 72 -11.85 18.37 32.68
N THR C 73 -11.01 19.32 33.07
CA THR C 73 -11.39 20.31 34.07
C THR C 73 -11.74 21.68 33.49
N LEU C 74 -11.59 21.84 32.18
CA LEU C 74 -11.88 23.13 31.53
C LEU C 74 -13.38 23.42 31.39
N ASP C 75 -13.71 24.70 31.26
CA ASP C 75 -15.10 25.13 31.07
C ASP C 75 -15.29 25.32 29.57
N ALA C 76 -16.24 24.59 28.99
CA ALA C 76 -16.49 24.69 27.56
C ALA C 76 -17.89 25.21 27.23
N GLY C 77 -18.55 25.82 28.20
CA GLY C 77 -19.90 26.33 27.97
C GLY C 77 -20.19 27.73 28.52
N GLY C 78 -19.31 28.23 29.38
CA GLY C 78 -19.51 29.54 29.96
C GLY C 78 -19.27 30.70 28.99
N TRP C 79 -18.47 30.46 27.97
CA TRP C 79 -18.18 31.50 26.98
C TRP C 79 -19.44 31.83 26.20
N PHE C 80 -20.35 30.86 26.11
CA PHE C 80 -21.61 31.04 25.39
C PHE C 80 -22.59 31.81 26.27
N ASP C 81 -22.82 31.28 27.47
CA ASP C 81 -23.72 31.87 28.45
C ASP C 81 -23.41 31.31 29.83
N ASP C 82 -23.76 32.05 30.87
CA ASP C 82 -23.51 31.61 32.23
C ASP C 82 -24.47 30.48 32.59
N ARG C 83 -25.49 30.32 31.75
CA ARG C 83 -26.50 29.30 31.94
C ARG C 83 -25.93 27.92 31.62
N PHE C 84 -24.75 27.92 31.00
CA PHE C 84 -24.12 26.66 30.67
C PHE C 84 -22.96 26.36 31.62
N GLY C 86 -20.37 25.09 33.60
CA GLY C 86 -19.07 24.65 33.15
C GLY C 86 -19.25 23.31 32.46
N ALA C 87 -19.78 23.36 31.24
CA ALA C 87 -19.97 22.14 30.47
C ALA C 87 -18.55 21.61 30.22
N ILE C 88 -18.44 20.34 29.86
CA ILE C 88 -17.12 19.77 29.64
C ILE C 88 -16.78 19.59 28.17
N VAL C 89 -15.49 19.51 27.85
CA VAL C 89 -15.06 19.24 26.49
C VAL C 89 -15.27 17.72 26.50
N PRO C 90 -16.37 17.23 25.92
CA PRO C 90 -16.66 15.79 25.91
C PRO C 90 -15.57 14.86 25.43
N ARG C 91 -15.56 13.66 26.00
CA ARG C 91 -14.62 12.63 25.60
C ARG C 91 -15.44 11.85 24.60
N LEU C 92 -14.82 11.50 23.48
CA LEU C 92 -15.49 10.75 22.46
C LEU C 92 -16.08 9.50 23.12
N ASP C 93 -15.41 9.03 24.17
CA ASP C 93 -15.86 7.89 24.96
C ASP C 93 -17.34 8.02 25.32
N ALA C 94 -17.60 9.01 26.19
CA ALA C 94 -18.94 9.27 26.70
C ALA C 94 -19.86 9.85 25.66
N TYR C 95 -19.40 10.91 25.00
CA TYR C 95 -20.19 11.59 23.98
C TYR C 95 -20.86 10.62 23.01
N LEU C 96 -20.14 9.57 22.63
CA LEU C 96 -20.67 8.60 21.69
C LEU C 96 -21.59 7.60 22.39
N GLU C 97 -21.17 7.14 23.56
CA GLU C 97 -21.97 6.18 24.31
C GLU C 97 -23.31 6.81 24.65
N HIS C 98 -23.26 8.11 24.90
CA HIS C 98 -24.44 8.89 25.23
C HIS C 98 -25.36 9.05 24.01
N LEU C 99 -24.76 9.11 22.82
CA LEU C 99 -25.52 9.27 21.59
C LEU C 99 -25.99 7.95 21.01
N ARG C 100 -25.28 6.87 21.33
CA ARG C 100 -25.62 5.56 20.82
C ARG C 100 -27.08 5.21 21.03
N GLY C 101 -27.74 4.81 19.96
CA GLY C 101 -29.15 4.43 20.04
C GLY C 101 -30.09 5.61 19.91
N ARG C 102 -29.60 6.81 20.22
CA ARG C 102 -30.40 8.02 20.16
C ARG C 102 -30.30 8.74 18.80
N ALA C 103 -29.21 8.51 18.08
CA ALA C 103 -29.00 9.15 16.77
C ALA C 103 -27.75 8.64 16.06
N GLY C 104 -27.62 9.03 14.79
CA GLY C 104 -26.45 8.65 14.03
C GLY C 104 -25.41 9.73 14.27
N VAL C 105 -24.14 9.39 14.11
CA VAL C 105 -23.08 10.37 14.34
C VAL C 105 -22.16 10.56 13.14
N TYR C 106 -22.07 11.82 12.70
CA TYR C 106 -21.19 12.16 11.59
C TYR C 106 -19.94 12.63 12.31
N ILE C 107 -18.90 11.79 12.24
CA ILE C 107 -17.63 12.05 12.89
C ILE C 107 -16.63 12.65 11.91
N GLU C 108 -16.11 13.82 12.23
CA GLU C 108 -15.13 14.44 11.35
C GLU C 108 -13.84 14.47 12.10
N LEU C 109 -12.81 13.82 11.53
CA LEU C 109 -11.50 13.83 12.17
C LEU C 109 -10.82 15.13 11.81
N LYS C 110 -10.21 15.76 12.81
CA LYS C 110 -9.49 16.99 12.62
C LYS C 110 -8.02 16.58 12.67
N TYR C 111 -7.65 15.88 13.73
CA TYR C 111 -6.30 15.36 13.93
C TYR C 111 -6.28 14.49 15.19
N CYS C 112 -6.14 13.19 14.98
CA CYS C 112 -6.12 12.24 16.08
C CYS C 112 -5.65 10.91 15.51
N ASP C 113 -5.73 9.85 16.31
CA ASP C 113 -5.32 8.54 15.84
C ASP C 113 -6.52 7.79 15.28
N PRO C 114 -6.53 7.57 13.96
CA PRO C 114 -7.64 6.86 13.32
C PRO C 114 -7.87 5.45 13.91
N ALA C 115 -6.81 4.83 14.41
CA ALA C 115 -6.92 3.51 15.00
C ALA C 115 -7.80 3.55 16.25
N LYS C 116 -7.56 4.55 17.09
CA LYS C 116 -8.33 4.72 18.32
C LYS C 116 -9.81 4.92 17.98
N VAL C 117 -10.08 5.72 16.94
CA VAL C 117 -11.44 5.97 16.49
C VAL C 117 -12.05 4.65 16.02
N ALA C 118 -11.35 3.92 15.16
CA ALA C 118 -11.84 2.64 14.69
C ALA C 118 -12.14 1.69 15.86
N ALA C 119 -11.14 1.48 16.71
CA ALA C 119 -11.30 0.59 17.85
C ALA C 119 -12.52 0.97 18.69
N LEU C 120 -12.66 2.28 18.97
CA LEU C 120 -13.79 2.76 19.77
C LEU C 120 -15.12 2.52 19.09
N VAL C 121 -15.27 3.01 17.87
CA VAL C 121 -16.54 2.82 17.19
C VAL C 121 -16.87 1.34 17.06
N ARG C 122 -15.85 0.51 16.87
CA ARG C 122 -16.07 -0.93 16.77
C ARG C 122 -16.52 -1.50 18.12
N HIS C 123 -15.92 -1.03 19.19
CA HIS C 123 -16.26 -1.48 20.54
C HIS C 123 -17.74 -1.20 20.86
N LEU C 124 -18.18 0.02 20.55
CA LEU C 124 -19.55 0.47 20.82
C LEU C 124 -20.59 -0.14 19.86
N GLY C 125 -20.12 -0.72 18.76
CA GLY C 125 -21.01 -1.33 17.80
C GLY C 125 -21.76 -0.29 16.99
N MET C 126 -21.13 0.86 16.78
CA MET C 126 -21.77 1.93 16.04
C MET C 126 -21.28 2.14 14.60
N VAL C 127 -20.77 1.09 13.97
CA VAL C 127 -20.25 1.19 12.61
C VAL C 127 -21.30 1.58 11.56
N ARG C 128 -22.41 0.85 11.53
CA ARG C 128 -23.47 1.10 10.57
C ARG C 128 -23.97 2.52 10.59
N ASP C 129 -24.29 3.01 11.79
CA ASP C 129 -24.85 4.34 11.94
C ASP C 129 -23.83 5.48 12.10
N THR C 130 -22.72 5.40 11.38
CA THR C 130 -21.71 6.43 11.52
C THR C 130 -21.02 6.66 10.19
N PHE C 131 -20.59 7.89 9.93
CA PHE C 131 -19.84 8.16 8.70
C PHE C 131 -18.74 9.21 8.90
N TYR C 132 -17.68 9.09 8.12
CA TYR C 132 -16.52 9.94 8.31
C TYR C 132 -16.06 10.85 7.18
N PHE C 133 -15.27 11.85 7.55
CA PHE C 133 -14.70 12.81 6.62
C PHE C 133 -13.59 13.53 7.33
N SER C 134 -12.79 14.25 6.55
CA SER C 134 -11.70 15.03 7.13
C SER C 134 -11.01 15.84 6.05
N PHE C 135 -10.66 17.08 6.37
CA PHE C 135 -9.96 17.93 5.41
C PHE C 135 -8.48 17.58 5.40
N SER C 136 -8.05 16.83 6.41
CA SER C 136 -6.67 16.38 6.52
C SER C 136 -6.47 15.12 5.68
N GLU C 137 -5.62 15.21 4.67
CA GLU C 137 -5.39 14.05 3.85
C GLU C 137 -4.75 12.93 4.69
N GLU C 138 -3.91 13.34 5.64
CA GLU C 138 -3.25 12.39 6.51
C GLU C 138 -4.32 11.53 7.20
N MET C 139 -5.32 12.20 7.78
CA MET C 139 -6.41 11.53 8.46
C MET C 139 -7.22 10.62 7.53
N ARG C 140 -7.58 11.10 6.34
CA ARG C 140 -8.35 10.27 5.41
C ARG C 140 -7.59 9.01 5.04
N GLN C 141 -6.35 9.18 4.60
CA GLN C 141 -5.55 8.01 4.22
C GLN C 141 -5.43 7.02 5.36
N GLY C 142 -5.22 7.56 6.57
CA GLY C 142 -5.07 6.73 7.75
C GLY C 142 -6.32 5.92 8.02
N LEU C 143 -7.45 6.60 8.01
CA LEU C 143 -8.72 5.95 8.27
C LEU C 143 -9.05 5.04 7.10
N GLN C 144 -8.59 5.43 5.91
CA GLN C 144 -8.85 4.65 4.72
C GLN C 144 -8.06 3.34 4.76
N SER C 145 -6.94 3.35 5.46
CA SER C 145 -6.13 2.16 5.54
C SER C 145 -6.51 1.26 6.70
N ILE C 146 -7.06 1.85 7.73
CA ILE C 146 -7.44 1.10 8.90
C ILE C 146 -8.89 0.67 8.85
N ALA C 147 -9.77 1.51 8.30
CA ALA C 147 -11.19 1.20 8.24
C ALA C 147 -11.84 1.45 6.88
N PRO C 148 -11.48 0.63 5.87
CA PRO C 148 -12.06 0.83 4.55
C PRO C 148 -13.59 0.65 4.55
N GLU C 149 -14.08 -0.25 5.40
CA GLU C 149 -15.51 -0.53 5.45
C GLU C 149 -16.40 0.57 6.00
N PHE C 150 -15.82 1.55 6.68
CA PHE C 150 -16.62 2.62 7.23
C PHE C 150 -17.24 3.52 6.16
N ARG C 151 -18.41 4.05 6.46
CA ARG C 151 -19.06 4.96 5.54
C ARG C 151 -18.28 6.26 5.64
N ARG C 152 -17.92 6.84 4.49
CA ARG C 152 -17.20 8.10 4.51
C ARG C 152 -17.81 8.94 3.41
N MET C 153 -17.54 10.25 3.45
CA MET C 153 -18.08 11.15 2.44
C MET C 153 -17.03 12.04 1.83
N MET C 154 -17.31 12.55 0.63
CA MET C 154 -16.39 13.46 -0.02
C MET C 154 -17.24 14.61 -0.55
N THR C 155 -16.68 15.83 -0.58
CA THR C 155 -17.43 16.97 -1.07
C THR C 155 -17.20 17.12 -2.58
N LEU C 156 -18.26 17.54 -3.29
CA LEU C 156 -18.15 17.71 -4.72
C LEU C 156 -17.01 18.70 -4.97
N ASP C 157 -16.85 19.64 -4.04
CA ASP C 157 -15.79 20.63 -4.14
C ASP C 157 -14.43 20.01 -4.37
N ILE C 158 -14.15 18.94 -3.65
CA ILE C 158 -12.86 18.26 -3.78
C ILE C 158 -12.90 17.18 -4.88
N ALA C 159 -13.97 16.39 -4.92
CA ALA C 159 -14.11 15.30 -5.89
C ALA C 159 -14.20 15.74 -7.34
N LYS C 160 -14.54 17.00 -7.57
CA LYS C 160 -14.63 17.53 -8.93
C LYS C 160 -15.80 16.96 -9.73
N SER C 161 -16.17 15.72 -9.43
CA SER C 161 -17.26 15.06 -10.11
C SER C 161 -17.89 13.96 -9.27
N PRO C 162 -19.23 13.84 -9.29
CA PRO C 162 -19.95 12.82 -8.52
C PRO C 162 -19.41 11.42 -8.81
N SER C 163 -18.98 11.20 -10.03
CA SER C 163 -18.44 9.91 -10.45
C SER C 163 -17.10 9.54 -9.81
N LEU C 164 -16.41 10.54 -9.25
CA LEU C 164 -15.11 10.30 -8.64
C LEU C 164 -15.14 10.20 -7.12
N VAL C 165 -16.27 10.57 -6.52
CA VAL C 165 -16.45 10.50 -5.07
C VAL C 165 -16.18 9.07 -4.54
N GLY C 166 -16.68 8.08 -5.26
CA GLY C 166 -16.46 6.70 -4.87
C GLY C 166 -15.17 6.21 -5.51
N ALA C 167 -15.07 6.36 -6.82
CA ALA C 167 -13.90 5.91 -7.58
C ALA C 167 -12.56 6.40 -7.11
N VAL C 168 -12.46 7.69 -6.79
CA VAL C 168 -11.17 8.22 -6.38
C VAL C 168 -11.06 8.44 -4.88
N HIS C 169 -12.13 8.95 -4.28
CA HIS C 169 -12.13 9.24 -2.87
C HIS C 169 -12.75 8.17 -1.97
N HIS C 170 -13.09 7.04 -2.58
CA HIS C 170 -13.66 5.90 -1.87
C HIS C 170 -14.79 6.21 -0.92
N ALA C 171 -15.62 7.18 -1.26
CA ALA C 171 -16.70 7.55 -0.37
C ALA C 171 -18.04 7.09 -0.89
N SER C 172 -19.01 6.92 0.02
CA SER C 172 -20.34 6.48 -0.36
C SER C 172 -21.35 7.60 -0.20
N ILE C 173 -20.89 8.76 0.27
CA ILE C 173 -21.73 9.92 0.48
C ILE C 173 -21.08 11.17 -0.11
N ILE C 174 -21.86 11.97 -0.83
CA ILE C 174 -21.33 13.18 -1.43
C ILE C 174 -21.97 14.42 -0.84
N GLU C 175 -21.15 15.35 -0.37
CA GLU C 175 -21.70 16.59 0.17
C GLU C 175 -21.64 17.69 -0.89
N ILE C 176 -22.79 18.31 -1.12
CA ILE C 176 -22.91 19.36 -2.10
C ILE C 176 -23.58 20.57 -1.48
N THR C 177 -23.32 21.71 -2.09
CA THR C 177 -23.89 22.98 -1.66
C THR C 177 -25.26 23.14 -2.30
N PRO C 178 -26.03 24.14 -1.87
CA PRO C 178 -27.35 24.35 -2.46
C PRO C 178 -27.24 24.64 -3.96
N ALA C 179 -26.23 25.41 -4.34
CA ALA C 179 -26.04 25.71 -5.75
C ALA C 179 -25.87 24.41 -6.52
N GLN C 180 -25.08 23.49 -5.98
CA GLN C 180 -24.87 22.23 -6.68
C GLN C 180 -26.11 21.37 -6.67
N MET C 181 -26.88 21.48 -5.59
CA MET C 181 -28.11 20.72 -5.48
C MET C 181 -29.02 21.06 -6.65
N ARG C 182 -29.14 22.37 -6.91
CA ARG C 182 -29.97 22.89 -7.99
C ARG C 182 -29.57 22.42 -9.39
N ARG C 183 -28.27 22.38 -9.68
CA ARG C 183 -27.82 21.94 -11.00
C ARG C 183 -28.50 20.61 -11.29
N PRO C 184 -29.26 20.54 -12.38
CA PRO C 184 -29.98 19.33 -12.80
C PRO C 184 -29.22 18.01 -12.73
N GLY C 185 -28.21 17.86 -13.57
CA GLY C 185 -27.47 16.62 -13.56
C GLY C 185 -26.73 16.22 -12.28
N ILE C 186 -26.36 17.17 -11.45
CA ILE C 186 -25.61 16.78 -10.26
C ILE C 186 -26.27 15.69 -9.41
N ILE C 187 -27.57 15.78 -9.19
CA ILE C 187 -28.26 14.76 -8.41
C ILE C 187 -28.42 13.46 -9.19
N GLU C 188 -28.82 13.56 -10.44
CA GLU C 188 -28.98 12.35 -11.25
C GLU C 188 -27.63 11.60 -11.30
N ALA C 189 -26.54 12.34 -11.43
CA ALA C 189 -25.21 11.73 -11.48
C ALA C 189 -24.87 11.07 -10.14
N SER C 190 -25.02 11.80 -9.05
CA SER C 190 -24.73 11.26 -7.73
C SER C 190 -25.52 9.95 -7.55
N ARG C 191 -26.77 9.95 -8.02
CA ARG C 191 -27.62 8.77 -7.92
C ARG C 191 -27.09 7.65 -8.80
N LYS C 192 -26.65 7.97 -10.02
CA LYS C 192 -26.12 6.91 -10.88
C LYS C 192 -24.94 6.24 -10.17
N ALA C 193 -24.14 7.05 -9.47
CA ALA C 193 -22.99 6.55 -8.73
C ALA C 193 -23.38 5.83 -7.42
N GLY C 194 -24.66 5.80 -7.10
CA GLY C 194 -25.10 5.12 -5.88
C GLY C 194 -24.67 5.76 -4.58
N LEU C 195 -24.68 7.09 -4.54
CA LEU C 195 -24.27 7.83 -3.35
C LEU C 195 -25.42 8.39 -2.56
N GLU C 196 -25.27 8.47 -1.24
CA GLU C 196 -26.30 9.07 -0.45
C GLU C 196 -25.95 10.52 -0.74
N ILE C 197 -26.88 11.45 -0.59
CA ILE C 197 -26.59 12.85 -0.87
C ILE C 197 -26.93 13.75 0.29
N MET C 198 -25.93 14.49 0.75
CA MET C 198 -26.08 15.41 1.86
C MET C 198 -25.77 16.81 1.35
N VAL C 199 -26.61 17.77 1.71
CA VAL C 199 -26.40 19.14 1.29
C VAL C 199 -26.06 19.91 2.54
N TYR C 200 -25.10 20.82 2.42
CA TYR C 200 -24.68 21.63 3.54
C TYR C 200 -25.32 23.03 3.46
N TYR C 201 -25.92 23.48 4.55
CA TYR C 201 -26.53 24.80 4.61
C TYR C 201 -26.75 25.24 6.06
N GLY C 202 -26.00 26.24 6.50
CA GLY C 202 -26.12 26.70 7.87
C GLY C 202 -26.76 28.07 8.00
N GLY C 203 -27.83 28.33 7.25
CA GLY C 203 -28.50 29.61 7.31
C GLY C 203 -29.94 29.59 7.81
N ASP C 204 -30.60 30.74 7.77
CA ASP C 204 -31.98 30.91 8.25
C ASP C 204 -33.08 30.91 7.20
N ASP C 205 -32.73 31.03 5.92
CA ASP C 205 -33.75 31.09 4.90
C ASP C 205 -34.65 29.86 4.84
N MET C 206 -35.85 30.02 5.38
CA MET C 206 -36.84 28.94 5.42
C MET C 206 -37.03 28.38 4.01
N ALA C 207 -36.98 29.27 3.03
CA ALA C 207 -37.16 28.88 1.64
C ALA C 207 -36.09 27.87 1.23
N VAL C 208 -34.83 28.15 1.56
CA VAL C 208 -33.73 27.27 1.23
C VAL C 208 -33.94 25.91 1.90
N HIS C 209 -34.34 25.93 3.17
CA HIS C 209 -34.61 24.69 3.90
C HIS C 209 -35.68 23.89 3.17
N ARG C 210 -36.77 24.57 2.79
CA ARG C 210 -37.86 23.90 2.10
C ARG C 210 -37.37 23.28 0.81
N GLU C 211 -36.77 24.10 -0.04
CA GLU C 211 -36.25 23.64 -1.33
C GLU C 211 -35.39 22.39 -1.18
N ILE C 212 -34.66 22.30 -0.07
CA ILE C 212 -33.82 21.13 0.18
C ILE C 212 -34.69 19.97 0.59
N ALA C 213 -35.55 20.20 1.58
CA ALA C 213 -36.47 19.17 2.07
C ALA C 213 -37.29 18.67 0.89
N THR C 214 -37.34 19.50 -0.15
CA THR C 214 -38.10 19.18 -1.35
C THR C 214 -37.32 18.39 -2.38
N SER C 215 -36.02 18.64 -2.50
CA SER C 215 -35.17 17.96 -3.48
C SER C 215 -34.87 16.50 -3.13
N ASP C 216 -34.33 15.77 -4.10
CA ASP C 216 -34.00 14.36 -3.91
C ASP C 216 -32.68 14.22 -3.14
N VAL C 217 -32.70 14.67 -1.89
CA VAL C 217 -31.54 14.67 -1.01
C VAL C 217 -31.74 13.78 0.21
N ASP C 218 -30.70 13.06 0.63
CA ASP C 218 -30.80 12.17 1.79
C ASP C 218 -30.46 12.81 3.14
N TYR C 219 -29.68 13.88 3.14
CA TYR C 219 -29.33 14.53 4.41
C TYR C 219 -29.14 16.02 4.23
N ILE C 220 -29.20 16.74 5.35
CA ILE C 220 -28.94 18.17 5.36
C ILE C 220 -28.04 18.42 6.58
N ASN C 221 -26.87 19.00 6.33
CA ASN C 221 -25.92 19.29 7.41
C ASN C 221 -26.17 20.75 7.68
N LEU C 222 -26.86 21.03 8.78
CA LEU C 222 -27.24 22.40 9.12
C LEU C 222 -26.86 22.95 10.49
N ASP C 223 -27.03 24.25 10.65
CA ASP C 223 -26.74 24.92 11.92
C ASP C 223 -28.03 25.29 12.67
N ARG C 224 -29.17 24.86 12.13
CA ARG C 224 -30.47 25.13 12.74
C ARG C 224 -31.47 24.00 12.42
N PRO C 225 -31.42 22.91 13.18
CA PRO C 225 -32.31 21.74 13.00
C PRO C 225 -33.78 22.12 13.13
N ASP C 226 -34.07 22.96 14.13
CA ASP C 226 -35.43 23.43 14.40
C ASP C 226 -36.13 23.91 13.12
N LEU C 227 -35.46 24.78 12.36
CA LEU C 227 -36.05 25.29 11.13
C LEU C 227 -36.39 24.17 10.14
N PHE C 228 -35.39 23.37 9.79
CA PHE C 228 -35.62 22.30 8.85
C PHE C 228 -36.64 21.29 9.38
N ALA C 229 -36.65 21.07 10.68
CA ALA C 229 -37.59 20.12 11.28
C ALA C 229 -39.03 20.56 11.02
N ALA C 230 -39.27 21.86 11.12
CA ALA C 230 -40.60 22.43 10.91
C ALA C 230 -40.96 22.34 9.44
N VAL C 231 -40.01 22.68 8.58
CA VAL C 231 -40.21 22.62 7.15
C VAL C 231 -40.49 21.18 6.72
N ARG C 232 -39.90 20.23 7.44
CA ARG C 232 -40.11 18.83 7.13
C ARG C 232 -41.52 18.47 7.59
N SER C 233 -42.01 19.20 8.58
CA SER C 233 -43.35 18.96 9.13
C SER C 233 -44.38 19.03 8.02
N GLY C 234 -44.29 20.07 7.20
CA GLY C 234 -45.21 20.23 6.10
C GLY C 234 -45.38 18.96 5.29
N MET D 1 -37.95 -8.31 5.24
CA MET D 1 -38.13 -9.72 4.77
C MET D 1 -36.89 -10.20 4.02
N THR D 2 -36.48 -11.43 4.29
CA THR D 2 -35.31 -12.01 3.64
C THR D 2 -35.35 -11.85 2.11
N LYS D 3 -34.23 -11.40 1.53
CA LYS D 3 -34.12 -11.25 0.09
C LYS D 3 -33.49 -12.51 -0.50
N ILE D 4 -33.88 -12.86 -1.71
CA ILE D 4 -33.40 -14.06 -2.37
C ILE D 4 -32.18 -13.83 -3.26
N VAL D 5 -31.13 -14.61 -3.00
CA VAL D 5 -29.88 -14.53 -3.75
C VAL D 5 -29.70 -15.83 -4.54
N SER D 6 -29.96 -15.77 -5.85
CA SER D 6 -29.84 -16.94 -6.71
C SER D 6 -28.42 -17.34 -7.07
N HIS D 7 -27.98 -18.43 -6.46
CA HIS D 7 -26.64 -18.98 -6.69
C HIS D 7 -26.54 -19.57 -8.09
N ARG D 8 -25.74 -18.92 -8.94
CA ARG D 8 -25.56 -19.33 -10.33
C ARG D 8 -26.91 -19.41 -11.04
N GLY D 9 -27.88 -18.65 -10.55
CA GLY D 9 -29.20 -18.67 -11.15
C GLY D 9 -29.90 -19.97 -10.81
N ALA D 10 -31.19 -20.05 -11.11
CA ALA D 10 -31.99 -21.25 -10.85
C ALA D 10 -31.35 -22.42 -11.57
N ASN D 11 -30.25 -22.93 -11.01
CA ASN D 11 -29.50 -24.02 -11.62
C ASN D 11 -30.08 -25.42 -11.48
N ARG D 12 -31.04 -25.59 -10.59
CA ARG D 12 -31.63 -26.90 -10.39
C ARG D 12 -32.47 -27.29 -11.61
N PHE D 13 -33.00 -26.29 -12.30
CA PHE D 13 -33.83 -26.53 -13.48
C PHE D 13 -33.37 -25.77 -14.73
N ALA D 14 -32.12 -25.30 -14.73
CA ALA D 14 -31.57 -24.58 -15.87
C ALA D 14 -30.05 -24.62 -15.81
N PRO D 15 -29.38 -24.39 -16.95
CA PRO D 15 -27.91 -24.41 -16.96
C PRO D 15 -27.37 -23.24 -16.14
N GLU D 16 -26.45 -23.55 -15.21
CA GLU D 16 -25.87 -22.53 -14.34
C GLU D 16 -25.10 -21.44 -15.10
N ASN D 17 -25.28 -20.19 -14.67
CA ASN D 17 -24.61 -19.06 -15.28
C ASN D 17 -24.98 -19.00 -16.75
N THR D 18 -26.27 -18.78 -16.97
CA THR D 18 -26.86 -18.70 -18.28
C THR D 18 -27.96 -17.67 -18.17
N PHE D 19 -28.37 -17.04 -19.27
CA PHE D 19 -29.45 -16.07 -19.19
C PHE D 19 -30.73 -16.80 -18.82
N ALA D 20 -30.90 -18.01 -19.36
CA ALA D 20 -32.08 -18.82 -19.09
C ALA D 20 -32.20 -19.08 -17.59
N ALA D 21 -31.15 -19.63 -17.00
CA ALA D 21 -31.13 -19.92 -15.58
C ALA D 21 -31.41 -18.68 -14.75
N ALA D 22 -30.87 -17.54 -15.18
CA ALA D 22 -31.03 -16.27 -14.47
C ALA D 22 -32.43 -15.67 -14.61
N ASP D 23 -32.99 -15.71 -15.83
CA ASP D 23 -34.34 -15.18 -16.03
C ASP D 23 -35.32 -16.08 -15.29
N LEU D 24 -34.97 -17.35 -15.18
CA LEU D 24 -35.79 -18.33 -14.50
C LEU D 24 -35.86 -17.97 -13.01
N ALA D 25 -34.70 -17.83 -12.38
CA ALA D 25 -34.63 -17.49 -10.97
C ALA D 25 -35.32 -16.15 -10.72
N LEU D 26 -35.17 -15.24 -11.67
CA LEU D 26 -35.76 -13.92 -11.57
C LEU D 26 -37.28 -14.04 -11.52
N GLN D 27 -37.84 -14.94 -12.34
CA GLN D 27 -39.27 -15.16 -12.39
C GLN D 27 -39.80 -15.92 -11.17
N GLN D 28 -38.91 -16.56 -10.44
CA GLN D 28 -39.30 -17.31 -9.26
C GLN D 28 -39.02 -16.49 -8.01
N GLY D 29 -39.10 -15.16 -8.17
CA GLY D 29 -38.91 -14.23 -7.07
C GLY D 29 -37.54 -13.80 -6.56
N ALA D 30 -36.48 -14.04 -7.34
CA ALA D 30 -35.13 -13.66 -6.91
C ALA D 30 -34.94 -12.14 -6.81
N ASP D 31 -34.30 -11.70 -5.72
CA ASP D 31 -34.03 -10.28 -5.50
C ASP D 31 -32.63 -9.92 -6.02
N TYR D 32 -31.73 -10.91 -5.99
CA TYR D 32 -30.35 -10.78 -6.44
C TYR D 32 -29.99 -12.04 -7.22
N ILE D 33 -28.95 -11.95 -8.05
CA ILE D 33 -28.45 -13.10 -8.78
C ILE D 33 -26.94 -13.08 -8.56
N GLU D 34 -26.39 -14.25 -8.26
CA GLU D 34 -24.98 -14.40 -7.99
C GLU D 34 -24.28 -14.87 -9.25
N LEU D 35 -23.09 -14.33 -9.53
CA LEU D 35 -22.33 -14.71 -10.71
C LEU D 35 -20.97 -15.26 -10.37
N ASP D 36 -20.35 -15.88 -11.36
CA ASP D 36 -19.01 -16.40 -11.23
C ASP D 36 -18.32 -15.70 -12.41
N VAL D 37 -17.13 -15.13 -12.22
CA VAL D 37 -16.44 -14.45 -13.32
C VAL D 37 -14.96 -14.74 -13.52
N ARG D 38 -14.61 -14.99 -14.78
CA ARG D 38 -13.24 -15.26 -15.23
C ARG D 38 -12.97 -14.42 -16.48
N GLU D 39 -11.71 -14.31 -16.88
CA GLU D 39 -11.35 -13.50 -18.03
C GLU D 39 -10.71 -14.34 -19.11
N SER D 40 -11.05 -14.04 -20.37
CA SER D 40 -10.50 -14.76 -21.51
C SER D 40 -9.04 -14.40 -21.77
N ALA D 41 -8.40 -15.18 -22.63
CA ALA D 41 -7.01 -14.95 -22.99
C ALA D 41 -6.78 -13.52 -23.46
N ASP D 42 -7.80 -12.92 -24.08
CA ASP D 42 -7.70 -11.56 -24.60
C ASP D 42 -8.46 -10.51 -23.80
N GLY D 43 -8.48 -10.70 -22.49
CA GLY D 43 -9.13 -9.76 -21.60
C GLY D 43 -10.63 -9.52 -21.60
N VAL D 44 -11.44 -10.53 -21.91
CA VAL D 44 -12.89 -10.31 -21.87
C VAL D 44 -13.49 -10.99 -20.63
N LEU D 45 -14.42 -10.31 -19.97
CA LEU D 45 -15.05 -10.81 -18.76
C LEU D 45 -16.23 -11.74 -19.05
N TYR D 46 -16.13 -12.99 -18.59
CA TYR D 46 -17.18 -13.98 -18.80
C TYR D 46 -17.81 -14.52 -17.52
N VAL D 47 -19.06 -14.94 -17.62
CA VAL D 47 -19.79 -15.50 -16.49
C VAL D 47 -19.70 -17.03 -16.51
N ILE D 48 -18.70 -17.59 -15.84
CA ILE D 48 -18.50 -19.03 -15.79
C ILE D 48 -17.80 -19.42 -14.47
N HIS D 49 -18.15 -20.58 -13.91
CA HIS D 49 -17.57 -21.02 -12.65
C HIS D 49 -16.21 -21.73 -12.74
N ASP D 50 -16.20 -22.96 -13.25
CA ASP D 50 -14.96 -23.72 -13.32
C ASP D 50 -13.84 -22.98 -14.02
N GLU D 51 -12.60 -23.33 -13.70
CA GLU D 51 -11.44 -22.69 -14.32
C GLU D 51 -11.35 -23.10 -15.79
N THR D 52 -11.87 -24.28 -16.11
CA THR D 52 -11.84 -24.77 -17.48
C THR D 52 -13.24 -24.81 -18.09
N LEU D 53 -13.31 -25.09 -19.38
CA LEU D 53 -14.56 -25.12 -20.12
C LEU D 53 -15.29 -26.47 -20.14
N ASP D 54 -14.53 -27.55 -19.97
CA ASP D 54 -15.06 -28.90 -20.00
C ASP D 54 -16.44 -29.15 -19.41
N ARG D 55 -16.58 -28.91 -18.11
CA ARG D 55 -17.83 -29.14 -17.42
C ARG D 55 -19.11 -28.46 -17.90
N THR D 56 -19.13 -27.14 -18.01
CA THR D 56 -20.37 -26.47 -18.42
C THR D 56 -20.51 -26.01 -19.87
N THR D 57 -19.65 -26.49 -20.75
CA THR D 57 -19.72 -26.11 -22.17
C THR D 57 -19.15 -27.24 -23.04
N ASN D 58 -19.23 -27.07 -24.36
CA ASN D 58 -18.72 -28.10 -25.25
C ASN D 58 -17.26 -27.88 -25.60
N GLY D 59 -16.61 -26.98 -24.86
CA GLY D 59 -15.21 -26.70 -25.11
C GLY D 59 -14.35 -27.44 -24.11
N THR D 60 -13.06 -27.11 -24.07
CA THR D 60 -12.14 -27.76 -23.15
C THR D 60 -10.93 -26.90 -22.81
N GLY D 61 -10.34 -27.17 -21.65
CA GLY D 61 -9.17 -26.42 -21.23
C GLY D 61 -9.47 -25.14 -20.47
N PRO D 62 -8.42 -24.44 -20.01
CA PRO D 62 -8.57 -23.18 -19.27
C PRO D 62 -9.17 -22.04 -20.08
N VAL D 63 -10.17 -21.38 -19.48
CA VAL D 63 -10.86 -20.25 -20.09
C VAL D 63 -9.88 -19.11 -20.31
N GLY D 64 -8.85 -19.04 -19.47
CA GLY D 64 -7.86 -17.99 -19.61
C GLY D 64 -6.98 -18.16 -20.84
N HIS D 65 -7.10 -19.29 -21.54
CA HIS D 65 -6.28 -19.55 -22.72
C HIS D 65 -7.06 -19.53 -24.05
N MET D 66 -8.35 -19.22 -24.01
CA MET D 66 -9.14 -19.20 -25.22
C MET D 66 -9.58 -17.76 -25.51
N LEU D 67 -9.59 -17.38 -26.78
CA LEU D 67 -9.98 -16.03 -27.19
C LEU D 67 -11.48 -15.86 -27.04
N SER D 68 -11.92 -14.64 -26.78
CA SER D 68 -13.34 -14.39 -26.60
C SER D 68 -14.16 -14.86 -27.81
N SER D 69 -13.59 -14.66 -29.00
CA SER D 69 -14.25 -15.04 -30.25
C SER D 69 -14.59 -16.53 -30.32
N GLU D 70 -13.72 -17.38 -29.76
CA GLU D 70 -13.97 -18.80 -29.77
C GLU D 70 -14.95 -19.15 -28.66
N ILE D 71 -14.84 -18.46 -27.54
CA ILE D 71 -15.71 -18.69 -26.40
C ILE D 71 -17.18 -18.40 -26.69
N ASP D 72 -17.45 -17.29 -27.38
CA ASP D 72 -18.81 -16.91 -27.72
C ASP D 72 -19.42 -17.91 -28.68
N THR D 73 -18.63 -18.92 -29.01
CA THR D 73 -19.04 -19.97 -29.92
C THR D 73 -19.67 -21.15 -29.19
N LEU D 74 -18.99 -21.59 -28.14
CA LEU D 74 -19.40 -22.72 -27.32
C LEU D 74 -20.87 -22.75 -26.90
N ASP D 75 -21.31 -23.93 -26.47
CA ASP D 75 -22.66 -24.17 -26.00
C ASP D 75 -22.56 -24.36 -24.49
N ALA D 76 -23.28 -23.54 -23.72
CA ALA D 76 -23.23 -23.63 -22.27
C ALA D 76 -24.52 -24.20 -21.67
N GLY D 77 -25.22 -25.01 -22.47
CA GLY D 77 -26.46 -25.61 -22.00
C GLY D 77 -26.58 -27.09 -22.34
N GLY D 78 -26.02 -27.51 -23.47
CA GLY D 78 -26.09 -28.89 -23.89
C GLY D 78 -25.89 -29.89 -22.77
N TRP D 79 -24.73 -29.81 -22.11
CA TRP D 79 -24.38 -30.70 -21.00
C TRP D 79 -25.56 -30.90 -20.04
N PHE D 80 -26.36 -29.84 -19.85
CA PHE D 80 -27.49 -29.89 -18.94
C PHE D 80 -28.66 -30.65 -19.57
N ASP D 81 -29.52 -29.92 -20.29
CA ASP D 81 -30.67 -30.53 -20.96
C ASP D 81 -30.61 -30.22 -22.45
N ASP D 82 -31.09 -31.16 -23.26
CA ASP D 82 -31.10 -30.95 -24.71
C ASP D 82 -31.89 -29.68 -24.97
N ARG D 83 -32.86 -29.42 -24.09
CA ARG D 83 -33.72 -28.24 -24.18
C ARG D 83 -32.91 -26.94 -24.13
N PHE D 84 -31.60 -27.07 -23.96
CA PHE D 84 -30.71 -25.92 -23.93
C PHE D 84 -29.53 -26.19 -24.88
N LYS D 85 -29.68 -25.80 -26.13
CA LYS D 85 -28.62 -25.99 -27.14
C LYS D 85 -27.92 -24.67 -27.47
N GLY D 86 -28.70 -23.61 -27.59
CA GLY D 86 -28.11 -22.31 -27.90
C GLY D 86 -27.18 -21.85 -26.78
N ALA D 87 -27.74 -21.79 -25.57
CA ALA D 87 -27.03 -21.39 -24.35
C ALA D 87 -25.58 -20.95 -24.54
N ILE D 88 -25.35 -19.65 -24.44
CA ILE D 88 -23.99 -19.11 -24.59
C ILE D 88 -23.35 -18.84 -23.23
N VAL D 89 -22.02 -18.76 -23.21
CA VAL D 89 -21.29 -18.42 -22.00
C VAL D 89 -21.39 -16.90 -22.01
N PRO D 90 -22.33 -16.32 -21.23
CA PRO D 90 -22.52 -14.87 -21.18
C PRO D 90 -21.31 -14.00 -20.82
N ARG D 91 -21.31 -12.78 -21.36
CA ARG D 91 -20.25 -11.82 -21.11
C ARG D 91 -20.74 -10.96 -19.96
N LEU D 92 -19.93 -10.88 -18.90
CA LEU D 92 -20.27 -10.08 -17.74
C LEU D 92 -20.93 -8.83 -18.29
N ASP D 93 -20.27 -8.30 -19.32
CA ASP D 93 -20.68 -7.14 -20.09
C ASP D 93 -22.22 -7.11 -20.30
N ALA D 94 -22.69 -7.99 -21.19
CA ALA D 94 -24.10 -8.09 -21.53
C ALA D 94 -24.98 -8.65 -20.40
N TYR D 95 -24.40 -9.57 -19.63
CA TYR D 95 -25.09 -10.19 -18.52
C TYR D 95 -25.58 -9.16 -17.49
N LEU D 96 -24.73 -8.20 -17.16
CA LEU D 96 -25.08 -7.15 -16.18
C LEU D 96 -26.02 -6.10 -16.75
N GLU D 97 -25.86 -5.79 -18.03
CA GLU D 97 -26.72 -4.79 -18.67
C GLU D 97 -28.15 -5.31 -18.57
N HIS D 98 -28.30 -6.60 -18.82
CA HIS D 98 -29.59 -7.25 -18.77
C HIS D 98 -30.23 -7.13 -17.39
N LEU D 99 -29.53 -7.64 -16.37
CA LEU D 99 -30.02 -7.59 -14.99
C LEU D 99 -30.17 -6.16 -14.47
N ARG D 100 -29.36 -5.25 -15.02
CA ARG D 100 -29.39 -3.85 -14.62
C ARG D 100 -30.82 -3.34 -14.52
N GLY D 101 -31.33 -3.28 -13.29
CA GLY D 101 -32.68 -2.78 -13.08
C GLY D 101 -33.73 -3.83 -12.76
N ARG D 102 -33.39 -5.11 -12.94
CA ARG D 102 -34.35 -6.18 -12.67
C ARG D 102 -34.03 -6.85 -11.34
N ALA D 103 -32.78 -6.76 -10.92
CA ALA D 103 -32.35 -7.37 -9.68
C ALA D 103 -31.01 -6.82 -9.22
N GLY D 104 -30.55 -7.35 -8.10
CA GLY D 104 -29.27 -6.98 -7.53
C GLY D 104 -28.30 -8.04 -8.00
N VAL D 105 -27.01 -7.79 -7.84
CA VAL D 105 -26.01 -8.73 -8.30
C VAL D 105 -24.91 -9.02 -7.27
N TYR D 106 -24.58 -10.29 -7.14
CA TYR D 106 -23.54 -10.73 -6.24
C TYR D 106 -22.49 -11.33 -7.17
N ILE D 107 -21.40 -10.58 -7.32
CA ILE D 107 -20.30 -10.93 -8.19
C ILE D 107 -19.14 -11.60 -7.49
N GLU D 108 -18.97 -12.90 -7.72
CA GLU D 108 -17.84 -13.58 -7.09
C GLU D 108 -16.73 -13.64 -8.13
N LEU D 109 -15.60 -13.02 -7.83
CA LEU D 109 -14.46 -13.03 -8.74
C LEU D 109 -13.70 -14.34 -8.59
N LYS D 110 -13.65 -15.10 -9.67
CA LYS D 110 -12.93 -16.36 -9.65
C LYS D 110 -11.46 -16.00 -9.89
N TYR D 111 -11.20 -15.42 -11.05
CA TYR D 111 -9.85 -14.97 -11.40
C TYR D 111 -9.94 -14.13 -12.66
N CYS D 112 -9.71 -12.84 -12.51
CA CYS D 112 -9.78 -11.91 -13.62
C CYS D 112 -9.10 -10.61 -13.21
N ASP D 113 -9.43 -9.54 -13.91
CA ASP D 113 -8.83 -8.25 -13.62
C ASP D 113 -9.84 -7.37 -12.90
N PRO D 114 -9.61 -7.12 -11.61
CA PRO D 114 -10.51 -6.27 -10.80
C PRO D 114 -10.81 -4.92 -11.46
N ALA D 115 -9.80 -4.29 -12.05
CA ALA D 115 -9.98 -2.99 -12.69
C ALA D 115 -11.11 -2.99 -13.72
N LYS D 116 -11.18 -4.07 -14.51
CA LYS D 116 -12.21 -4.19 -15.55
C LYS D 116 -13.60 -4.39 -14.92
N VAL D 117 -13.63 -5.03 -13.76
CA VAL D 117 -14.90 -5.24 -13.08
C VAL D 117 -15.39 -3.93 -12.48
N ALA D 118 -14.48 -3.17 -11.91
CA ALA D 118 -14.83 -1.88 -11.31
C ALA D 118 -15.17 -0.86 -12.40
N ALA D 119 -14.43 -0.91 -13.49
CA ALA D 119 -14.72 0.02 -14.57
C ALA D 119 -16.13 -0.30 -15.06
N LEU D 120 -16.37 -1.60 -15.29
CA LEU D 120 -17.67 -2.05 -15.77
C LEU D 120 -18.84 -1.68 -14.86
N VAL D 121 -18.75 -2.04 -13.59
CA VAL D 121 -19.86 -1.71 -12.70
C VAL D 121 -20.07 -0.21 -12.54
N ARG D 122 -19.00 0.57 -12.46
CA ARG D 122 -19.16 2.01 -12.30
C ARG D 122 -19.82 2.63 -13.52
N HIS D 123 -19.60 2.03 -14.69
CA HIS D 123 -20.18 2.54 -15.92
C HIS D 123 -21.66 2.22 -16.00
N LEU D 124 -22.04 1.04 -15.53
CA LEU D 124 -23.44 0.66 -15.58
C LEU D 124 -24.21 1.30 -14.42
N GLY D 125 -23.47 1.89 -13.49
CA GLY D 125 -24.11 2.53 -12.37
C GLY D 125 -24.72 1.51 -11.43
N MET D 126 -24.11 0.34 -11.38
CA MET D 126 -24.61 -0.72 -10.51
C MET D 126 -23.80 -0.88 -9.22
N VAL D 127 -23.30 0.22 -8.66
CA VAL D 127 -22.50 0.14 -7.44
C VAL D 127 -23.30 -0.14 -6.18
N ARG D 128 -24.44 0.51 -6.02
CA ARG D 128 -25.28 0.31 -4.84
C ARG D 128 -25.88 -1.09 -4.73
N ASP D 129 -26.23 -1.71 -5.87
CA ASP D 129 -26.86 -3.03 -5.85
C ASP D 129 -25.97 -4.21 -6.24
N THR D 130 -24.73 -4.20 -5.77
CA THR D 130 -23.79 -5.28 -6.03
C THR D 130 -22.88 -5.43 -4.84
N PHE D 131 -22.34 -6.63 -4.65
CA PHE D 131 -21.39 -6.87 -3.60
C PHE D 131 -20.49 -7.99 -4.09
N TYR D 132 -19.28 -8.05 -3.55
CA TYR D 132 -18.29 -8.98 -4.03
C TYR D 132 -17.66 -9.90 -3.00
N PHE D 133 -16.88 -10.86 -3.50
CA PHE D 133 -16.18 -11.81 -2.64
C PHE D 133 -15.34 -12.69 -3.53
N SER D 134 -14.30 -13.29 -2.96
CA SER D 134 -13.45 -14.20 -3.71
C SER D 134 -12.68 -15.10 -2.77
N PHE D 135 -12.40 -16.32 -3.21
CA PHE D 135 -11.65 -17.27 -2.40
C PHE D 135 -10.16 -17.10 -2.72
N SER D 136 -9.87 -16.17 -3.63
CA SER D 136 -8.51 -15.86 -4.04
C SER D 136 -8.11 -14.59 -3.29
N GLU D 137 -7.03 -14.66 -2.54
CA GLU D 137 -6.57 -13.50 -1.78
C GLU D 137 -6.13 -12.45 -2.76
N GLU D 138 -5.44 -12.89 -3.80
CA GLU D 138 -4.94 -12.01 -4.85
C GLU D 138 -6.07 -11.15 -5.39
N MET D 139 -7.19 -11.79 -5.71
CA MET D 139 -8.35 -11.07 -6.23
C MET D 139 -8.90 -10.06 -5.23
N ARG D 140 -9.06 -10.49 -3.97
CA ARG D 140 -9.59 -9.60 -2.94
C ARG D 140 -8.67 -8.41 -2.69
N GLN D 141 -7.37 -8.64 -2.68
CA GLN D 141 -6.45 -7.54 -2.47
C GLN D 141 -6.61 -6.54 -3.61
N GLY D 142 -6.61 -7.06 -4.84
CA GLY D 142 -6.77 -6.21 -6.01
C GLY D 142 -8.06 -5.40 -5.92
N LEU D 143 -9.15 -6.08 -5.65
CA LEU D 143 -10.42 -5.41 -5.57
C LEU D 143 -10.44 -4.43 -4.39
N GLN D 144 -9.86 -4.85 -3.27
CA GLN D 144 -9.83 -3.97 -2.10
C GLN D 144 -9.08 -2.68 -2.41
N SER D 145 -8.04 -2.77 -3.24
CA SER D 145 -7.25 -1.59 -3.56
C SER D 145 -7.93 -0.71 -4.58
N ILE D 146 -8.53 -1.34 -5.57
CA ILE D 146 -9.21 -0.67 -6.67
C ILE D 146 -10.59 -0.11 -6.36
N ALA D 147 -11.28 -0.72 -5.40
CA ALA D 147 -12.64 -0.29 -5.08
C ALA D 147 -13.01 -0.56 -3.63
N PRO D 148 -12.38 0.16 -2.68
CA PRO D 148 -12.73 -0.08 -1.28
C PRO D 148 -14.23 0.14 -1.04
N GLU D 149 -14.76 1.21 -1.63
CA GLU D 149 -16.17 1.58 -1.45
C GLU D 149 -17.15 0.51 -1.83
N PHE D 150 -16.73 -0.44 -2.65
CA PHE D 150 -17.63 -1.50 -3.06
C PHE D 150 -18.08 -2.33 -1.86
N ARG D 151 -19.33 -2.76 -1.89
CA ARG D 151 -19.90 -3.59 -0.84
C ARG D 151 -19.30 -4.96 -1.07
N ARG D 152 -18.84 -5.60 -0.02
CA ARG D 152 -18.27 -6.92 -0.16
C ARG D 152 -18.67 -7.79 1.03
N MET D 153 -18.36 -9.06 0.95
CA MET D 153 -18.71 -9.95 2.04
C MET D 153 -17.65 -10.96 2.35
N MET D 154 -17.62 -11.36 3.62
CA MET D 154 -16.70 -12.37 4.08
C MET D 154 -17.54 -13.43 4.81
N THR D 155 -17.08 -14.67 4.74
CA THR D 155 -17.78 -15.76 5.39
C THR D 155 -17.30 -15.85 6.83
N LEU D 156 -18.08 -16.53 7.67
CA LEU D 156 -17.70 -16.67 9.06
C LEU D 156 -16.56 -17.67 9.17
N ASP D 157 -16.52 -18.67 8.28
CA ASP D 157 -15.47 -19.70 8.29
C ASP D 157 -14.09 -19.14 8.07
N ILE D 158 -14.01 -18.00 7.40
CA ILE D 158 -12.74 -17.35 7.11
C ILE D 158 -12.40 -16.28 8.14
N ALA D 159 -13.39 -15.46 8.47
CA ALA D 159 -13.22 -14.35 9.41
C ALA D 159 -12.98 -14.80 10.86
N LYS D 160 -13.38 -16.02 11.18
CA LYS D 160 -13.23 -16.61 12.51
C LYS D 160 -14.21 -16.00 13.50
N SER D 161 -14.42 -14.70 13.40
CA SER D 161 -15.36 -13.99 14.27
C SER D 161 -16.05 -12.87 13.52
N PRO D 162 -17.32 -12.61 13.83
CA PRO D 162 -18.06 -11.54 13.15
C PRO D 162 -17.39 -10.18 13.37
N SER D 163 -16.75 -10.02 14.51
CA SER D 163 -16.07 -8.77 14.83
C SER D 163 -14.92 -8.52 13.87
N LEU D 164 -14.53 -9.56 13.11
CA LEU D 164 -13.43 -9.44 12.16
C LEU D 164 -13.84 -9.39 10.67
N VAL D 165 -15.12 -9.62 10.36
CA VAL D 165 -15.58 -9.57 8.98
C VAL D 165 -15.29 -8.16 8.41
N GLY D 166 -15.65 -7.13 9.16
CA GLY D 166 -15.38 -5.78 8.70
C GLY D 166 -13.99 -5.28 9.10
N ALA D 167 -13.60 -5.50 10.36
CA ALA D 167 -12.32 -5.03 10.86
C ALA D 167 -11.10 -5.60 10.16
N VAL D 168 -11.10 -6.91 9.88
CA VAL D 168 -9.96 -7.54 9.21
C VAL D 168 -10.14 -7.74 7.72
N HIS D 169 -11.32 -8.21 7.31
CA HIS D 169 -11.58 -8.45 5.89
C HIS D 169 -12.35 -7.34 5.20
N HIS D 170 -12.53 -6.23 5.91
CA HIS D 170 -13.18 -5.04 5.36
C HIS D 170 -14.55 -5.32 4.75
N ALA D 171 -15.18 -6.42 5.15
CA ALA D 171 -16.49 -6.78 4.62
C ALA D 171 -17.64 -6.10 5.34
N SER D 172 -18.69 -5.82 4.58
CA SER D 172 -19.88 -5.17 5.08
C SER D 172 -20.97 -6.20 5.33
N ILE D 173 -20.82 -7.33 4.65
CA ILE D 173 -21.75 -8.45 4.69
C ILE D 173 -21.07 -9.70 5.21
N ILE D 174 -21.76 -10.44 6.06
CA ILE D 174 -21.21 -11.69 6.58
C ILE D 174 -22.11 -12.84 6.13
N GLU D 175 -21.50 -13.92 5.64
CA GLU D 175 -22.25 -15.10 5.20
C GLU D 175 -22.01 -16.22 6.20
N ILE D 176 -23.07 -16.93 6.55
CA ILE D 176 -22.95 -18.02 7.52
C ILE D 176 -23.77 -19.24 7.11
N THR D 177 -23.34 -20.40 7.58
CA THR D 177 -24.05 -21.65 7.32
C THR D 177 -25.25 -21.64 8.24
N PRO D 178 -26.29 -22.42 7.92
CA PRO D 178 -27.49 -22.46 8.76
C PRO D 178 -27.17 -22.84 10.21
N ALA D 179 -26.22 -23.76 10.38
CA ALA D 179 -25.83 -24.18 11.72
C ALA D 179 -25.41 -22.94 12.50
N GLN D 180 -24.49 -22.17 11.93
CA GLN D 180 -23.99 -20.95 12.57
C GLN D 180 -25.12 -19.95 12.79
N MET D 181 -26.14 -20.01 11.93
CA MET D 181 -27.27 -19.11 12.06
C MET D 181 -28.05 -19.50 13.31
N ARG D 182 -27.83 -20.73 13.77
CA ARG D 182 -28.49 -21.24 14.97
C ARG D 182 -27.85 -20.75 16.27
N ARG D 183 -26.51 -20.77 16.34
CA ARG D 183 -25.80 -20.29 17.53
C ARG D 183 -26.35 -18.92 17.93
N PRO D 184 -27.02 -18.85 19.07
CA PRO D 184 -27.61 -17.62 19.60
C PRO D 184 -26.77 -16.34 19.46
N GLY D 185 -25.50 -16.42 19.85
CA GLY D 185 -24.64 -15.25 19.78
C GLY D 185 -24.13 -14.77 18.43
N ILE D 186 -24.12 -15.64 17.42
CA ILE D 186 -23.62 -15.23 16.12
C ILE D 186 -24.44 -14.14 15.43
N ILE D 187 -25.74 -14.34 15.29
CA ILE D 187 -26.52 -13.29 14.64
C ILE D 187 -26.44 -11.98 15.43
N GLU D 188 -26.39 -12.07 16.75
CA GLU D 188 -26.30 -10.88 17.59
C GLU D 188 -24.95 -10.17 17.48
N ALA D 189 -23.86 -10.95 17.42
CA ALA D 189 -22.53 -10.38 17.30
C ALA D 189 -22.41 -9.62 15.98
N SER D 190 -22.97 -10.22 14.93
CA SER D 190 -22.96 -9.62 13.61
C SER D 190 -23.74 -8.32 13.60
N ARG D 191 -24.91 -8.31 14.22
CA ARG D 191 -25.70 -7.10 14.27
C ARG D 191 -24.94 -6.03 15.06
N LYS D 192 -24.20 -6.44 16.08
CA LYS D 192 -23.42 -5.47 16.86
C LYS D 192 -22.40 -4.87 15.91
N ALA D 193 -21.86 -5.72 15.04
CA ALA D 193 -20.86 -5.32 14.06
C ALA D 193 -21.48 -4.46 12.96
N GLY D 194 -22.80 -4.52 12.85
CA GLY D 194 -23.49 -3.73 11.84
C GLY D 194 -23.42 -4.30 10.44
N LEU D 195 -23.18 -5.61 10.34
CA LEU D 195 -23.10 -6.28 9.06
C LEU D 195 -24.49 -6.70 8.56
N GLU D 196 -24.59 -7.00 7.27
CA GLU D 196 -25.84 -7.49 6.73
C GLU D 196 -25.57 -8.97 6.90
N ILE D 197 -26.61 -9.79 7.01
CA ILE D 197 -26.40 -11.22 7.21
C ILE D 197 -27.04 -12.04 6.10
N MET D 198 -26.27 -13.00 5.58
CA MET D 198 -26.74 -13.87 4.51
C MET D 198 -26.40 -15.32 4.84
N VAL D 199 -27.35 -16.22 4.60
CA VAL D 199 -27.12 -17.64 4.87
C VAL D 199 -27.11 -18.44 3.57
N TYR D 200 -26.13 -19.34 3.42
CA TYR D 200 -26.03 -20.18 2.24
C TYR D 200 -26.77 -21.49 2.50
N TYR D 201 -27.85 -21.70 1.74
CA TYR D 201 -28.67 -22.90 1.89
C TYR D 201 -28.71 -23.71 0.59
N GLY D 202 -29.63 -23.35 -0.30
CA GLY D 202 -29.75 -24.05 -1.56
C GLY D 202 -29.95 -25.54 -1.38
N GLY D 203 -30.96 -25.89 -0.58
CA GLY D 203 -31.27 -27.27 -0.33
C GLY D 203 -32.71 -27.53 -0.74
N ASP D 204 -33.22 -28.72 -0.43
CA ASP D 204 -34.59 -29.09 -0.78
C ASP D 204 -35.53 -28.89 0.42
N ASP D 205 -35.00 -29.18 1.61
CA ASP D 205 -35.74 -29.07 2.88
C ASP D 205 -36.49 -27.76 3.09
N MET D 206 -37.76 -27.74 2.68
CA MET D 206 -38.60 -26.55 2.80
C MET D 206 -38.75 -26.05 4.24
N ALA D 207 -38.28 -26.84 5.19
CA ALA D 207 -38.36 -26.46 6.61
C ALA D 207 -37.22 -25.49 6.92
N VAL D 208 -36.02 -25.84 6.49
CA VAL D 208 -34.85 -25.02 6.69
C VAL D 208 -35.11 -23.67 6.05
N HIS D 209 -35.74 -23.68 4.88
CA HIS D 209 -36.06 -22.44 4.17
C HIS D 209 -36.95 -21.57 5.05
N ARG D 210 -37.91 -22.21 5.73
CA ARG D 210 -38.83 -21.49 6.63
C ARG D 210 -38.10 -21.07 7.90
N GLU D 211 -37.11 -21.85 8.30
CA GLU D 211 -36.36 -21.51 9.51
C GLU D 211 -35.54 -20.24 9.24
N ILE D 212 -34.93 -20.16 8.06
CA ILE D 212 -34.13 -19.01 7.68
C ILE D 212 -35.00 -17.78 7.46
N ALA D 213 -36.19 -18.00 6.91
CA ALA D 213 -37.10 -16.90 6.66
C ALA D 213 -37.54 -16.33 8.01
N THR D 214 -37.46 -17.18 9.03
CA THR D 214 -37.84 -16.82 10.41
C THR D 214 -36.76 -16.03 11.14
N SER D 215 -35.52 -16.53 11.04
CA SER D 215 -34.36 -15.90 11.70
C SER D 215 -34.14 -14.45 11.22
N ASP D 216 -33.30 -13.71 11.93
CA ASP D 216 -33.02 -12.32 11.55
C ASP D 216 -31.90 -12.28 10.52
N VAL D 217 -32.21 -12.78 9.33
CA VAL D 217 -31.26 -12.83 8.23
C VAL D 217 -31.70 -11.84 7.14
N ASP D 218 -30.75 -11.32 6.38
CA ASP D 218 -31.04 -10.37 5.31
C ASP D 218 -31.14 -11.02 3.93
N TYR D 219 -30.21 -11.93 3.66
CA TYR D 219 -30.17 -12.61 2.38
C TYR D 219 -29.98 -14.09 2.60
N ILE D 220 -30.39 -14.88 1.62
CA ILE D 220 -30.24 -16.32 1.66
C ILE D 220 -29.71 -16.81 0.30
N ASN D 221 -28.46 -17.25 0.28
CA ASN D 221 -27.82 -17.75 -0.93
C ASN D 221 -28.50 -19.06 -1.32
N LEU D 222 -29.22 -19.07 -2.45
CA LEU D 222 -29.99 -20.24 -2.89
C LEU D 222 -29.78 -20.90 -4.24
N ASP D 223 -30.14 -22.18 -4.28
CA ASP D 223 -30.08 -23.00 -5.49
C ASP D 223 -31.52 -23.32 -5.90
N ARG D 224 -32.47 -23.00 -5.02
CA ARG D 224 -33.88 -23.25 -5.31
C ARG D 224 -34.75 -22.06 -4.94
N PRO D 225 -34.74 -21.01 -5.78
CA PRO D 225 -35.52 -19.79 -5.56
C PRO D 225 -37.00 -20.12 -5.35
N ASP D 226 -37.49 -21.06 -6.16
CA ASP D 226 -38.89 -21.51 -6.12
C ASP D 226 -39.44 -21.70 -4.71
N LEU D 227 -38.81 -22.61 -3.97
CA LEU D 227 -39.20 -22.93 -2.61
C LEU D 227 -39.32 -21.71 -1.69
N PHE D 228 -38.22 -20.99 -1.52
CA PHE D 228 -38.21 -19.82 -0.65
C PHE D 228 -39.23 -18.76 -1.01
N ALA D 229 -39.50 -18.57 -2.30
CA ALA D 229 -40.48 -17.55 -2.70
C ALA D 229 -41.82 -17.85 -2.04
N ALA D 230 -42.20 -19.12 -2.08
CA ALA D 230 -43.46 -19.55 -1.48
C ALA D 230 -43.47 -19.10 -0.03
N VAL D 231 -42.53 -19.62 0.75
CA VAL D 231 -42.41 -19.26 2.15
C VAL D 231 -42.32 -17.73 2.26
N MET E 1 14.56 -11.10 -34.30
CA MET E 1 15.30 -12.36 -33.96
C MET E 1 15.09 -12.76 -32.49
N THR E 2 15.40 -14.01 -32.16
CA THR E 2 15.20 -14.52 -30.81
C THR E 2 16.45 -14.41 -29.93
N LYS E 3 16.28 -13.77 -28.78
CA LYS E 3 17.38 -13.62 -27.85
C LYS E 3 17.51 -14.88 -26.99
N ILE E 4 18.74 -15.25 -26.66
CA ILE E 4 19.00 -16.44 -25.87
C ILE E 4 19.17 -16.15 -24.38
N VAL E 5 18.38 -16.83 -23.55
CA VAL E 5 18.47 -16.64 -22.12
C VAL E 5 19.09 -17.86 -21.47
N SER E 6 20.36 -17.74 -21.09
CA SER E 6 21.07 -18.86 -20.49
C SER E 6 20.64 -19.19 -19.07
N HIS E 7 19.69 -20.12 -18.98
CA HIS E 7 19.17 -20.58 -17.71
C HIS E 7 20.29 -21.13 -16.82
N ARG E 8 20.73 -20.32 -15.86
CA ARG E 8 21.79 -20.68 -14.92
C ARG E 8 23.18 -20.81 -15.53
N GLY E 9 23.29 -20.52 -16.83
CA GLY E 9 24.58 -20.62 -17.49
C GLY E 9 24.66 -21.90 -18.28
N ALA E 10 25.77 -22.13 -18.98
CA ALA E 10 25.94 -23.35 -19.77
C ALA E 10 25.92 -24.57 -18.85
N ASN E 11 24.70 -25.06 -18.59
CA ASN E 11 24.44 -26.20 -17.70
C ASN E 11 25.15 -27.52 -17.88
N ARG E 12 25.39 -27.93 -19.13
CA ARG E 12 26.04 -29.22 -19.36
C ARG E 12 27.53 -29.12 -19.61
N PHE E 13 28.16 -27.98 -19.31
CA PHE E 13 29.58 -27.83 -19.54
C PHE E 13 30.33 -27.00 -18.50
N ALA E 14 29.60 -26.41 -17.56
CA ALA E 14 30.22 -25.61 -16.50
C ALA E 14 29.29 -25.53 -15.31
N PRO E 15 29.84 -25.67 -14.10
CA PRO E 15 29.01 -25.62 -12.89
C PRO E 15 28.01 -24.46 -12.97
N GLU E 16 26.72 -24.76 -12.86
CA GLU E 16 25.69 -23.73 -12.92
C GLU E 16 26.03 -22.51 -12.05
N ASN E 17 25.49 -21.36 -12.44
CA ASN E 17 25.68 -20.10 -11.73
C ASN E 17 27.13 -19.87 -11.31
N THR E 18 28.01 -19.83 -12.30
CA THR E 18 29.43 -19.62 -12.06
C THR E 18 29.96 -18.63 -13.07
N PHE E 19 31.08 -17.99 -12.76
CA PHE E 19 31.65 -17.07 -13.73
C PHE E 19 31.98 -17.89 -14.98
N ALA E 20 32.59 -19.04 -14.76
CA ALA E 20 32.97 -19.94 -15.84
C ALA E 20 31.75 -20.35 -16.68
N ALA E 21 30.66 -20.69 -16.01
CA ALA E 21 29.44 -21.12 -16.70
C ALA E 21 28.77 -19.98 -17.47
N ALA E 22 29.07 -18.75 -17.08
CA ALA E 22 28.49 -17.58 -17.70
C ALA E 22 29.29 -17.16 -18.93
N ASP E 23 30.60 -17.07 -18.75
CA ASP E 23 31.48 -16.70 -19.87
C ASP E 23 31.30 -17.73 -20.99
N LEU E 24 31.23 -19.00 -20.60
CA LEU E 24 31.06 -20.07 -21.58
C LEU E 24 29.77 -19.88 -22.34
N ALA E 25 28.74 -19.45 -21.62
CA ALA E 25 27.43 -19.20 -22.21
C ALA E 25 27.53 -18.09 -23.25
N LEU E 26 28.23 -17.02 -22.90
CA LEU E 26 28.42 -15.88 -23.80
C LEU E 26 29.06 -16.31 -25.12
N GLN E 27 29.95 -17.30 -25.05
CA GLN E 27 30.64 -17.83 -26.23
C GLN E 27 29.68 -18.56 -27.15
N GLN E 28 28.78 -19.34 -26.56
CA GLN E 28 27.83 -20.09 -27.36
C GLN E 28 26.77 -19.13 -27.90
N GLY E 29 27.06 -17.84 -27.81
CA GLY E 29 26.15 -16.81 -28.31
C GLY E 29 24.96 -16.39 -27.46
N ALA E 30 25.02 -16.63 -26.16
CA ALA E 30 23.92 -16.25 -25.28
C ALA E 30 23.76 -14.73 -25.23
N ASP E 31 22.51 -14.27 -25.25
CA ASP E 31 22.21 -12.84 -25.20
C ASP E 31 21.95 -12.41 -23.76
N TYR E 32 21.30 -13.30 -23.01
CA TYR E 32 20.97 -13.05 -21.62
C TYR E 32 21.48 -14.17 -20.73
N ILE E 33 21.79 -13.82 -19.49
CA ILE E 33 22.22 -14.81 -18.51
C ILE E 33 21.22 -14.78 -17.36
N GLU E 34 20.59 -15.91 -17.07
CA GLU E 34 19.65 -15.97 -15.95
C GLU E 34 20.45 -16.33 -14.72
N LEU E 35 20.13 -15.68 -13.59
CA LEU E 35 20.79 -15.93 -12.31
C LEU E 35 19.74 -16.29 -11.29
N ASP E 36 20.22 -16.62 -10.09
CA ASP E 36 19.37 -16.97 -8.96
C ASP E 36 20.08 -16.28 -7.79
N VAL E 37 19.36 -15.42 -7.07
CA VAL E 37 19.97 -14.72 -5.96
C VAL E 37 19.47 -15.14 -4.59
N ARG E 38 20.39 -15.14 -3.64
CA ARG E 38 20.12 -15.49 -2.26
C ARG E 38 21.02 -14.62 -1.39
N GLU E 39 20.55 -14.25 -0.20
CA GLU E 39 21.35 -13.40 0.65
C GLU E 39 22.08 -14.16 1.76
N SER E 40 23.34 -13.81 1.95
CA SER E 40 24.15 -14.43 2.98
C SER E 40 23.78 -13.93 4.37
N ALA E 41 24.04 -14.76 5.36
CA ALA E 41 23.75 -14.43 6.74
C ALA E 41 24.07 -12.98 7.07
N ASP E 42 25.17 -12.46 6.53
CA ASP E 42 25.56 -11.09 6.85
C ASP E 42 25.21 -10.02 5.82
N GLY E 43 24.21 -10.28 4.97
CA GLY E 43 23.76 -9.30 4.00
C GLY E 43 24.38 -9.19 2.62
N VAL E 44 25.10 -10.23 2.17
CA VAL E 44 25.73 -10.21 0.85
C VAL E 44 24.88 -10.97 -0.17
N LEU E 45 24.65 -10.36 -1.31
CA LEU E 45 23.86 -11.00 -2.34
C LEU E 45 24.79 -11.91 -3.15
N TYR E 46 24.42 -13.18 -3.26
CA TYR E 46 25.22 -14.15 -4.01
C TYR E 46 24.37 -14.74 -5.12
N VAL E 47 25.03 -15.46 -6.03
CA VAL E 47 24.33 -16.12 -7.13
C VAL E 47 24.37 -17.63 -6.92
N ILE E 48 23.24 -18.21 -6.51
CA ILE E 48 23.15 -19.65 -6.27
C ILE E 48 21.69 -20.06 -6.16
N HIS E 49 21.33 -21.15 -6.81
CA HIS E 49 19.94 -21.62 -6.82
C HIS E 49 19.36 -22.21 -5.52
N ASP E 50 19.85 -23.39 -5.12
CA ASP E 50 19.37 -24.08 -3.92
C ASP E 50 19.40 -23.25 -2.64
N GLU E 51 18.51 -23.57 -1.71
CA GLU E 51 18.44 -22.86 -0.44
C GLU E 51 19.63 -23.24 0.46
N THR E 52 20.29 -24.34 0.11
CA THR E 52 21.45 -24.82 0.86
C THR E 52 22.68 -24.90 -0.03
N LEU E 53 23.85 -25.00 0.59
CA LEU E 53 25.12 -25.06 -0.12
C LEU E 53 25.58 -26.48 -0.50
N ASP E 54 24.74 -27.47 -0.25
CA ASP E 54 25.09 -28.86 -0.54
C ASP E 54 25.37 -29.18 -2.03
N ARG E 55 24.30 -29.48 -2.74
CA ARG E 55 24.33 -29.84 -4.15
C ARG E 55 25.29 -29.14 -5.10
N THR E 56 25.73 -27.92 -4.79
CA THR E 56 26.60 -27.22 -5.74
C THR E 56 27.92 -26.67 -5.19
N THR E 57 28.25 -27.02 -3.95
CA THR E 57 29.51 -26.56 -3.39
C THR E 57 30.12 -27.65 -2.54
N ASN E 58 31.26 -27.35 -1.93
CA ASN E 58 31.93 -28.31 -1.06
C ASN E 58 31.52 -27.97 0.37
N GLY E 59 30.59 -27.02 0.48
CA GLY E 59 30.09 -26.61 1.78
C GLY E 59 28.70 -27.19 2.01
N THR E 60 28.14 -26.94 3.18
CA THR E 60 26.81 -27.46 3.49
C THR E 60 26.00 -26.47 4.31
N GLY E 61 24.69 -26.67 4.35
CA GLY E 61 23.84 -25.78 5.12
C GLY E 61 23.22 -24.63 4.35
N PRO E 62 22.06 -24.12 4.80
CA PRO E 62 21.38 -23.01 4.12
C PRO E 62 22.29 -21.82 3.94
N VAL E 63 22.28 -21.25 2.74
CA VAL E 63 23.14 -20.12 2.42
C VAL E 63 22.92 -18.96 3.38
N GLY E 64 21.67 -18.75 3.78
CA GLY E 64 21.35 -17.69 4.70
C GLY E 64 22.02 -17.78 6.05
N HIS E 65 22.37 -18.98 6.50
CA HIS E 65 23.01 -19.13 7.81
C HIS E 65 24.53 -18.99 7.83
N MET E 66 25.14 -18.91 6.66
CA MET E 66 26.60 -18.80 6.59
C MET E 66 27.03 -17.39 6.25
N LEU E 67 28.09 -16.92 6.90
CA LEU E 67 28.61 -15.58 6.63
C LEU E 67 29.18 -15.50 5.24
N SER E 68 29.33 -14.29 4.71
CA SER E 68 29.89 -14.14 3.38
C SER E 68 31.36 -14.53 3.43
N SER E 69 32.07 -13.99 4.39
CA SER E 69 33.50 -14.27 4.55
C SER E 69 33.79 -15.74 4.23
N GLU E 70 33.07 -16.62 4.90
CA GLU E 70 33.24 -18.05 4.70
C GLU E 70 32.84 -18.46 3.28
N ILE E 71 31.57 -18.30 2.93
CA ILE E 71 31.08 -18.64 1.59
C ILE E 71 32.07 -18.29 0.47
N ASP E 72 32.59 -17.06 0.51
CA ASP E 72 33.55 -16.55 -0.46
C ASP E 72 34.71 -17.53 -0.66
N THR E 73 35.03 -18.24 0.41
CA THR E 73 36.13 -19.20 0.43
C THR E 73 35.76 -20.63 -0.04
N LEU E 74 34.48 -20.90 -0.26
CA LEU E 74 34.05 -22.23 -0.71
C LEU E 74 34.50 -22.60 -2.13
N ASP E 75 34.08 -23.80 -2.55
CA ASP E 75 34.38 -24.36 -3.88
C ASP E 75 33.05 -24.70 -4.55
N ALA E 76 32.76 -24.06 -5.68
CA ALA E 76 31.50 -24.29 -6.39
C ALA E 76 31.67 -25.01 -7.73
N GLY E 77 32.87 -25.54 -7.97
CA GLY E 77 33.13 -26.24 -9.21
C GLY E 77 33.47 -27.72 -9.07
N GLY E 78 34.25 -28.04 -8.04
CA GLY E 78 34.65 -29.42 -7.80
C GLY E 78 33.53 -30.44 -7.92
N TRP E 79 32.34 -30.09 -7.47
CA TRP E 79 31.20 -30.99 -7.52
C TRP E 79 30.88 -31.37 -8.96
N PHE E 80 31.09 -30.43 -9.88
CA PHE E 80 30.79 -30.66 -11.29
C PHE E 80 31.88 -31.46 -11.99
N ASP E 81 33.12 -31.06 -11.77
CA ASP E 81 34.27 -31.73 -12.38
C ASP E 81 35.56 -31.18 -11.80
N ASP E 82 36.63 -31.98 -11.84
CA ASP E 82 37.92 -31.56 -11.32
C ASP E 82 38.45 -30.34 -12.07
N ARG E 83 37.96 -30.13 -13.29
CA ARG E 83 38.39 -28.98 -14.09
C ARG E 83 38.07 -27.68 -13.37
N PHE E 84 36.83 -27.59 -12.87
CA PHE E 84 36.36 -26.40 -12.18
C PHE E 84 36.68 -26.38 -10.69
N LYS E 85 37.84 -26.90 -10.36
CA LYS E 85 38.32 -26.95 -8.98
C LYS E 85 38.69 -25.52 -8.64
N GLY E 86 37.98 -24.93 -7.68
CA GLY E 86 38.27 -23.56 -7.27
C GLY E 86 37.18 -22.56 -7.58
N ALA E 87 36.26 -22.91 -8.47
CA ALA E 87 35.17 -22.01 -8.83
C ALA E 87 34.51 -21.48 -7.56
N ILE E 88 34.29 -20.17 -7.53
CA ILE E 88 33.70 -19.52 -6.37
C ILE E 88 32.22 -19.21 -6.57
N VAL E 89 31.46 -19.24 -5.48
CA VAL E 89 30.04 -18.88 -5.54
C VAL E 89 30.17 -17.37 -5.75
N PRO E 90 29.68 -16.87 -6.89
CA PRO E 90 29.72 -15.45 -7.27
C PRO E 90 28.81 -14.45 -6.55
N ARG E 91 29.39 -13.37 -6.05
CA ARG E 91 28.61 -12.32 -5.42
C ARG E 91 27.88 -11.66 -6.58
N LEU E 92 26.59 -11.34 -6.41
CA LEU E 92 25.80 -10.68 -7.47
C LEU E 92 26.48 -9.36 -7.83
N ASP E 93 27.31 -8.93 -6.89
CA ASP E 93 28.10 -7.72 -6.97
C ASP E 93 29.02 -7.73 -8.20
N ALA E 94 30.02 -8.59 -8.14
CA ALA E 94 31.00 -8.73 -9.21
C ALA E 94 30.46 -9.48 -10.42
N TYR E 95 29.45 -10.32 -10.21
CA TYR E 95 28.87 -11.11 -11.30
C TYR E 95 28.11 -10.22 -12.29
N LEU E 96 27.47 -9.18 -11.78
CA LEU E 96 26.71 -8.23 -12.59
C LEU E 96 27.70 -7.25 -13.22
N GLU E 97 28.72 -6.90 -12.44
CA GLU E 97 29.77 -6.01 -12.87
C GLU E 97 30.40 -6.62 -14.13
N HIS E 98 30.71 -7.91 -14.03
CA HIS E 98 31.34 -8.68 -15.10
C HIS E 98 30.45 -8.83 -16.34
N LEU E 99 29.14 -8.83 -16.14
CA LEU E 99 28.22 -8.98 -17.25
C LEU E 99 27.78 -7.66 -17.88
N ARG E 100 27.83 -6.58 -17.12
CA ARG E 100 27.42 -5.30 -17.67
C ARG E 100 28.14 -5.03 -18.98
N GLY E 101 27.36 -4.78 -20.03
CA GLY E 101 27.94 -4.49 -21.33
C GLY E 101 28.07 -5.68 -22.27
N ARG E 102 28.09 -6.88 -21.70
CA ARG E 102 28.25 -8.09 -22.50
C ARG E 102 26.98 -8.96 -22.55
N ALA E 103 25.97 -8.63 -21.76
CA ALA E 103 24.75 -9.44 -21.78
C ALA E 103 23.55 -8.92 -20.97
N GLY E 104 22.36 -9.38 -21.37
CA GLY E 104 21.18 -9.00 -20.65
C GLY E 104 21.17 -9.91 -19.43
N VAL E 105 20.59 -9.47 -18.32
CA VAL E 105 20.57 -10.29 -17.13
C VAL E 105 19.17 -10.56 -16.57
N TYR E 106 18.82 -11.83 -16.54
CA TYR E 106 17.53 -12.29 -16.01
C TYR E 106 17.80 -12.55 -14.53
N ILE E 107 17.40 -11.60 -13.68
CA ILE E 107 17.61 -11.74 -12.25
C ILE E 107 16.39 -12.34 -11.57
N GLU E 108 16.52 -13.57 -11.12
CA GLU E 108 15.42 -14.24 -10.44
C GLU E 108 15.78 -14.29 -8.97
N LEU E 109 14.97 -13.64 -8.14
CA LEU E 109 15.22 -13.61 -6.70
C LEU E 109 14.75 -14.89 -6.07
N LYS E 110 15.59 -15.48 -5.22
CA LYS E 110 15.23 -16.70 -4.51
C LYS E 110 14.78 -16.26 -3.12
N TYR E 111 15.67 -15.57 -2.43
CA TYR E 111 15.35 -15.01 -1.13
C TYR E 111 16.49 -14.16 -0.66
N CYS E 112 16.29 -12.85 -0.77
CA CYS E 112 17.27 -11.85 -0.40
C CYS E 112 16.51 -10.53 -0.21
N ASP E 113 17.25 -9.45 0.04
CA ASP E 113 16.65 -8.14 0.23
C ASP E 113 16.42 -7.45 -1.12
N PRO E 114 15.16 -7.24 -1.50
CA PRO E 114 14.86 -6.58 -2.78
C PRO E 114 15.49 -5.19 -2.90
N ALA E 115 15.61 -4.47 -1.78
CA ALA E 115 16.22 -3.13 -1.81
C ALA E 115 17.69 -3.20 -2.18
N LYS E 116 18.37 -4.25 -1.72
CA LYS E 116 19.78 -4.43 -2.00
C LYS E 116 19.96 -4.69 -3.48
N VAL E 117 19.05 -5.47 -4.04
CA VAL E 117 19.06 -5.77 -5.45
C VAL E 117 18.80 -4.48 -6.18
N ALA E 118 17.70 -3.83 -5.80
CA ALA E 118 17.28 -2.58 -6.39
C ALA E 118 18.38 -1.53 -6.40
N ALA E 119 19.02 -1.33 -5.26
CA ALA E 119 20.08 -0.35 -5.18
C ALA E 119 21.23 -0.74 -6.11
N LEU E 120 21.61 -2.01 -6.09
CA LEU E 120 22.71 -2.49 -6.93
C LEU E 120 22.52 -2.19 -8.39
N VAL E 121 21.46 -2.73 -8.97
CA VAL E 121 21.15 -2.55 -10.38
C VAL E 121 21.03 -1.07 -10.73
N ARG E 122 20.57 -0.27 -9.80
CA ARG E 122 20.42 1.16 -10.06
C ARG E 122 21.81 1.81 -10.18
N HIS E 123 22.68 1.51 -9.22
CA HIS E 123 24.04 2.02 -9.18
C HIS E 123 24.82 1.65 -10.44
N LEU E 124 24.79 0.35 -10.81
CA LEU E 124 25.49 -0.15 -11.98
C LEU E 124 24.79 0.24 -13.30
N GLY E 125 23.73 1.05 -13.19
CA GLY E 125 22.99 1.49 -14.36
C GLY E 125 22.52 0.38 -15.29
N MET E 126 22.05 -0.74 -14.74
CA MET E 126 21.63 -1.84 -15.59
C MET E 126 20.13 -2.08 -15.59
N VAL E 127 19.37 -1.02 -15.31
CA VAL E 127 17.91 -1.10 -15.27
C VAL E 127 17.27 -1.60 -16.56
N ARG E 128 17.73 -1.04 -17.68
CA ARG E 128 17.19 -1.39 -18.99
C ARG E 128 17.50 -2.81 -19.44
N ASP E 129 18.67 -3.32 -19.08
CA ASP E 129 19.08 -4.64 -19.54
C ASP E 129 18.77 -5.81 -18.62
N THR E 130 17.82 -5.64 -17.72
CA THR E 130 17.47 -6.71 -16.81
C THR E 130 15.97 -6.79 -16.61
N PHE E 131 15.49 -7.97 -16.25
CA PHE E 131 14.09 -8.17 -15.96
C PHE E 131 14.07 -9.15 -14.80
N TYR E 132 12.97 -9.23 -14.06
CA TYR E 132 12.95 -10.09 -12.89
C TYR E 132 11.75 -11.01 -12.70
N PHE E 133 11.91 -11.95 -11.77
CA PHE E 133 10.86 -12.91 -11.44
C PHE E 133 11.22 -13.59 -10.13
N SER E 134 10.24 -14.24 -9.51
CA SER E 134 10.44 -14.97 -8.27
C SER E 134 9.17 -15.76 -7.95
N PHE E 135 9.32 -17.03 -7.57
CA PHE E 135 8.14 -17.82 -7.23
C PHE E 135 7.60 -17.35 -5.88
N SER E 136 8.47 -16.71 -5.12
CA SER E 136 8.15 -16.18 -3.79
C SER E 136 7.29 -14.91 -3.84
N GLU E 137 6.02 -15.02 -3.48
CA GLU E 137 5.15 -13.86 -3.47
C GLU E 137 5.76 -12.81 -2.55
N GLU E 138 6.41 -13.27 -1.49
CA GLU E 138 7.05 -12.38 -0.53
C GLU E 138 8.09 -11.50 -1.27
N MET E 139 8.92 -12.13 -2.11
CA MET E 139 9.93 -11.42 -2.88
C MET E 139 9.32 -10.56 -3.98
N ARG E 140 8.26 -11.06 -4.60
CA ARG E 140 7.60 -10.34 -5.67
C ARG E 140 6.91 -9.06 -5.19
N GLN E 141 6.26 -9.12 -4.03
CA GLN E 141 5.58 -7.96 -3.51
C GLN E 141 6.59 -6.87 -3.12
N GLY E 142 7.71 -7.28 -2.53
CA GLY E 142 8.72 -6.34 -2.12
C GLY E 142 9.42 -5.62 -3.25
N LEU E 143 9.80 -6.37 -4.29
CA LEU E 143 10.47 -5.78 -5.44
C LEU E 143 9.47 -4.87 -6.16
N GLN E 144 8.21 -5.32 -6.18
CA GLN E 144 7.12 -4.58 -6.81
C GLN E 144 6.88 -3.23 -6.16
N SER E 145 7.03 -3.17 -4.84
CA SER E 145 6.83 -1.95 -4.08
C SER E 145 8.03 -1.00 -4.18
N ILE E 146 9.22 -1.58 -4.29
CA ILE E 146 10.46 -0.82 -4.34
C ILE E 146 10.88 -0.41 -5.74
N ALA E 147 10.54 -1.25 -6.72
CA ALA E 147 10.92 -1.01 -8.11
C ALA E 147 9.85 -1.39 -9.11
N PRO E 148 8.73 -0.65 -9.13
CA PRO E 148 7.66 -0.95 -10.08
C PRO E 148 8.18 -0.85 -11.51
N GLU E 149 9.17 0.03 -11.68
CA GLU E 149 9.77 0.31 -12.98
C GLU E 149 10.44 -0.87 -13.64
N PHE E 150 11.23 -1.60 -12.88
CA PHE E 150 11.92 -2.75 -13.43
C PHE E 150 10.97 -3.59 -14.28
N ARG E 151 11.53 -4.22 -15.30
CA ARG E 151 10.77 -5.07 -16.19
C ARG E 151 10.70 -6.37 -15.40
N ARG E 152 9.58 -7.07 -15.47
CA ARG E 152 9.44 -8.33 -14.76
C ARG E 152 8.59 -9.30 -15.57
N MET E 153 8.82 -10.59 -15.34
CA MET E 153 8.08 -11.61 -16.06
C MET E 153 7.14 -12.37 -15.14
N MET E 154 6.16 -13.03 -15.73
CA MET E 154 5.22 -13.85 -15.00
C MET E 154 4.93 -15.05 -15.89
N THR E 155 4.84 -16.23 -15.32
CA THR E 155 4.56 -17.41 -16.12
C THR E 155 3.07 -17.49 -16.32
N LEU E 156 2.67 -17.92 -17.51
CA LEU E 156 1.26 -18.08 -17.84
C LEU E 156 0.62 -19.07 -16.86
N ASP E 157 1.42 -20.02 -16.37
CA ASP E 157 0.90 -20.98 -15.41
C ASP E 157 0.32 -20.25 -14.22
N ILE E 158 1.00 -19.18 -13.80
CA ILE E 158 0.52 -18.41 -12.67
C ILE E 158 -0.53 -17.36 -13.03
N ALA E 159 -0.31 -16.60 -14.10
CA ALA E 159 -1.25 -15.57 -14.50
C ALA E 159 -2.60 -16.06 -15.02
N LYS E 160 -2.69 -17.36 -15.33
CA LYS E 160 -3.93 -17.96 -15.85
C LYS E 160 -4.37 -17.43 -17.21
N SER E 161 -3.95 -16.21 -17.54
CA SER E 161 -4.30 -15.60 -18.82
C SER E 161 -3.34 -14.50 -19.17
N PRO E 162 -2.77 -14.53 -20.39
CA PRO E 162 -1.83 -13.48 -20.82
C PRO E 162 -2.38 -12.08 -20.48
N SER E 163 -3.70 -11.94 -20.56
CA SER E 163 -4.32 -10.64 -20.27
C SER E 163 -4.20 -10.26 -18.79
N LEU E 164 -3.66 -11.15 -17.97
CA LEU E 164 -3.53 -10.84 -16.54
C LEU E 164 -2.06 -10.74 -16.15
N VAL E 165 -1.17 -11.01 -17.09
CA VAL E 165 0.26 -10.92 -16.81
C VAL E 165 0.59 -9.48 -16.41
N GLY E 166 -0.05 -8.52 -17.06
CA GLY E 166 0.17 -7.12 -16.74
C GLY E 166 -0.81 -6.61 -15.69
N ALA E 167 -2.09 -6.70 -16.00
CA ALA E 167 -3.16 -6.25 -15.10
C ALA E 167 -3.11 -6.73 -13.66
N VAL E 168 -2.65 -7.95 -13.44
CA VAL E 168 -2.62 -8.45 -12.08
C VAL E 168 -1.23 -8.69 -11.52
N HIS E 169 -0.32 -9.20 -12.34
CA HIS E 169 1.04 -9.48 -11.88
C HIS E 169 2.04 -8.39 -12.22
N HIS E 170 1.51 -7.30 -12.78
CA HIS E 170 2.30 -6.12 -13.12
C HIS E 170 3.57 -6.42 -13.91
N ALA E 171 3.48 -7.34 -14.85
CA ALA E 171 4.66 -7.70 -15.60
C ALA E 171 4.48 -7.44 -17.09
N SER E 172 5.60 -7.23 -17.77
CA SER E 172 5.59 -6.95 -19.20
C SER E 172 6.05 -8.16 -20.00
N ILE E 173 6.64 -9.13 -19.31
CA ILE E 173 7.14 -10.36 -19.93
C ILE E 173 6.40 -11.61 -19.46
N ILE E 174 5.93 -12.41 -20.40
CA ILE E 174 5.24 -13.63 -20.03
C ILE E 174 6.03 -14.84 -20.52
N GLU E 175 6.43 -15.72 -19.59
CA GLU E 175 7.15 -16.94 -19.97
C GLU E 175 6.13 -18.09 -20.15
N ILE E 176 6.15 -18.72 -21.32
CA ILE E 176 5.22 -19.81 -21.60
C ILE E 176 6.00 -21.07 -21.96
N THR E 177 5.30 -22.19 -22.04
CA THR E 177 5.94 -23.45 -22.41
C THR E 177 5.72 -23.68 -23.89
N PRO E 178 6.55 -24.54 -24.50
CA PRO E 178 6.41 -24.82 -25.93
C PRO E 178 4.96 -25.25 -26.17
N ALA E 179 4.46 -26.10 -25.29
CA ALA E 179 3.09 -26.60 -25.40
C ALA E 179 2.11 -25.45 -25.59
N GLN E 180 2.18 -24.47 -24.68
CA GLN E 180 1.30 -23.31 -24.75
C GLN E 180 1.64 -22.48 -25.98
N MET E 181 2.92 -22.39 -26.30
CA MET E 181 3.36 -21.64 -27.47
C MET E 181 2.69 -22.18 -28.73
N ARG E 182 2.39 -23.48 -28.75
CA ARG E 182 1.75 -24.09 -29.91
C ARG E 182 0.26 -23.76 -29.94
N ARG E 183 -0.35 -23.60 -28.77
CA ARG E 183 -1.76 -23.24 -28.71
C ARG E 183 -1.92 -21.93 -29.47
N PRO E 184 -2.84 -21.88 -30.45
CA PRO E 184 -3.11 -20.71 -31.27
C PRO E 184 -3.27 -19.35 -30.58
N GLY E 185 -4.47 -19.09 -30.08
CA GLY E 185 -4.75 -17.82 -29.43
C GLY E 185 -3.75 -17.25 -28.42
N ILE E 186 -2.95 -18.11 -27.79
CA ILE E 186 -2.01 -17.64 -26.79
C ILE E 186 -1.05 -16.54 -27.25
N ILE E 187 -0.08 -16.88 -28.10
CA ILE E 187 0.87 -15.87 -28.55
C ILE E 187 0.20 -14.60 -29.05
N GLU E 188 -0.95 -14.73 -29.70
CA GLU E 188 -1.63 -13.55 -30.19
C GLU E 188 -2.17 -12.68 -29.04
N ALA E 189 -2.74 -13.34 -28.03
CA ALA E 189 -3.29 -12.63 -26.88
C ALA E 189 -2.18 -11.85 -26.19
N SER E 190 -1.02 -12.49 -26.08
CA SER E 190 0.12 -11.87 -25.45
C SER E 190 0.53 -10.63 -26.21
N ARG E 191 0.41 -10.68 -27.54
CA ARG E 191 0.75 -9.54 -28.36
C ARG E 191 -0.31 -8.46 -28.20
N LYS E 192 -1.58 -8.85 -28.06
CA LYS E 192 -2.61 -7.84 -27.88
C LYS E 192 -2.37 -7.12 -26.56
N ALA E 193 -1.68 -7.81 -25.65
CA ALA E 193 -1.38 -7.25 -24.34
C ALA E 193 -0.01 -6.58 -24.31
N GLY E 194 0.59 -6.39 -25.48
CA GLY E 194 1.89 -5.74 -25.56
C GLY E 194 2.98 -6.40 -24.74
N LEU E 195 2.89 -7.72 -24.59
CA LEU E 195 3.88 -8.44 -23.81
C LEU E 195 5.05 -8.96 -24.64
N GLU E 196 6.20 -9.09 -23.98
CA GLU E 196 7.37 -9.66 -24.64
C GLU E 196 7.10 -11.13 -24.38
N ILE E 197 7.57 -12.02 -25.24
CA ILE E 197 7.32 -13.43 -25.00
C ILE E 197 8.59 -14.26 -24.84
N MET E 198 8.58 -15.13 -23.85
CA MET E 198 9.73 -15.98 -23.60
C MET E 198 9.27 -17.42 -23.46
N VAL E 199 10.02 -18.33 -24.05
CA VAL E 199 9.69 -19.74 -23.96
C VAL E 199 10.76 -20.47 -23.20
N TYR E 200 10.33 -21.37 -22.31
CA TYR E 200 11.27 -22.16 -21.52
C TYR E 200 11.36 -23.53 -22.15
N TYR E 201 12.59 -23.99 -22.39
CA TYR E 201 12.79 -25.31 -22.97
C TYR E 201 13.90 -26.08 -22.24
N GLY E 202 15.14 -25.68 -22.46
CA GLY E 202 16.24 -26.36 -21.81
C GLY E 202 16.42 -27.81 -22.25
N GLY E 203 15.68 -28.21 -23.29
CA GLY E 203 15.80 -29.57 -23.80
C GLY E 203 16.80 -29.58 -24.95
N ASP E 204 17.09 -30.76 -25.51
CA ASP E 204 18.06 -30.83 -26.60
C ASP E 204 17.52 -31.32 -27.95
N ASP E 205 16.20 -31.54 -28.02
CA ASP E 205 15.56 -31.96 -29.27
C ASP E 205 15.63 -30.72 -30.17
N MET E 206 16.73 -30.62 -30.92
CA MET E 206 16.99 -29.48 -31.81
C MET E 206 15.88 -29.11 -32.79
N ALA E 207 14.90 -30.00 -32.95
CA ALA E 207 13.77 -29.72 -33.82
C ALA E 207 12.96 -28.62 -33.16
N VAL E 208 12.67 -28.84 -31.87
CA VAL E 208 11.91 -27.90 -31.06
C VAL E 208 12.59 -26.53 -31.06
N HIS E 209 13.90 -26.51 -30.81
CA HIS E 209 14.66 -25.26 -30.81
C HIS E 209 14.28 -24.37 -31.98
N ARG E 210 14.28 -24.96 -33.17
CA ARG E 210 13.93 -24.24 -34.39
C ARG E 210 12.44 -23.89 -34.39
N GLU E 211 11.62 -24.73 -33.77
CA GLU E 211 10.19 -24.47 -33.72
C GLU E 211 9.97 -23.21 -32.90
N ILE E 212 10.79 -23.06 -31.87
CA ILE E 212 10.71 -21.90 -30.99
C ILE E 212 11.31 -20.69 -31.69
N ALA E 213 12.46 -20.90 -32.34
CA ALA E 213 13.14 -19.83 -33.05
C ALA E 213 12.37 -19.33 -34.28
N THR E 214 11.51 -20.18 -34.82
CA THR E 214 10.73 -19.79 -36.00
C THR E 214 9.38 -19.26 -35.57
N SER E 215 9.16 -19.18 -34.25
CA SER E 215 7.90 -18.68 -33.71
C SER E 215 8.01 -17.21 -33.33
N ASP E 216 6.85 -16.58 -33.13
CA ASP E 216 6.80 -15.17 -32.75
C ASP E 216 7.17 -15.07 -31.26
N VAL E 217 8.40 -15.48 -30.95
CA VAL E 217 8.91 -15.48 -29.60
C VAL E 217 10.14 -14.57 -29.52
N ASP E 218 10.31 -13.86 -28.41
CA ASP E 218 11.43 -12.95 -28.25
C ASP E 218 12.57 -13.51 -27.42
N TYR E 219 12.26 -14.47 -26.57
CA TYR E 219 13.28 -15.06 -25.73
C TYR E 219 13.13 -16.56 -25.59
N ILE E 220 14.23 -17.23 -25.31
CA ILE E 220 14.19 -18.66 -25.08
C ILE E 220 15.05 -18.92 -23.85
N ASN E 221 14.41 -19.50 -22.83
CA ASN E 221 15.08 -19.83 -21.58
C ASN E 221 15.63 -21.25 -21.80
N LEU E 222 16.93 -21.31 -22.12
CA LEU E 222 17.63 -22.56 -22.46
C LEU E 222 18.55 -23.20 -21.43
N ASP E 223 18.88 -24.45 -21.72
CA ASP E 223 19.83 -25.22 -20.91
C ASP E 223 21.05 -25.49 -21.81
N ARG E 224 20.86 -25.28 -23.12
CA ARG E 224 21.91 -25.51 -24.11
C ARG E 224 21.97 -24.39 -25.15
N PRO E 225 22.72 -23.31 -24.86
CA PRO E 225 22.84 -22.20 -25.79
C PRO E 225 23.54 -22.64 -27.07
N ASP E 226 24.57 -23.46 -26.92
CA ASP E 226 25.34 -23.99 -28.04
C ASP E 226 24.41 -24.44 -29.16
N LEU E 227 23.42 -25.25 -28.80
CA LEU E 227 22.47 -25.76 -29.77
C LEU E 227 21.62 -24.65 -30.40
N PHE E 228 20.72 -24.04 -29.62
CA PHE E 228 19.88 -23.00 -30.19
C PHE E 228 20.71 -21.99 -30.96
N ALA E 229 21.93 -21.72 -30.47
CA ALA E 229 22.80 -20.75 -31.14
C ALA E 229 23.07 -21.10 -32.59
N ALA E 230 23.43 -22.35 -32.84
CA ALA E 230 23.73 -22.82 -34.18
C ALA E 230 22.47 -22.88 -35.04
N VAL E 231 21.33 -23.19 -34.41
CA VAL E 231 20.07 -23.24 -35.13
C VAL E 231 19.76 -21.81 -35.56
N ARG E 232 20.38 -20.86 -34.86
CA ARG E 232 20.20 -19.46 -35.15
C ARG E 232 21.07 -19.07 -36.34
N SER E 233 22.31 -19.53 -36.31
CA SER E 233 23.24 -19.26 -37.40
C SER E 233 22.73 -19.94 -38.67
N MET F 1 23.32 -9.80 30.20
CA MET F 1 22.39 -10.51 31.14
C MET F 1 21.10 -10.91 30.42
N THR F 2 20.96 -12.20 30.13
CA THR F 2 19.79 -12.72 29.42
C THR F 2 18.44 -12.61 30.12
N LYS F 3 17.51 -11.89 29.51
CA LYS F 3 16.19 -11.70 30.06
C LYS F 3 15.31 -12.90 29.71
N ILE F 4 14.41 -13.25 30.61
CA ILE F 4 13.55 -14.40 30.42
C ILE F 4 12.12 -14.09 29.99
N VAL F 5 11.68 -14.78 28.93
CA VAL F 5 10.35 -14.62 28.38
C VAL F 5 9.53 -15.87 28.68
N SER F 6 8.53 -15.73 29.55
CA SER F 6 7.71 -16.87 29.94
C SER F 6 6.55 -17.18 28.99
N HIS F 7 6.81 -18.15 28.12
CA HIS F 7 5.84 -18.62 27.14
C HIS F 7 4.54 -19.06 27.81
N ARG F 8 3.46 -18.29 27.59
CA ARG F 8 2.12 -18.55 28.16
C ARG F 8 2.18 -18.75 29.67
N GLY F 9 3.19 -18.15 30.28
CA GLY F 9 3.39 -18.25 31.71
C GLY F 9 4.02 -19.56 32.16
N ALA F 10 4.10 -19.76 33.47
CA ALA F 10 4.64 -20.98 34.07
C ALA F 10 3.58 -22.06 33.81
N ASN F 11 3.37 -22.36 32.54
CA ASN F 11 2.38 -23.35 32.11
C ASN F 11 2.67 -24.74 32.62
N ARG F 12 3.87 -24.93 33.15
CA ARG F 12 4.28 -26.22 33.65
C ARG F 12 3.87 -26.44 35.10
N PHE F 13 3.28 -25.43 35.73
CA PHE F 13 2.84 -25.56 37.12
C PHE F 13 1.48 -24.94 37.35
N ALA F 14 1.04 -24.14 36.39
CA ALA F 14 -0.25 -23.47 36.47
C ALA F 14 -0.95 -23.51 35.10
N PRO F 15 -2.28 -23.39 35.09
CA PRO F 15 -3.03 -23.41 33.82
C PRO F 15 -2.49 -22.32 32.89
N GLU F 16 -2.07 -22.71 31.70
CA GLU F 16 -1.53 -21.75 30.75
C GLU F 16 -2.48 -20.57 30.51
N ASN F 17 -1.89 -19.40 30.26
CA ASN F 17 -2.63 -18.18 29.98
C ASN F 17 -3.72 -17.83 31.01
N THR F 18 -3.28 -17.72 32.26
CA THR F 18 -4.15 -17.35 33.38
C THR F 18 -3.29 -16.43 34.26
N PHE F 19 -3.93 -15.61 35.09
CA PHE F 19 -3.15 -14.75 35.97
C PHE F 19 -2.34 -15.63 36.90
N ALA F 20 -2.91 -16.75 37.30
CA ALA F 20 -2.21 -17.68 38.17
C ALA F 20 -0.87 -18.07 37.54
N ALA F 21 -0.91 -18.42 36.25
CA ALA F 21 0.30 -18.81 35.53
C ALA F 21 1.26 -17.63 35.38
N ALA F 22 0.70 -16.43 35.27
CA ALA F 22 1.48 -15.22 35.09
C ALA F 22 2.22 -14.78 36.34
N ASP F 23 1.53 -14.82 37.46
CA ASP F 23 2.15 -14.41 38.72
C ASP F 23 3.20 -15.42 39.14
N LEU F 24 2.91 -16.70 38.93
CA LEU F 24 3.87 -17.75 39.27
C LEU F 24 5.16 -17.51 38.48
N ALA F 25 5.03 -17.30 37.17
CA ALA F 25 6.19 -17.05 36.34
C ALA F 25 6.96 -15.82 36.84
N LEU F 26 6.22 -14.76 37.13
CA LEU F 26 6.83 -13.53 37.62
C LEU F 26 7.74 -13.85 38.80
N GLN F 27 7.26 -14.72 39.68
CA GLN F 27 8.02 -15.10 40.86
C GLN F 27 9.23 -15.96 40.53
N GLN F 28 9.08 -16.92 39.63
CA GLN F 28 10.22 -17.77 39.26
C GLN F 28 11.33 -16.92 38.61
N GLY F 29 11.05 -15.62 38.43
CA GLY F 29 12.06 -14.73 37.88
C GLY F 29 11.82 -14.14 36.49
N ALA F 30 10.69 -14.47 35.86
CA ALA F 30 10.39 -13.98 34.52
C ALA F 30 10.52 -12.44 34.34
N ASP F 31 11.13 -12.05 33.23
CA ASP F 31 11.32 -10.65 32.89
C ASP F 31 10.15 -10.24 31.98
N TYR F 32 9.74 -11.17 31.13
CA TYR F 32 8.64 -10.95 30.20
C TYR F 32 7.62 -12.08 30.31
N ILE F 33 6.39 -11.80 29.86
CA ILE F 33 5.33 -12.81 29.86
C ILE F 33 4.81 -12.89 28.42
N GLU F 34 4.53 -14.11 27.93
CA GLU F 34 4.01 -14.25 26.57
C GLU F 34 2.54 -14.60 26.60
N LEU F 35 1.77 -14.00 25.70
CA LEU F 35 0.35 -14.28 25.63
C LEU F 35 0.03 -14.63 24.20
N ASP F 36 -1.23 -14.99 23.99
CA ASP F 36 -1.73 -15.32 22.69
C ASP F 36 -3.06 -14.59 22.67
N VAL F 37 -3.31 -13.81 21.63
CA VAL F 37 -4.56 -13.06 21.56
C VAL F 37 -5.57 -13.60 20.56
N ARG F 38 -6.80 -13.76 21.02
CA ARG F 38 -7.92 -14.23 20.20
C ARG F 38 -8.98 -13.15 20.37
N GLU F 39 -10.09 -13.25 19.63
CA GLU F 39 -11.13 -12.25 19.77
C GLU F 39 -12.51 -12.91 19.78
N SER F 40 -13.31 -12.57 20.78
CA SER F 40 -14.66 -13.13 20.92
C SER F 40 -15.54 -12.73 19.75
N ALA F 41 -16.72 -13.32 19.68
CA ALA F 41 -17.64 -12.99 18.61
C ALA F 41 -18.03 -11.51 18.60
N ASP F 42 -17.93 -10.86 19.76
CA ASP F 42 -18.33 -9.45 19.86
C ASP F 42 -17.17 -8.48 20.01
N GLY F 43 -15.99 -8.91 19.57
CA GLY F 43 -14.82 -8.05 19.57
C GLY F 43 -14.09 -7.74 20.86
N VAL F 44 -14.09 -8.67 21.80
CA VAL F 44 -13.40 -8.46 23.06
C VAL F 44 -12.12 -9.25 22.98
N LEU F 45 -11.00 -8.59 23.28
CA LEU F 45 -9.70 -9.24 23.23
C LEU F 45 -9.46 -10.19 24.39
N TYR F 46 -9.27 -11.48 24.09
CA TYR F 46 -9.02 -12.46 25.13
C TYR F 46 -7.65 -13.10 25.02
N VAL F 47 -7.15 -13.60 26.14
CA VAL F 47 -5.85 -14.25 26.16
C VAL F 47 -6.05 -15.75 26.23
N ILE F 48 -5.92 -16.39 25.08
CA ILE F 48 -6.08 -17.83 25.00
C ILE F 48 -5.44 -18.29 23.70
N HIS F 49 -4.69 -19.37 23.78
CA HIS F 49 -3.98 -19.92 22.64
C HIS F 49 -4.81 -20.52 21.50
N ASP F 50 -5.47 -21.65 21.77
CA ASP F 50 -6.28 -22.35 20.76
C ASP F 50 -7.39 -21.56 20.11
N GLU F 51 -7.84 -22.05 18.95
CA GLU F 51 -8.94 -21.39 18.25
C GLU F 51 -10.21 -21.85 18.94
N THR F 52 -10.09 -22.92 19.73
CA THR F 52 -11.23 -23.47 20.45
C THR F 52 -11.04 -23.53 21.97
N LEU F 53 -12.12 -23.27 22.70
CA LEU F 53 -12.14 -23.27 24.16
C LEU F 53 -11.86 -24.65 24.76
N ASP F 54 -12.28 -25.68 24.03
CA ASP F 54 -12.15 -27.07 24.41
C ASP F 54 -10.99 -27.48 25.32
N ARG F 55 -9.79 -27.51 24.78
CA ARG F 55 -8.60 -27.94 25.53
C ARG F 55 -8.26 -27.23 26.85
N THR F 56 -8.50 -25.92 26.95
CA THR F 56 -8.11 -25.23 28.16
C THR F 56 -9.22 -24.57 28.97
N THR F 57 -10.47 -24.94 28.71
CA THR F 57 -11.57 -24.37 29.46
C THR F 57 -12.67 -25.41 29.51
N ASN F 58 -13.72 -25.13 30.28
CA ASN F 58 -14.86 -26.04 30.39
C ASN F 58 -15.87 -25.69 29.30
N GLY F 59 -15.47 -24.79 28.40
CA GLY F 59 -16.32 -24.38 27.30
C GLY F 59 -15.93 -25.16 26.06
N THR F 60 -16.77 -25.13 25.02
CA THR F 60 -16.45 -25.84 23.80
C THR F 60 -16.74 -25.04 22.54
N GLY F 61 -15.99 -25.32 21.48
CA GLY F 61 -16.20 -24.61 20.23
C GLY F 61 -15.23 -23.48 19.98
N PRO F 62 -15.40 -22.73 18.87
CA PRO F 62 -14.55 -21.61 18.47
C PRO F 62 -14.66 -20.41 19.42
N VAL F 63 -13.53 -19.82 19.79
CA VAL F 63 -13.59 -18.65 20.69
C VAL F 63 -14.26 -17.49 19.96
N GLY F 64 -14.17 -17.50 18.63
CA GLY F 64 -14.76 -16.44 17.83
C GLY F 64 -16.28 -16.46 17.73
N HIS F 65 -16.91 -17.58 18.10
CA HIS F 65 -18.36 -17.65 18.00
C HIS F 65 -19.04 -17.38 19.32
N MET F 66 -18.27 -17.15 20.38
CA MET F 66 -18.84 -16.91 21.70
C MET F 66 -18.77 -15.46 22.19
N LEU F 67 -19.88 -14.98 22.75
CA LEU F 67 -19.94 -13.62 23.27
C LEU F 67 -19.13 -13.51 24.56
N SER F 68 -18.48 -12.37 24.75
CA SER F 68 -17.67 -12.13 25.95
C SER F 68 -18.43 -12.50 27.23
N SER F 69 -19.74 -12.30 27.21
CA SER F 69 -20.59 -12.60 28.36
C SER F 69 -20.36 -14.03 28.85
N GLU F 70 -20.46 -14.96 27.91
CA GLU F 70 -20.29 -16.38 28.20
C GLU F 70 -18.84 -16.77 28.40
N ILE F 71 -17.93 -16.11 27.68
CA ILE F 71 -16.51 -16.41 27.81
C ILE F 71 -16.09 -16.10 29.24
N ASP F 72 -16.50 -14.94 29.73
CA ASP F 72 -16.18 -14.50 31.10
C ASP F 72 -16.78 -15.47 32.12
N THR F 73 -17.47 -16.49 31.61
CA THR F 73 -18.12 -17.49 32.44
C THR F 73 -17.33 -18.81 32.52
N LEU F 74 -16.43 -19.01 31.58
CA LEU F 74 -15.66 -20.23 31.51
C LEU F 74 -14.66 -20.44 32.63
N ASP F 75 -14.22 -21.70 32.74
CA ASP F 75 -13.24 -22.12 33.73
C ASP F 75 -11.94 -22.51 33.02
N ALA F 76 -11.01 -21.56 32.95
CA ALA F 76 -9.73 -21.81 32.30
C ALA F 76 -8.68 -22.38 33.24
N GLY F 77 -9.10 -22.98 34.34
CA GLY F 77 -8.13 -23.52 35.29
C GLY F 77 -8.40 -24.94 35.77
N GLY F 78 -9.67 -25.27 35.95
CA GLY F 78 -10.04 -26.58 36.42
C GLY F 78 -9.42 -27.76 35.69
N TRP F 79 -9.37 -27.71 34.37
CA TRP F 79 -8.80 -28.80 33.60
C TRP F 79 -7.37 -29.13 34.02
N PHE F 80 -6.64 -28.13 34.51
CA PHE F 80 -5.26 -28.32 34.91
C PHE F 80 -5.08 -28.86 36.31
N ASP F 81 -5.94 -28.43 37.22
CA ASP F 81 -5.87 -28.87 38.63
C ASP F 81 -7.03 -28.28 39.44
N ASP F 82 -7.40 -28.97 40.50
CA ASP F 82 -8.48 -28.52 41.36
C ASP F 82 -8.08 -27.22 42.06
N ARG F 83 -6.78 -27.03 42.24
CA ARG F 83 -6.26 -25.83 42.88
C ARG F 83 -6.66 -24.59 42.10
N PHE F 84 -6.93 -24.76 40.81
CA PHE F 84 -7.29 -23.64 39.96
C PHE F 84 -8.71 -23.60 39.43
N LYS F 85 -9.60 -24.41 39.99
CA LYS F 85 -11.00 -24.46 39.55
C LYS F 85 -11.52 -23.07 39.21
N GLY F 86 -11.10 -22.06 39.96
CA GLY F 86 -11.57 -20.71 39.69
C GLY F 86 -11.17 -20.05 38.37
N ALA F 87 -9.87 -20.07 38.06
CA ALA F 87 -9.30 -19.45 36.86
C ALA F 87 -10.26 -19.00 35.76
N ILE F 88 -10.06 -17.76 35.31
CA ILE F 88 -10.88 -17.19 34.23
C ILE F 88 -10.01 -17.00 32.98
N VAL F 89 -10.66 -16.79 31.84
CA VAL F 89 -9.94 -16.53 30.60
C VAL F 89 -9.67 -15.03 30.69
N PRO F 90 -8.42 -14.64 30.92
CA PRO F 90 -7.99 -13.24 31.05
C PRO F 90 -8.31 -12.36 29.87
N ARG F 91 -8.96 -11.23 30.12
CA ARG F 91 -9.24 -10.29 29.05
C ARG F 91 -7.92 -9.58 28.87
N LEU F 92 -7.51 -9.35 27.62
CA LEU F 92 -6.23 -8.68 27.36
C LEU F 92 -6.28 -7.38 28.14
N ASP F 93 -7.49 -6.84 28.21
CA ASP F 93 -7.82 -5.64 28.95
C ASP F 93 -7.06 -5.63 30.27
N ALA F 94 -7.58 -6.39 31.22
CA ALA F 94 -7.00 -6.46 32.55
C ALA F 94 -5.68 -7.20 32.66
N TYR F 95 -5.48 -8.22 31.83
CA TYR F 95 -4.24 -8.97 31.90
C TYR F 95 -3.05 -8.03 31.72
N LEU F 96 -3.15 -7.15 30.73
CA LEU F 96 -2.08 -6.20 30.42
C LEU F 96 -1.87 -5.20 31.54
N GLU F 97 -2.97 -4.66 32.06
CA GLU F 97 -2.87 -3.68 33.11
C GLU F 97 -2.21 -4.28 34.34
N HIS F 98 -2.47 -5.56 34.56
CA HIS F 98 -1.89 -6.26 35.70
C HIS F 98 -0.39 -6.46 35.53
N LEU F 99 0.07 -6.61 34.29
CA LEU F 99 1.50 -6.80 34.04
C LEU F 99 2.24 -5.48 33.92
N ARG F 100 1.55 -4.45 33.46
CA ARG F 100 2.16 -3.14 33.30
C ARG F 100 2.97 -2.76 34.55
N GLY F 101 4.25 -2.48 34.36
CA GLY F 101 5.12 -2.12 35.47
C GLY F 101 5.72 -3.30 36.22
N ARG F 102 5.20 -4.50 36.00
CA ARG F 102 5.72 -5.67 36.71
C ARG F 102 6.52 -6.58 35.79
N ALA F 103 6.35 -6.41 34.48
CA ALA F 103 7.07 -7.25 33.50
C ALA F 103 6.85 -6.80 32.06
N GLY F 104 7.76 -7.23 31.19
CA GLY F 104 7.66 -6.92 29.77
C GLY F 104 6.61 -7.85 29.21
N VAL F 105 6.14 -7.60 27.99
CA VAL F 105 5.12 -8.45 27.42
C VAL F 105 5.29 -8.79 25.94
N TYR F 106 5.34 -10.08 25.63
CA TYR F 106 5.49 -10.54 24.27
C TYR F 106 4.10 -10.99 23.83
N ILE F 107 3.52 -10.18 22.96
CA ILE F 107 2.19 -10.40 22.43
C ILE F 107 2.17 -11.05 21.04
N GLU F 108 1.59 -12.25 20.98
CA GLU F 108 1.50 -13.01 19.73
C GLU F 108 0.04 -13.06 19.31
N LEU F 109 -0.30 -12.36 18.24
CA LEU F 109 -1.66 -12.35 17.76
C LEU F 109 -1.99 -13.69 17.12
N LYS F 110 -3.06 -14.35 17.58
CA LYS F 110 -3.48 -15.62 16.99
C LYS F 110 -4.38 -15.24 15.81
N TYR F 111 -5.43 -14.49 16.13
CA TYR F 111 -6.36 -13.98 15.14
C TYR F 111 -7.29 -13.05 15.88
N CYS F 112 -7.23 -11.78 15.50
CA CYS F 112 -8.05 -10.76 16.13
C CYS F 112 -7.93 -9.47 15.33
N ASP F 113 -8.34 -8.37 15.95
CA ASP F 113 -8.30 -7.08 15.31
C ASP F 113 -7.06 -6.31 15.74
N PRO F 114 -6.09 -6.16 14.82
CA PRO F 114 -4.85 -5.45 15.09
C PRO F 114 -5.11 -4.05 15.67
N ALA F 115 -6.13 -3.38 15.13
CA ALA F 115 -6.49 -2.03 15.57
C ALA F 115 -6.86 -2.00 17.06
N LYS F 116 -7.66 -2.97 17.49
CA LYS F 116 -8.05 -3.02 18.90
C LYS F 116 -6.79 -3.19 19.77
N VAL F 117 -5.85 -4.00 19.30
CA VAL F 117 -4.62 -4.22 20.03
C VAL F 117 -3.77 -2.96 20.09
N ALA F 118 -3.54 -2.34 18.95
CA ALA F 118 -2.71 -1.15 18.90
C ALA F 118 -3.28 0.00 19.72
N ALA F 119 -4.60 0.12 19.78
CA ALA F 119 -5.20 1.21 20.54
C ALA F 119 -5.05 0.94 22.04
N LEU F 120 -5.30 -0.30 22.43
CA LEU F 120 -5.20 -0.73 23.81
C LEU F 120 -3.80 -0.48 24.35
N VAL F 121 -2.82 -0.93 23.59
CA VAL F 121 -1.44 -0.75 23.98
C VAL F 121 -1.01 0.70 24.06
N ARG F 122 -1.46 1.52 23.13
CA ARG F 122 -1.07 2.93 23.16
C ARG F 122 -1.72 3.61 24.36
N HIS F 123 -2.98 3.29 24.59
CA HIS F 123 -3.70 3.86 25.72
C HIS F 123 -3.04 3.50 27.04
N LEU F 124 -2.50 2.28 27.14
CA LEU F 124 -1.82 1.82 28.35
C LEU F 124 -0.35 2.25 28.40
N GLY F 125 0.09 2.99 27.38
CA GLY F 125 1.45 3.49 27.35
C GLY F 125 2.50 2.41 27.35
N MET F 126 2.08 1.19 27.05
CA MET F 126 2.98 0.05 27.03
C MET F 126 3.71 -0.20 25.71
N VAL F 127 3.77 0.80 24.84
CA VAL F 127 4.44 0.62 23.56
C VAL F 127 5.84 0.01 23.70
N ARG F 128 6.71 0.72 24.42
CA ARG F 128 8.12 0.34 24.63
C ARG F 128 8.45 -1.03 25.21
N ASP F 129 7.83 -1.39 26.32
CA ASP F 129 8.10 -2.67 26.97
C ASP F 129 7.18 -3.76 26.44
N THR F 130 7.10 -3.86 25.13
CA THR F 130 6.24 -4.83 24.52
C THR F 130 6.70 -5.09 23.08
N PHE F 131 6.49 -6.30 22.58
CA PHE F 131 6.87 -6.64 21.21
C PHE F 131 5.91 -7.68 20.63
N TYR F 132 5.78 -7.72 19.31
CA TYR F 132 4.80 -8.60 18.67
C TYR F 132 5.26 -9.60 17.62
N PHE F 133 4.42 -10.61 17.40
CA PHE F 133 4.69 -11.63 16.41
C PHE F 133 3.37 -12.31 16.09
N SER F 134 3.36 -13.12 15.03
CA SER F 134 2.17 -13.85 14.63
C SER F 134 2.51 -14.78 13.47
N PHE F 135 1.87 -15.93 13.42
CA PHE F 135 2.13 -16.87 12.32
C PHE F 135 1.17 -16.59 11.18
N SER F 136 0.19 -15.72 11.44
CA SER F 136 -0.80 -15.35 10.44
C SER F 136 -0.27 -14.14 9.66
N GLU F 137 -0.09 -14.31 8.37
CA GLU F 137 0.39 -13.22 7.55
C GLU F 137 -0.62 -12.11 7.55
N GLU F 138 -1.90 -12.49 7.54
CA GLU F 138 -2.97 -11.51 7.57
C GLU F 138 -2.78 -10.63 8.81
N MET F 139 -2.48 -11.29 9.91
CA MET F 139 -2.29 -10.62 11.17
C MET F 139 -1.05 -9.73 11.22
N ARG F 140 0.05 -10.20 10.67
CA ARG F 140 1.28 -9.41 10.69
C ARG F 140 1.22 -8.17 9.82
N GLN F 141 0.58 -8.31 8.66
CA GLN F 141 0.45 -7.20 7.72
C GLN F 141 -0.54 -6.19 8.28
N GLY F 142 -1.57 -6.69 8.96
CA GLY F 142 -2.54 -5.79 9.55
C GLY F 142 -1.85 -4.93 10.60
N LEU F 143 -1.05 -5.58 11.44
CA LEU F 143 -0.35 -4.87 12.48
C LEU F 143 0.76 -4.02 11.90
N GLN F 144 1.39 -4.51 10.83
CA GLN F 144 2.48 -3.79 10.19
C GLN F 144 2.02 -2.43 9.62
N SER F 145 0.86 -2.39 8.99
CA SER F 145 0.38 -1.12 8.45
C SER F 145 -0.14 -0.21 9.60
N ILE F 146 -0.85 -0.81 10.55
CA ILE F 146 -1.39 -0.05 11.67
C ILE F 146 -0.35 0.39 12.70
N ALA F 147 0.58 -0.49 13.05
CA ALA F 147 1.59 -0.15 14.04
C ALA F 147 3.02 -0.51 13.60
N PRO F 148 3.54 0.20 12.59
CA PRO F 148 4.91 -0.17 12.19
C PRO F 148 5.97 0.15 13.27
N GLU F 149 5.68 1.14 14.13
CA GLU F 149 6.63 1.54 15.18
C GLU F 149 6.80 0.49 16.28
N PHE F 150 5.82 -0.41 16.42
CA PHE F 150 5.91 -1.44 17.44
C PHE F 150 7.15 -2.33 17.27
N ARG F 151 7.59 -2.93 18.37
CA ARG F 151 8.74 -3.83 18.32
C ARG F 151 8.13 -5.16 17.93
N ARG F 152 8.79 -5.88 17.03
CA ARG F 152 8.28 -7.19 16.59
C ARG F 152 9.44 -8.11 16.26
N MET F 153 9.19 -9.40 16.24
CA MET F 153 10.24 -10.35 15.95
C MET F 153 9.89 -11.25 14.79
N MET F 154 10.91 -11.92 14.28
CA MET F 154 10.76 -12.88 13.20
C MET F 154 11.64 -14.10 13.50
N THR F 155 11.10 -15.29 13.27
CA THR F 155 11.87 -16.50 13.49
C THR F 155 12.81 -16.65 12.29
N LEU F 156 14.01 -17.17 12.56
CA LEU F 156 14.98 -17.39 11.49
C LEU F 156 14.39 -18.37 10.46
N ASP F 157 13.68 -19.39 10.94
CA ASP F 157 13.06 -20.37 10.04
C ASP F 157 12.32 -19.71 8.89
N ILE F 158 11.71 -18.56 9.17
CA ILE F 158 10.95 -17.82 8.18
C ILE F 158 11.78 -16.78 7.43
N ALA F 159 12.55 -15.99 8.16
CA ALA F 159 13.38 -14.96 7.56
C ALA F 159 14.47 -15.56 6.67
N LYS F 160 14.83 -16.82 6.92
CA LYS F 160 15.87 -17.53 6.16
C LYS F 160 17.28 -17.07 6.51
N SER F 161 17.49 -15.76 6.55
CA SER F 161 18.79 -15.18 6.91
C SER F 161 18.58 -14.14 7.98
N PRO F 162 19.63 -13.84 8.75
CA PRO F 162 19.48 -12.82 9.79
C PRO F 162 19.34 -11.42 9.21
N SER F 163 19.96 -11.20 8.06
CA SER F 163 19.94 -9.90 7.39
C SER F 163 18.60 -9.62 6.72
N LEU F 164 17.64 -10.53 6.88
CA LEU F 164 16.33 -10.34 6.28
C LEU F 164 15.26 -10.15 7.36
N VAL F 165 15.64 -10.29 8.63
CA VAL F 165 14.69 -10.14 9.72
C VAL F 165 14.12 -8.73 9.72
N GLY F 166 15.00 -7.74 9.54
CA GLY F 166 14.56 -6.37 9.49
C GLY F 166 14.17 -5.96 8.07
N ALA F 167 15.06 -6.24 7.12
CA ALA F 167 14.84 -5.86 5.73
C ALA F 167 13.58 -6.40 5.06
N VAL F 168 13.22 -7.64 5.34
CA VAL F 168 12.03 -8.20 4.71
C VAL F 168 10.85 -8.39 5.65
N HIS F 169 11.12 -8.59 6.93
CA HIS F 169 10.04 -8.79 7.87
C HIS F 169 9.83 -7.63 8.82
N HIS F 170 10.63 -6.59 8.64
CA HIS F 170 10.47 -5.38 9.44
C HIS F 170 10.59 -5.65 10.91
N ALA F 171 11.24 -6.73 11.28
CA ALA F 171 11.39 -7.08 12.68
C ALA F 171 12.64 -6.47 13.32
N SER F 172 12.59 -6.35 14.64
CA SER F 172 13.64 -5.76 15.45
C SER F 172 14.29 -6.86 16.29
N ILE F 173 13.59 -7.98 16.35
CA ILE F 173 14.03 -9.11 17.14
C ILE F 173 14.02 -10.39 16.31
N ILE F 174 15.02 -11.23 16.50
CA ILE F 174 15.08 -12.48 15.78
C ILE F 174 15.00 -13.65 16.74
N GLU F 175 14.07 -14.58 16.51
CA GLU F 175 13.94 -15.76 17.36
C GLU F 175 14.78 -16.88 16.76
N ILE F 176 15.55 -17.56 17.60
CA ILE F 176 16.43 -18.62 17.13
C ILE F 176 16.32 -19.92 17.93
N THR F 177 16.50 -21.05 17.24
CA THR F 177 16.46 -22.35 17.90
C THR F 177 17.81 -22.53 18.58
N PRO F 178 17.87 -23.27 19.70
CA PRO F 178 19.16 -23.46 20.38
C PRO F 178 20.20 -23.95 19.37
N ALA F 179 19.72 -24.66 18.34
CA ALA F 179 20.61 -25.17 17.30
C ALA F 179 21.21 -24.01 16.53
N GLN F 180 20.35 -23.26 15.83
CA GLN F 180 20.78 -22.10 15.04
C GLN F 180 21.66 -21.16 15.85
N MET F 181 21.48 -21.19 17.16
CA MET F 181 22.26 -20.34 18.03
C MET F 181 23.74 -20.73 18.02
N ARG F 182 23.99 -22.04 18.00
CA ARG F 182 25.35 -22.60 18.01
C ARG F 182 26.23 -22.15 16.84
N ARG F 183 25.67 -22.12 15.65
CA ARG F 183 26.43 -21.68 14.48
C ARG F 183 27.05 -20.32 14.83
N PRO F 184 28.39 -20.24 14.77
CA PRO F 184 29.08 -18.98 15.09
C PRO F 184 28.63 -17.82 14.20
N GLY F 185 28.25 -18.13 12.97
CA GLY F 185 27.80 -17.10 12.06
C GLY F 185 26.48 -16.45 12.41
N ILE F 186 25.50 -17.26 12.80
CA ILE F 186 24.17 -16.78 13.16
C ILE F 186 24.15 -15.60 14.13
N ILE F 187 24.76 -15.78 15.30
CA ILE F 187 24.75 -14.70 16.27
C ILE F 187 25.44 -13.42 15.83
N GLU F 188 26.64 -13.54 15.30
CA GLU F 188 27.36 -12.36 14.86
C GLU F 188 26.58 -11.64 13.76
N ALA F 189 26.03 -12.40 12.82
CA ALA F 189 25.25 -11.82 11.71
C ALA F 189 24.05 -11.03 12.23
N SER F 190 23.40 -11.57 13.26
CA SER F 190 22.25 -10.94 13.88
C SER F 190 22.67 -9.62 14.49
N ARG F 191 23.78 -9.64 15.22
CA ARG F 191 24.29 -8.44 15.86
C ARG F 191 24.66 -7.37 14.83
N LYS F 192 25.20 -7.81 13.69
CA LYS F 192 25.57 -6.87 12.65
C LYS F 192 24.36 -6.07 12.22
N ALA F 193 23.24 -6.77 12.11
CA ALA F 193 21.98 -6.19 11.69
C ALA F 193 21.33 -5.34 12.78
N GLY F 194 21.95 -5.26 13.95
CA GLY F 194 21.41 -4.48 15.04
C GLY F 194 20.19 -5.12 15.69
N LEU F 195 20.09 -6.44 15.60
CA LEU F 195 18.93 -7.15 16.16
C LEU F 195 19.07 -7.58 17.62
N GLU F 196 17.93 -7.86 18.23
CA GLU F 196 17.90 -8.36 19.59
C GLU F 196 17.80 -9.85 19.33
N ILE F 197 18.29 -10.66 20.26
CA ILE F 197 18.29 -12.09 20.05
C ILE F 197 17.52 -12.86 21.11
N MET F 198 16.61 -13.71 20.65
CA MET F 198 15.78 -14.54 21.53
C MET F 198 15.89 -15.98 21.08
N VAL F 199 16.06 -16.90 22.05
CA VAL F 199 16.16 -18.31 21.73
C VAL F 199 14.96 -19.03 22.30
N TYR F 200 14.19 -19.70 21.44
CA TYR F 200 13.04 -20.44 21.92
C TYR F 200 13.50 -21.80 22.41
N TYR F 201 13.00 -22.21 23.55
CA TYR F 201 13.37 -23.52 24.08
C TYR F 201 12.18 -24.21 24.75
N GLY F 202 12.02 -23.99 26.06
CA GLY F 202 10.93 -24.63 26.76
C GLY F 202 11.18 -26.10 27.07
N GLY F 203 12.46 -26.47 27.04
CA GLY F 203 12.83 -27.84 27.35
C GLY F 203 13.28 -27.85 28.78
N ASP F 204 13.44 -29.05 29.35
CA ASP F 204 13.86 -29.17 30.74
C ASP F 204 15.31 -29.58 30.96
N ASP F 205 16.09 -29.69 29.88
CA ASP F 205 17.49 -30.07 30.00
C ASP F 205 18.28 -28.89 30.54
N MET F 206 18.69 -28.99 31.81
CA MET F 206 19.47 -27.95 32.46
C MET F 206 20.69 -27.70 31.60
N ALA F 207 21.03 -28.72 30.82
CA ALA F 207 22.18 -28.67 29.91
C ALA F 207 21.99 -27.50 28.95
N VAL F 208 20.90 -27.56 28.18
CA VAL F 208 20.57 -26.52 27.21
C VAL F 208 20.50 -25.13 27.86
N HIS F 209 19.69 -25.01 28.91
CA HIS F 209 19.54 -23.74 29.62
C HIS F 209 20.87 -23.09 29.95
N ARG F 210 21.82 -23.90 30.43
CA ARG F 210 23.13 -23.40 30.77
C ARG F 210 23.79 -22.79 29.52
N GLU F 211 23.79 -23.56 28.44
CA GLU F 211 24.39 -23.12 27.18
C GLU F 211 23.79 -21.81 26.67
N ILE F 212 22.46 -21.74 26.65
CA ILE F 212 21.77 -20.53 26.20
C ILE F 212 22.19 -19.34 27.06
N ALA F 213 22.21 -19.55 28.37
CA ALA F 213 22.62 -18.49 29.29
C ALA F 213 24.05 -18.14 28.93
N THR F 214 24.80 -19.17 28.56
CA THR F 214 26.22 -19.03 28.19
C THR F 214 26.39 -18.08 27.03
N SER F 215 25.67 -18.36 25.95
CA SER F 215 25.71 -17.59 24.71
C SER F 215 25.47 -16.08 24.83
N ASP F 216 25.56 -15.42 23.68
CA ASP F 216 25.32 -14.00 23.60
C ASP F 216 23.89 -13.84 23.08
N VAL F 217 22.94 -14.02 23.99
CA VAL F 217 21.52 -13.92 23.65
C VAL F 217 20.86 -12.87 24.55
N ASP F 218 19.80 -12.22 24.05
CA ASP F 218 19.09 -11.19 24.82
C ASP F 218 17.91 -11.72 25.62
N TYR F 219 17.14 -12.61 25.00
CA TYR F 219 15.97 -13.20 25.64
C TYR F 219 15.94 -14.67 25.32
N ILE F 220 15.21 -15.42 26.15
CA ILE F 220 15.02 -16.85 25.95
C ILE F 220 13.53 -17.15 26.13
N ASN F 221 12.87 -17.59 25.07
CA ASN F 221 11.44 -17.90 25.13
C ASN F 221 11.28 -19.28 25.77
N LEU F 222 11.15 -19.24 27.09
CA LEU F 222 11.04 -20.42 27.96
C LEU F 222 9.67 -20.98 28.27
N ASP F 223 9.68 -22.18 28.85
CA ASP F 223 8.47 -22.86 29.29
C ASP F 223 8.72 -23.25 30.75
N ARG F 224 9.95 -23.08 31.20
CA ARG F 224 10.32 -23.41 32.57
C ARG F 224 11.18 -22.29 33.16
N PRO F 225 10.54 -21.15 33.52
CA PRO F 225 11.25 -19.99 34.08
C PRO F 225 12.19 -20.34 35.22
N ASP F 226 11.76 -21.27 36.07
CA ASP F 226 12.55 -21.70 37.22
C ASP F 226 13.93 -22.24 36.87
N LEU F 227 13.98 -23.12 35.89
CA LEU F 227 15.25 -23.73 35.47
C LEU F 227 16.29 -22.71 35.06
N PHE F 228 15.97 -21.92 34.02
CA PHE F 228 16.90 -20.91 33.54
C PHE F 228 17.14 -19.83 34.59
N ALA F 229 16.13 -19.59 35.43
CA ALA F 229 16.25 -18.59 36.48
C ALA F 229 17.43 -18.97 37.38
N ALA F 230 17.46 -20.24 37.78
CA ALA F 230 18.52 -20.77 38.63
C ALA F 230 19.87 -20.66 37.92
N VAL F 231 19.91 -21.09 36.66
CA VAL F 231 21.14 -21.04 35.89
C VAL F 231 21.69 -19.64 35.74
N ARG F 232 20.79 -18.67 35.51
CA ARG F 232 21.21 -17.28 35.35
C ARG F 232 21.86 -16.78 36.63
N SER F 233 21.18 -17.00 37.75
CA SER F 233 21.70 -16.57 39.05
C SER F 233 23.16 -17.00 39.20
N GLY F 234 23.42 -18.30 39.08
CA GLY F 234 24.76 -18.83 39.21
C GLY F 234 25.84 -18.05 38.43
N MET F 235 25.50 -17.60 37.24
CA MET F 235 26.43 -16.84 36.40
C MET F 235 26.73 -15.47 37.02
C ACT G . 3.84 18.12 -20.13
O ACT G . 4.27 16.89 -19.86
OXT ACT G . 2.78 18.29 -20.71
CH3 ACT G . 4.66 19.33 -19.72
S SO4 H . -0.25 21.41 -20.13
O1 SO4 H . 0.60 22.24 -21.13
O2 SO4 H . 0.70 20.30 -19.57
O3 SO4 H . -0.60 22.28 -19.00
O4 SO4 H . -1.22 20.67 -20.96
C ACT I . 15.11 19.48 12.44
O ACT I . 15.53 18.32 12.97
OXT ACT I . 15.86 20.14 11.76
CH3 ACT I . 13.71 19.98 12.69
S SO4 J . 17.13 22.58 9.35
O1 SO4 J . 16.65 22.96 7.93
O2 SO4 J . 17.00 21.03 9.49
O3 SO4 J . 18.54 22.89 9.39
O4 SO4 J . 16.14 23.14 10.24
C ACT K . -18.35 19.87 6.38
O ACT K . -18.48 20.26 7.66
OXT ACT K . -18.56 18.72 6.07
CH3 ACT K . -17.93 20.87 5.32
S SO4 L . -16.36 23.86 9.08
O1 SO4 L . -14.82 23.62 9.21
O2 SO4 L . -16.79 23.33 7.69
O3 SO4 L . -17.05 23.03 10.10
O4 SO4 L . -16.49 25.32 8.99
C ACT M . -20.41 -18.28 -1.73
O ACT M . -21.16 -17.26 -1.29
OXT ACT M . -20.34 -18.50 -2.91
CH3 ACT M . -19.63 -19.14 -0.75
S SO4 N . -18.56 -22.44 -4.86
O1 SO4 N . -19.98 -22.67 -5.46
O2 SO4 N . -17.61 -23.60 -5.38
O3 SO4 N . -18.06 -21.18 -5.42
O4 SO4 N . -18.75 -22.71 -3.44
C ACT O . 12.36 -19.69 -14.97
O ACT O . 13.58 -19.88 -14.40
OXT ACT O . 12.26 -18.97 -15.95
CH3 ACT O . 11.14 -20.38 -14.38
S SO4 P . 13.84 -23.89 -12.72
O1 SO4 P . 13.61 -25.26 -13.46
O2 SO4 P . 13.59 -24.15 -11.19
O3 SO4 P . 15.25 -23.57 -12.87
O4 SO4 P . 12.74 -23.04 -13.17
C ACT Q . 7.08 -18.38 19.43
O ACT Q . 6.21 -18.60 20.43
OXT ACT Q . 7.73 -17.35 19.40
CH3 ACT Q . 7.27 -19.42 18.34
S SO4 R . 4.28 -22.04 20.19
O1 SO4 R . 3.44 -23.01 19.31
O2 SO4 R . 4.35 -22.69 21.61
O3 SO4 R . 5.65 -22.03 19.66
O4 SO4 R . 3.45 -20.83 20.34
#